data_8SM7
#
_entry.id   8SM7
#
_cell.length_a   127.369
_cell.length_b   127.369
_cell.length_c   217.840
_cell.angle_alpha   90.000
_cell.angle_beta   90.000
_cell.angle_gamma   90.000
#
_symmetry.space_group_name_H-M   'P 41 21 2'
#
loop_
_entity.id
_entity.type
_entity.pdbx_description
1 polymer 'Amidohydrolase 2'
2 non-polymer 'FE (III) ION'
3 non-polymer 'SODIUM ION'
4 water water
#
_entity_poly.entity_id   1
_entity_poly.type   'polypeptide(L)'
_entity_poly.pdbx_seq_one_letter_code
;MDDTKIIDVDVHNEQDDRALLPYLQEPWRSRVAASGIGYAGSGYYSPIGVMKKDSIPPGGGKAGSDPDYMIKQLIEGYNL
DYAVLTGVVYNISSTHDPDYAAAICSAYNDYLIAEWLGKHKAFKGALAVATQDPLLAAREIDRIGGHPDIVEVMISSAAR
SPLGQRHYHPIYEAAARNGLPVAIHPGAEGGGSSTAPTAAGYPTRYIEWHTCLSQMFMAHLVSMVCEGVFVKYPNLKVVL
VEGGVAWLPGLMWRLDKNYKALRATVPWLTRMPSEYIRDHCYLSTQPIEEPDNPQHLIDLFNMIDAENMLLYSSDYPHWD
FDSPGHVLRGLKPEARRKIFYENAKQLYRLD
;
_entity_poly.pdbx_strand_id   A,B,D,G
#
# COMPACT_ATOMS: atom_id res chain seq x y z
N LYS A 5 -43.49 4.77 15.75
CA LYS A 5 -42.81 5.72 16.62
C LYS A 5 -41.29 5.79 16.33
N ILE A 6 -40.60 4.64 16.28
CA ILE A 6 -39.15 4.64 16.09
C ILE A 6 -38.73 3.45 15.24
N ILE A 7 -37.76 3.67 14.34
CA ILE A 7 -37.09 2.62 13.58
C ILE A 7 -35.59 2.79 13.75
N ASP A 8 -34.90 1.68 14.05
CA ASP A 8 -33.47 1.67 14.37
C ASP A 8 -32.77 0.89 13.25
N VAL A 9 -31.95 1.60 12.45
CA VAL A 9 -31.45 1.05 11.19
C VAL A 9 -30.07 0.41 11.34
N ASP A 10 -29.58 0.21 12.57
CA ASP A 10 -28.24 -0.36 12.80
C ASP A 10 -28.19 -0.99 14.19
N VAL A 11 -28.51 -2.28 14.25
CA VAL A 11 -28.51 -3.06 15.48
C VAL A 11 -27.72 -4.34 15.21
N HIS A 12 -26.68 -4.56 16.03
CA HIS A 12 -25.70 -5.61 15.78
C HIS A 12 -26.07 -6.87 16.55
N ASN A 13 -26.89 -7.72 15.93
CA ASN A 13 -26.99 -9.09 16.40
C ASN A 13 -25.63 -9.75 16.31
N GLU A 14 -25.32 -10.60 17.27
CA GLU A 14 -24.04 -11.27 17.35
C GLU A 14 -24.29 -12.76 17.40
N GLN A 15 -23.28 -13.56 17.08
CA GLN A 15 -23.43 -15.00 17.23
C GLN A 15 -22.09 -15.66 17.44
N ASP A 16 -22.14 -16.82 18.08
CA ASP A 16 -20.97 -17.67 18.14
C ASP A 16 -20.56 -18.08 16.73
N ASP A 17 -19.27 -17.95 16.42
CA ASP A 17 -18.80 -18.47 15.14
C ASP A 17 -19.40 -19.85 14.86
N ARG A 18 -19.39 -20.73 15.86
CA ARG A 18 -19.90 -22.08 15.66
C ARG A 18 -21.36 -22.10 15.20
N ALA A 19 -22.10 -20.99 15.37
CA ALA A 19 -23.50 -20.98 15.02
C ALA A 19 -23.72 -21.01 13.50
N LEU A 20 -22.70 -20.70 12.71
CA LEU A 20 -22.81 -20.81 11.26
C LEU A 20 -22.52 -22.21 10.75
N LEU A 21 -22.02 -23.10 11.60
CA LEU A 21 -21.58 -24.41 11.13
C LEU A 21 -22.68 -25.18 10.41
N PRO A 22 -23.94 -25.13 10.81
CA PRO A 22 -24.97 -25.88 10.07
C PRO A 22 -25.24 -25.32 8.68
N TYR A 23 -24.80 -24.09 8.39
CA TYR A 23 -25.04 -23.49 7.09
C TYR A 23 -23.81 -23.50 6.19
N LEU A 24 -22.71 -24.12 6.62
CA LEU A 24 -21.45 -23.99 5.90
C LEU A 24 -21.07 -25.31 5.23
N GLN A 25 -20.72 -25.22 3.96
CA GLN A 25 -20.06 -26.32 3.25
C GLN A 25 -18.59 -26.44 3.64
N GLU A 26 -18.07 -27.66 3.55
CA GLU A 26 -16.63 -27.84 3.63
C GLU A 26 -15.98 -27.25 2.37
N PRO A 27 -14.73 -26.80 2.47
CA PRO A 27 -13.88 -26.88 3.66
C PRO A 27 -14.09 -25.74 4.65
N TRP A 28 -15.05 -24.88 4.37
CA TRP A 28 -15.30 -23.73 5.23
C TRP A 28 -15.79 -24.15 6.63
N ARG A 29 -16.67 -25.14 6.71
CA ARG A 29 -17.20 -25.55 8.00
C ARG A 29 -16.08 -26.03 8.92
N SER A 30 -15.16 -26.83 8.38
CA SER A 30 -14.06 -27.35 9.18
C SER A 30 -13.16 -26.22 9.68
N ARG A 31 -12.91 -25.22 8.84
CA ARG A 31 -12.07 -24.11 9.28
C ARG A 31 -12.72 -23.36 10.43
N VAL A 32 -14.02 -23.09 10.32
CA VAL A 32 -14.71 -22.33 11.36
C VAL A 32 -14.76 -23.11 12.65
N ALA A 33 -14.94 -24.44 12.57
CA ALA A 33 -15.00 -25.25 13.78
C ALA A 33 -13.67 -25.25 14.52
N ALA A 34 -12.56 -25.22 13.78
CA ALA A 34 -11.24 -25.29 14.37
C ALA A 34 -10.75 -23.93 14.84
N SER A 35 -10.88 -22.91 14.00
CA SER A 35 -10.21 -21.63 14.22
C SER A 35 -11.17 -20.45 14.31
N GLY A 36 -12.48 -20.70 14.41
CA GLY A 36 -13.44 -19.61 14.26
C GLY A 36 -13.47 -19.06 12.83
N ILE A 37 -14.21 -17.97 12.65
CA ILE A 37 -14.23 -17.25 11.39
C ILE A 37 -12.93 -16.46 11.26
N GLY A 38 -12.25 -16.60 10.15
CA GLY A 38 -10.99 -15.90 10.06
C GLY A 38 -11.14 -14.42 9.76
N TYR A 39 -11.65 -13.63 10.72
CA TYR A 39 -11.72 -12.19 10.53
C TYR A 39 -10.31 -11.63 10.52
N ALA A 40 -10.02 -10.77 9.56
CA ALA A 40 -8.77 -10.01 9.56
C ALA A 40 -9.09 -8.65 10.19
N GLY A 41 -9.04 -8.61 11.52
CA GLY A 41 -9.47 -7.42 12.23
C GLY A 41 -8.56 -6.23 11.98
N SER A 42 -9.03 -5.07 12.48
CA SER A 42 -8.26 -3.83 12.38
C SER A 42 -6.90 -3.92 13.06
N GLY A 43 -6.79 -4.77 14.06
CA GLY A 43 -5.58 -4.82 14.86
C GLY A 43 -5.39 -3.65 15.79
N TYR A 44 -6.46 -2.88 16.06
CA TYR A 44 -6.40 -1.78 17.03
C TYR A 44 -7.18 -2.21 18.27
N TYR A 45 -6.47 -2.30 19.39
CA TYR A 45 -7.04 -2.86 20.61
C TYR A 45 -7.88 -1.79 21.31
N SER A 46 -9.17 -2.06 21.49
CA SER A 46 -10.03 -1.19 22.28
C SER A 46 -9.95 -1.63 23.74
N PRO A 47 -9.59 -0.74 24.67
CA PRO A 47 -9.42 -1.15 26.07
C PRO A 47 -10.76 -1.35 26.74
N ILE A 48 -11.75 -0.55 26.32
CA ILE A 48 -13.11 -0.74 26.79
C ILE A 48 -13.68 -2.03 26.23
N GLY A 49 -13.28 -2.37 25.01
CA GLY A 49 -13.99 -3.36 24.21
C GLY A 49 -15.11 -2.71 23.43
N VAL A 50 -15.67 -3.48 22.49
CA VAL A 50 -16.67 -2.95 21.57
C VAL A 50 -18.08 -3.01 22.16
N MET A 51 -18.20 -3.42 23.44
CA MET A 51 -19.49 -3.71 24.03
C MET A 51 -19.84 -2.74 25.18
N LYS A 52 -21.15 -2.67 25.43
CA LYS A 52 -21.83 -1.75 26.31
C LYS A 52 -21.85 -2.30 27.74
N LYS A 53 -22.49 -1.58 28.66
CA LYS A 53 -22.68 -2.08 30.03
C LYS A 53 -24.02 -2.80 30.15
N ASP A 54 -24.01 -3.92 30.88
CA ASP A 54 -25.21 -4.69 31.20
C ASP A 54 -26.03 -5.02 29.96
N SER A 55 -25.35 -5.50 28.91
CA SER A 55 -26.01 -6.03 27.73
C SER A 55 -25.70 -7.51 27.49
N ILE A 56 -24.90 -8.13 28.35
CA ILE A 56 -24.55 -9.56 28.27
C ILE A 56 -25.75 -10.38 28.71
N PRO A 57 -26.33 -11.20 27.84
CA PRO A 57 -27.60 -11.87 28.17
C PRO A 57 -27.43 -12.91 29.26
N PRO A 58 -28.53 -13.35 29.87
CA PRO A 58 -28.43 -14.33 30.97
C PRO A 58 -27.76 -15.63 30.55
N GLY A 59 -26.57 -15.89 31.11
CA GLY A 59 -25.84 -17.11 30.82
C GLY A 59 -25.35 -17.24 29.38
N GLY A 60 -26.00 -16.52 28.48
CA GLY A 60 -25.67 -16.54 27.07
C GLY A 60 -24.28 -15.95 26.80
N GLY A 61 -24.03 -15.73 25.51
CA GLY A 61 -22.70 -15.35 25.08
C GLY A 61 -22.47 -13.86 24.90
N LYS A 62 -21.99 -13.49 23.72
CA LYS A 62 -21.70 -12.10 23.43
C LYS A 62 -22.94 -11.25 23.66
N ALA A 63 -22.73 -9.99 24.02
CA ALA A 63 -23.84 -9.05 24.03
C ALA A 63 -24.42 -8.98 22.62
N GLY A 64 -25.75 -9.04 22.53
CA GLY A 64 -26.46 -9.01 21.27
C GLY A 64 -26.70 -10.37 20.65
N SER A 65 -26.33 -11.45 21.34
CA SER A 65 -26.37 -12.80 20.80
C SER A 65 -27.70 -13.52 21.04
N ASP A 66 -28.61 -12.92 21.82
CA ASP A 66 -29.83 -13.60 22.27
C ASP A 66 -31.05 -12.86 21.74
N PRO A 67 -31.83 -13.47 20.86
CA PRO A 67 -33.01 -12.76 20.32
C PRO A 67 -33.98 -12.31 21.39
N ASP A 68 -34.32 -13.19 22.33
CA ASP A 68 -35.33 -12.84 23.33
C ASP A 68 -34.81 -11.74 24.26
N TYR A 69 -33.55 -11.84 24.69
CA TYR A 69 -32.98 -10.76 25.49
C TYR A 69 -32.99 -9.45 24.72
N MET A 70 -32.67 -9.48 23.42
CA MET A 70 -32.69 -8.25 22.63
C MET A 70 -34.12 -7.74 22.49
N ILE A 71 -35.08 -8.65 22.23
CA ILE A 71 -36.49 -8.24 22.16
C ILE A 71 -36.87 -7.52 23.45
N LYS A 72 -36.37 -7.99 24.59
CA LYS A 72 -36.68 -7.38 25.87
C LYS A 72 -35.91 -6.08 26.07
N GLN A 73 -34.57 -6.15 26.08
CA GLN A 73 -33.79 -4.98 26.44
C GLN A 73 -33.94 -3.85 25.40
N LEU A 74 -34.01 -4.17 24.11
CA LEU A 74 -34.02 -3.14 23.07
C LEU A 74 -35.38 -2.98 22.38
N ILE A 75 -35.89 -4.02 21.73
CA ILE A 75 -37.06 -3.86 20.89
C ILE A 75 -38.25 -3.35 21.68
N GLU A 76 -38.26 -3.55 22.99
CA GLU A 76 -39.38 -3.11 23.80
C GLU A 76 -38.98 -2.20 24.94
N GLY A 77 -37.74 -2.31 25.43
CA GLY A 77 -37.25 -1.35 26.41
C GLY A 77 -37.22 0.06 25.87
N TYR A 78 -36.88 0.21 24.59
CA TYR A 78 -37.22 1.37 23.79
C TYR A 78 -38.32 0.93 22.84
N ASN A 79 -39.29 1.80 22.57
CA ASN A 79 -40.49 1.31 21.92
C ASN A 79 -40.32 1.28 20.40
N LEU A 80 -39.37 0.43 19.96
CA LEU A 80 -39.03 0.33 18.55
C LEU A 80 -40.13 -0.36 17.79
N ASP A 81 -40.49 0.22 16.64
CA ASP A 81 -41.48 -0.44 15.76
C ASP A 81 -40.72 -1.33 14.78
N TYR A 82 -39.47 -0.97 14.44
CA TYR A 82 -38.66 -1.81 13.56
C TYR A 82 -37.19 -1.67 13.92
N ALA A 83 -36.46 -2.77 13.82
CA ALA A 83 -35.01 -2.76 14.02
C ALA A 83 -34.39 -3.53 12.88
N VAL A 84 -33.34 -2.95 12.28
CA VAL A 84 -32.67 -3.57 11.15
C VAL A 84 -31.42 -4.26 11.68
N LEU A 85 -31.44 -5.59 11.65
CA LEU A 85 -30.33 -6.41 12.12
C LEU A 85 -29.23 -6.42 11.07
N THR A 86 -28.04 -5.95 11.45
CA THR A 86 -26.93 -5.83 10.51
C THR A 86 -25.76 -6.76 10.81
N GLY A 87 -25.75 -7.44 11.96
CA GLY A 87 -24.69 -8.41 12.27
C GLY A 87 -23.30 -7.80 12.24
N VAL A 88 -22.30 -8.67 12.03
CA VAL A 88 -20.90 -8.23 11.97
C VAL A 88 -20.15 -8.95 10.86
N VAL A 89 -20.82 -9.87 10.16
CA VAL A 89 -20.13 -10.74 9.22
C VAL A 89 -19.65 -10.00 7.98
N TYR A 90 -20.28 -8.87 7.60
CA TYR A 90 -19.81 -8.08 6.45
C TYR A 90 -18.35 -7.68 6.59
N ASN A 91 -17.83 -7.64 7.83
CA ASN A 91 -16.42 -7.29 8.04
C ASN A 91 -15.49 -8.29 7.36
N ILE A 92 -15.98 -9.47 6.99
CA ILE A 92 -15.15 -10.49 6.41
C ILE A 92 -14.57 -10.09 5.05
N SER A 93 -14.96 -8.93 4.50
CA SER A 93 -14.38 -8.48 3.23
C SER A 93 -12.86 -8.28 3.33
N SER A 94 -12.30 -8.10 4.53
CA SER A 94 -10.87 -7.89 4.63
C SER A 94 -10.05 -9.15 4.37
N THR A 95 -10.67 -10.33 4.35
CA THR A 95 -9.86 -11.54 4.26
C THR A 95 -9.40 -11.80 2.81
N HIS A 96 -8.50 -12.77 2.67
CA HIS A 96 -7.77 -12.95 1.42
C HIS A 96 -8.49 -13.82 0.40
N ASP A 97 -9.30 -14.78 0.83
CA ASP A 97 -9.90 -15.74 -0.07
C ASP A 97 -11.33 -15.31 -0.40
N PRO A 98 -11.60 -14.87 -1.64
CA PRO A 98 -12.96 -14.41 -1.99
C PRO A 98 -14.03 -15.48 -1.86
N ASP A 99 -13.68 -16.74 -2.14
CA ASP A 99 -14.66 -17.81 -2.01
C ASP A 99 -15.00 -18.07 -0.55
N TYR A 100 -13.99 -18.08 0.32
CA TYR A 100 -14.27 -18.16 1.74
C TYR A 100 -15.15 -17.00 2.19
N ALA A 101 -14.83 -15.78 1.80
CA ALA A 101 -15.60 -14.65 2.29
C ALA A 101 -17.06 -14.75 1.84
N ALA A 102 -17.31 -15.19 0.60
CA ALA A 102 -18.68 -15.30 0.10
C ALA A 102 -19.43 -16.42 0.83
N ALA A 103 -18.81 -17.57 1.02
CA ALA A 103 -19.47 -18.65 1.74
C ALA A 103 -19.89 -18.19 3.13
N ILE A 104 -18.99 -17.52 3.85
CA ILE A 104 -19.31 -17.00 5.17
C ILE A 104 -20.55 -16.11 5.10
N CYS A 105 -20.57 -15.20 4.13
CA CYS A 105 -21.70 -14.28 4.02
C CYS A 105 -22.97 -15.05 3.74
N SER A 106 -22.87 -16.04 2.87
CA SER A 106 -24.02 -16.83 2.51
C SER A 106 -24.54 -17.63 3.70
N ALA A 107 -23.63 -18.21 4.49
CA ALA A 107 -24.08 -18.96 5.67
C ALA A 107 -24.73 -18.04 6.68
N TYR A 108 -24.18 -16.82 6.86
CA TYR A 108 -24.80 -15.87 7.78
C TYR A 108 -26.18 -15.45 7.30
N ASN A 109 -26.34 -15.13 6.02
CA ASN A 109 -27.67 -14.74 5.55
C ASN A 109 -28.69 -15.86 5.80
N ASP A 110 -28.32 -17.11 5.52
CA ASP A 110 -29.21 -18.24 5.79
C ASP A 110 -29.54 -18.32 7.28
N TYR A 111 -28.52 -18.16 8.12
CA TYR A 111 -28.73 -18.20 9.57
C TYR A 111 -29.64 -17.07 10.05
N LEU A 112 -29.35 -15.84 9.61
CA LEU A 112 -30.19 -14.71 9.98
C LEU A 112 -31.65 -14.97 9.65
N ILE A 113 -31.91 -15.56 8.48
CA ILE A 113 -33.29 -15.77 8.06
C ILE A 113 -33.97 -16.82 8.93
N ALA A 114 -33.26 -17.89 9.28
CA ALA A 114 -33.88 -19.01 9.96
C ALA A 114 -33.97 -18.83 11.47
N GLU A 115 -33.05 -18.09 12.08
CA GLU A 115 -32.97 -18.02 13.53
C GLU A 115 -33.24 -16.64 14.12
N TRP A 116 -33.39 -15.61 13.29
CA TRP A 116 -33.60 -14.26 13.82
C TRP A 116 -34.85 -13.62 13.26
N LEU A 117 -34.97 -13.55 11.93
CA LEU A 117 -35.98 -12.69 11.33
C LEU A 117 -37.38 -13.12 11.70
N GLY A 118 -37.62 -14.42 11.88
CA GLY A 118 -38.94 -14.86 12.26
C GLY A 118 -39.26 -14.76 13.75
N LYS A 119 -38.28 -14.50 14.60
CA LYS A 119 -38.50 -14.49 16.04
C LYS A 119 -39.20 -13.21 16.53
N HIS A 120 -39.53 -12.27 15.66
CA HIS A 120 -40.25 -11.06 16.07
C HIS A 120 -40.56 -10.19 14.85
N LYS A 121 -41.66 -9.44 14.89
CA LYS A 121 -42.12 -8.64 13.72
C LYS A 121 -41.19 -7.45 13.47
N ALA A 122 -40.69 -6.83 14.53
CA ALA A 122 -39.83 -5.67 14.35
C ALA A 122 -38.52 -6.03 13.66
N PHE A 123 -38.19 -7.31 13.56
CA PHE A 123 -36.90 -7.74 13.04
C PHE A 123 -36.88 -7.62 11.51
N LYS A 124 -35.94 -6.85 11.01
CA LYS A 124 -35.75 -6.79 9.58
C LYS A 124 -34.25 -6.97 9.42
N GLY A 125 -33.81 -7.41 8.26
CA GLY A 125 -32.40 -7.68 8.10
C GLY A 125 -31.65 -7.19 6.91
N ALA A 126 -30.33 -7.08 7.08
CA ALA A 126 -29.48 -6.60 5.99
C ALA A 126 -28.62 -7.71 5.42
N LEU A 127 -28.96 -8.19 4.23
CA LEU A 127 -28.16 -9.23 3.59
C LEU A 127 -26.71 -8.78 3.48
N ALA A 128 -25.77 -9.67 3.78
CA ALA A 128 -24.36 -9.31 3.76
C ALA A 128 -23.62 -9.92 2.59
N VAL A 129 -22.63 -9.21 2.05
CA VAL A 129 -21.87 -9.71 0.93
C VAL A 129 -20.42 -9.30 1.04
N ALA A 130 -19.57 -10.12 0.47
CA ALA A 130 -18.14 -9.84 0.44
C ALA A 130 -17.78 -9.13 -0.87
N THR A 131 -16.88 -8.14 -0.77
CA THR A 131 -16.56 -7.31 -1.94
C THR A 131 -15.34 -7.80 -2.73
N GLN A 132 -14.64 -8.83 -2.28
CA GLN A 132 -13.48 -9.28 -3.05
C GLN A 132 -13.89 -9.75 -4.45
N ASP A 133 -15.02 -10.43 -4.56
CA ASP A 133 -15.54 -10.94 -5.81
C ASP A 133 -16.95 -10.39 -5.97
N PRO A 134 -17.09 -9.22 -6.58
CA PRO A 134 -18.44 -8.65 -6.77
C PRO A 134 -19.38 -9.55 -7.57
N LEU A 135 -18.87 -10.47 -8.38
CA LEU A 135 -19.75 -11.36 -9.11
C LEU A 135 -20.41 -12.38 -8.18
N LEU A 136 -19.64 -12.90 -7.21
CA LEU A 136 -20.23 -13.81 -6.23
C LEU A 136 -21.21 -13.07 -5.31
N ALA A 137 -20.89 -11.83 -4.94
CA ALA A 137 -21.83 -11.01 -4.19
C ALA A 137 -23.13 -10.80 -4.97
N ALA A 138 -23.04 -10.43 -6.25
CA ALA A 138 -24.26 -10.27 -7.06
C ALA A 138 -25.11 -11.53 -7.01
N ARG A 139 -24.47 -12.70 -7.16
CA ARG A 139 -25.20 -13.96 -7.10
C ARG A 139 -25.89 -14.14 -5.75
N GLU A 140 -25.23 -13.75 -4.67
CA GLU A 140 -25.86 -13.92 -3.36
C GLU A 140 -26.99 -12.93 -3.16
N ILE A 141 -26.88 -11.73 -3.73
CA ILE A 141 -27.96 -10.76 -3.63
C ILE A 141 -29.22 -11.28 -4.33
N ASP A 142 -29.02 -11.92 -5.48
CA ASP A 142 -30.17 -12.47 -6.24
C ASP A 142 -30.71 -13.71 -5.51
N ARG A 143 -29.85 -14.47 -4.84
CA ARG A 143 -30.33 -15.66 -4.13
C ARG A 143 -31.28 -15.28 -2.99
N ILE A 144 -30.96 -14.20 -2.27
CA ILE A 144 -31.59 -13.90 -0.99
C ILE A 144 -32.38 -12.61 -1.01
N GLY A 145 -32.10 -11.69 -1.93
CA GLY A 145 -32.68 -10.36 -1.86
C GLY A 145 -34.20 -10.32 -1.86
N GLY A 146 -34.86 -11.37 -2.37
CA GLY A 146 -36.31 -11.37 -2.44
C GLY A 146 -37.04 -11.65 -1.13
N HIS A 147 -36.32 -12.05 -0.08
CA HIS A 147 -36.97 -12.39 1.17
C HIS A 147 -37.69 -11.17 1.76
N PRO A 148 -38.90 -11.36 2.29
CA PRO A 148 -39.73 -10.20 2.67
C PRO A 148 -39.17 -9.38 3.81
N ASP A 149 -38.33 -9.95 4.68
CA ASP A 149 -37.75 -9.19 5.78
C ASP A 149 -36.33 -8.69 5.49
N ILE A 150 -35.76 -9.05 4.35
CA ILE A 150 -34.48 -8.52 3.92
C ILE A 150 -34.74 -7.16 3.28
N VAL A 151 -34.25 -6.09 3.90
CA VAL A 151 -34.51 -4.72 3.42
C VAL A 151 -33.29 -4.00 2.88
N GLU A 152 -32.09 -4.58 2.97
CA GLU A 152 -30.95 -3.92 2.35
C GLU A 152 -29.82 -4.92 2.17
N VAL A 153 -28.81 -4.48 1.40
CA VAL A 153 -27.50 -5.13 1.34
C VAL A 153 -26.55 -4.35 2.25
N MET A 154 -25.61 -5.06 2.88
CA MET A 154 -24.63 -4.47 3.77
C MET A 154 -23.23 -4.87 3.30
N ILE A 155 -22.40 -3.86 3.02
CA ILE A 155 -21.00 -4.16 2.75
C ILE A 155 -20.11 -3.38 3.71
N SER A 156 -18.88 -3.86 3.84
CA SER A 156 -17.88 -3.22 4.68
C SER A 156 -17.17 -2.11 3.90
N SER A 157 -16.87 -1.02 4.58
CA SER A 157 -16.13 0.11 3.96
C SER A 157 -14.65 -0.23 3.85
N ALA A 158 -14.26 -1.40 4.34
CA ALA A 158 -12.87 -1.84 4.19
C ALA A 158 -12.78 -2.60 2.88
N ALA A 159 -12.40 -1.91 1.82
CA ALA A 159 -12.40 -2.43 0.45
C ALA A 159 -10.98 -2.41 -0.12
N ARG A 160 -10.82 -2.87 -1.35
CA ARG A 160 -9.48 -2.90 -1.93
C ARG A 160 -9.22 -1.72 -2.84
N SER A 161 -10.19 -0.80 -2.94
CA SER A 161 -10.12 0.37 -3.83
C SER A 161 -11.39 1.17 -3.61
N PRO A 162 -11.48 2.40 -4.12
CA PRO A 162 -12.69 3.21 -3.89
C PRO A 162 -13.91 2.50 -4.43
N LEU A 163 -14.98 2.52 -3.63
CA LEU A 163 -16.15 1.68 -3.88
C LEU A 163 -16.99 2.13 -5.08
N GLY A 164 -16.74 3.31 -5.65
CA GLY A 164 -17.43 3.70 -6.87
C GLY A 164 -16.85 3.16 -8.16
N GLN A 165 -15.69 2.50 -8.08
CA GLN A 165 -15.02 2.03 -9.27
C GLN A 165 -15.72 0.81 -9.86
N ARG A 166 -15.57 0.64 -11.18
CA ARG A 166 -16.45 -0.27 -11.91
C ARG A 166 -16.35 -1.68 -11.39
N HIS A 167 -15.20 -2.04 -10.81
CA HIS A 167 -15.04 -3.39 -10.28
C HIS A 167 -16.19 -3.78 -9.34
N TYR A 168 -16.73 -2.81 -8.58
CA TYR A 168 -17.77 -3.14 -7.63
C TYR A 168 -19.17 -3.10 -8.23
N HIS A 169 -19.35 -2.58 -9.45
CA HIS A 169 -20.69 -2.27 -9.92
C HIS A 169 -21.64 -3.46 -9.94
N PRO A 170 -21.20 -4.70 -10.17
CA PRO A 170 -22.14 -5.82 -10.11
C PRO A 170 -22.93 -5.88 -8.81
N ILE A 171 -22.35 -5.41 -7.72
CA ILE A 171 -23.10 -5.35 -6.46
C ILE A 171 -24.24 -4.37 -6.57
N TYR A 172 -23.93 -3.14 -7.01
CA TYR A 172 -24.94 -2.09 -7.08
C TYR A 172 -26.02 -2.48 -8.08
N GLU A 173 -25.62 -3.09 -9.18
CA GLU A 173 -26.59 -3.50 -10.16
C GLU A 173 -27.55 -4.53 -9.57
N ALA A 174 -27.04 -5.50 -8.82
CA ALA A 174 -27.90 -6.54 -8.26
C ALA A 174 -28.78 -5.98 -7.14
N ALA A 175 -28.23 -5.10 -6.29
CA ALA A 175 -29.05 -4.53 -5.24
C ALA A 175 -30.19 -3.70 -5.81
N ALA A 176 -29.88 -2.80 -6.77
CA ALA A 176 -30.92 -1.99 -7.39
C ALA A 176 -31.98 -2.86 -8.05
N ARG A 177 -31.57 -3.93 -8.72
CA ARG A 177 -32.51 -4.83 -9.42
C ARG A 177 -33.48 -5.48 -8.42
N ASN A 178 -33.04 -5.68 -7.18
CA ASN A 178 -33.88 -6.31 -6.16
C ASN A 178 -34.53 -5.30 -5.23
N GLY A 179 -34.48 -4.02 -5.57
CA GLY A 179 -35.05 -2.98 -4.72
C GLY A 179 -34.40 -2.88 -3.36
N LEU A 180 -33.09 -3.08 -3.29
CA LEU A 180 -32.37 -3.09 -2.02
C LEU A 180 -31.39 -1.93 -1.99
N PRO A 181 -31.47 -1.06 -0.99
CA PRO A 181 -30.39 -0.11 -0.75
C PRO A 181 -29.10 -0.85 -0.46
N VAL A 182 -27.99 -0.17 -0.71
CA VAL A 182 -26.67 -0.69 -0.36
C VAL A 182 -26.17 0.13 0.80
N ALA A 183 -26.02 -0.53 1.96
CA ALA A 183 -25.50 0.06 3.19
C ALA A 183 -24.01 -0.23 3.32
N ILE A 184 -23.27 0.76 3.83
CA ILE A 184 -21.83 0.65 4.04
C ILE A 184 -21.56 0.87 5.53
N HIS A 185 -20.71 0.03 6.10
CA HIS A 185 -20.46 0.03 7.55
C HIS A 185 -18.97 -0.15 7.89
N PRO A 186 -18.40 0.68 8.75
CA PRO A 186 -16.97 0.55 9.10
C PRO A 186 -16.71 -0.62 10.04
N GLY A 187 -15.42 -0.82 10.36
CA GLY A 187 -15.02 -1.85 11.29
C GLY A 187 -13.77 -2.61 10.96
N ALA A 188 -13.51 -2.87 9.69
CA ALA A 188 -12.38 -3.73 9.32
C ALA A 188 -11.24 -2.97 8.64
N GLU A 189 -11.35 -1.65 8.53
CA GLU A 189 -10.38 -0.83 7.76
C GLU A 189 -8.92 -1.19 8.07
N GLY A 190 -8.13 -1.44 7.01
CA GLY A 190 -6.73 -1.75 7.16
C GLY A 190 -6.43 -3.19 7.49
N GLY A 191 -7.44 -4.00 7.81
CA GLY A 191 -7.23 -5.41 8.07
C GLY A 191 -7.00 -6.19 6.79
N GLY A 192 -6.22 -7.27 6.93
CA GLY A 192 -5.99 -8.21 5.84
C GLY A 192 -5.44 -7.53 4.61
N SER A 193 -6.17 -7.67 3.49
CA SER A 193 -5.74 -7.15 2.21
C SER A 193 -6.53 -5.92 1.77
N SER A 194 -7.15 -5.21 2.72
CA SER A 194 -7.81 -3.93 2.42
C SER A 194 -6.78 -2.79 2.39
N THR A 195 -7.25 -1.62 1.95
CA THR A 195 -6.40 -0.43 1.86
C THR A 195 -5.98 0.05 3.24
N ALA A 196 -4.88 0.80 3.30
CA ALA A 196 -4.51 1.43 4.55
C ALA A 196 -5.72 2.16 5.15
N PRO A 197 -5.87 2.19 6.47
CA PRO A 197 -7.14 2.66 7.05
C PRO A 197 -7.35 4.16 7.03
N THR A 198 -6.29 4.95 6.85
CA THR A 198 -6.41 6.39 6.67
C THR A 198 -5.62 6.78 5.45
N ALA A 199 -5.87 7.98 4.94
CA ALA A 199 -5.11 8.48 3.80
C ALA A 199 -3.62 8.63 4.14
N ALA A 200 -3.27 8.79 5.41
CA ALA A 200 -1.87 8.93 5.79
C ALA A 200 -1.22 7.59 6.11
N GLY A 201 -1.93 6.48 5.94
CA GLY A 201 -1.41 5.18 6.35
C GLY A 201 -2.01 4.66 7.65
N TYR A 202 -1.21 3.94 8.44
CA TYR A 202 -1.70 3.30 9.66
C TYR A 202 -1.37 4.15 10.87
N PRO A 203 -2.37 4.65 11.62
CA PRO A 203 -2.08 5.32 12.89
C PRO A 203 -1.62 4.33 13.96
N THR A 204 -1.31 4.80 15.17
CA THR A 204 -0.76 3.88 16.17
C THR A 204 -1.83 3.35 17.14
N ARG A 205 -2.91 4.09 17.36
CA ARG A 205 -3.84 3.80 18.45
C ARG A 205 -5.28 3.75 17.98
N TYR A 206 -6.08 2.96 18.71
CA TYR A 206 -7.51 2.86 18.44
C TYR A 206 -8.14 4.24 18.29
N ILE A 207 -7.80 5.17 19.17
CA ILE A 207 -8.51 6.46 19.16
C ILE A 207 -8.33 7.17 17.82
N GLU A 208 -7.15 7.06 17.20
CA GLU A 208 -6.97 7.67 15.88
C GLU A 208 -7.72 6.89 14.81
N TRP A 209 -7.53 5.56 14.78
CA TRP A 209 -8.23 4.70 13.83
C TRP A 209 -9.72 4.99 13.84
N HIS A 210 -10.33 4.97 15.04
CA HIS A 210 -11.76 5.17 15.12
C HIS A 210 -12.17 6.55 14.65
N THR A 211 -11.43 7.59 15.06
CA THR A 211 -11.80 8.94 14.68
C THR A 211 -11.80 9.12 13.16
N CYS A 212 -10.82 8.51 12.48
CA CYS A 212 -10.59 8.65 11.06
C CYS A 212 -11.51 7.81 10.20
N LEU A 213 -12.41 7.03 10.79
CA LEU A 213 -13.30 6.20 9.95
C LEU A 213 -14.13 7.07 9.02
N SER A 214 -14.58 8.24 9.47
CA SER A 214 -15.36 9.13 8.63
C SER A 214 -14.68 9.36 7.29
N GLN A 215 -13.36 9.48 7.32
CA GLN A 215 -12.63 9.80 6.11
C GLN A 215 -12.74 8.68 5.08
N MET A 216 -12.77 7.41 5.54
CA MET A 216 -13.06 6.30 4.61
C MET A 216 -14.39 6.50 3.89
N PHE A 217 -15.44 6.90 4.63
CA PHE A 217 -16.73 7.14 4.00
C PHE A 217 -16.61 8.28 2.99
N MET A 218 -15.95 9.37 3.39
CA MET A 218 -15.80 10.50 2.50
C MET A 218 -15.17 10.08 1.17
N ALA A 219 -14.12 9.25 1.23
CA ALA A 219 -13.45 8.85 0.01
C ALA A 219 -14.36 7.97 -0.85
N HIS A 220 -15.01 6.97 -0.25
CA HIS A 220 -15.95 6.14 -1.03
C HIS A 220 -17.08 6.97 -1.61
N LEU A 221 -17.64 7.90 -0.80
CA LEU A 221 -18.75 8.72 -1.27
C LEU A 221 -18.35 9.55 -2.48
N VAL A 222 -17.19 10.21 -2.42
CA VAL A 222 -16.71 11.00 -3.55
C VAL A 222 -16.47 10.11 -4.75
N SER A 223 -16.06 8.87 -4.51
CA SER A 223 -15.83 7.93 -5.62
C SER A 223 -17.14 7.58 -6.31
N MET A 224 -18.15 7.20 -5.53
CA MET A 224 -19.42 6.77 -6.11
C MET A 224 -20.06 7.89 -6.93
N VAL A 225 -20.11 9.10 -6.36
CA VAL A 225 -20.69 10.23 -7.06
C VAL A 225 -19.94 10.48 -8.36
N CYS A 226 -18.59 10.60 -8.26
CA CYS A 226 -17.83 11.08 -9.41
C CYS A 226 -17.68 10.01 -10.48
N GLU A 227 -17.65 8.72 -10.10
CA GLU A 227 -17.68 7.65 -11.10
C GLU A 227 -19.05 7.50 -11.78
N GLY A 228 -20.07 8.28 -11.40
CA GLY A 228 -21.39 8.15 -12.00
C GLY A 228 -22.14 6.90 -11.59
N VAL A 229 -21.94 6.40 -10.36
CA VAL A 229 -22.68 5.22 -9.92
C VAL A 229 -24.17 5.53 -9.84
N PHE A 230 -24.52 6.73 -9.42
CA PHE A 230 -25.91 7.12 -9.32
C PHE A 230 -26.52 7.55 -10.65
N VAL A 231 -25.71 7.62 -11.71
CA VAL A 231 -26.19 7.80 -13.08
C VAL A 231 -26.33 6.47 -13.79
N LYS A 232 -25.34 5.60 -13.65
CA LYS A 232 -25.46 4.22 -14.13
C LYS A 232 -26.66 3.52 -13.50
N TYR A 233 -26.84 3.70 -12.18
CA TYR A 233 -27.89 3.02 -11.41
C TYR A 233 -28.78 4.08 -10.75
N PRO A 234 -29.65 4.73 -11.53
CA PRO A 234 -30.45 5.84 -10.98
C PRO A 234 -31.50 5.40 -9.96
N ASN A 235 -31.75 4.10 -9.79
CA ASN A 235 -32.65 3.60 -8.76
C ASN A 235 -31.91 3.01 -7.56
N LEU A 236 -30.68 3.47 -7.28
CA LEU A 236 -29.88 2.93 -6.19
C LEU A 236 -29.84 3.91 -5.03
N LYS A 237 -30.06 3.39 -3.82
CA LYS A 237 -29.89 4.17 -2.58
C LYS A 237 -28.67 3.63 -1.85
N VAL A 238 -27.86 4.53 -1.29
CA VAL A 238 -26.71 4.16 -0.48
C VAL A 238 -26.90 4.71 0.93
N VAL A 239 -26.62 3.89 1.93
CA VAL A 239 -26.77 4.25 3.35
C VAL A 239 -25.40 4.21 4.01
N LEU A 240 -24.88 5.37 4.42
CA LEU A 240 -23.63 5.49 5.15
C LEU A 240 -23.92 5.30 6.63
N VAL A 241 -23.61 4.12 7.16
CA VAL A 241 -24.00 3.72 8.49
C VAL A 241 -22.79 3.87 9.42
N GLU A 242 -22.95 4.68 10.47
CA GLU A 242 -22.00 4.74 11.59
C GLU A 242 -20.71 5.46 11.25
N GLY A 243 -20.77 6.50 10.41
CA GLY A 243 -19.58 7.17 9.94
C GLY A 243 -19.61 8.67 10.14
N GLY A 244 -20.54 9.14 10.95
CA GLY A 244 -20.61 10.55 11.25
C GLY A 244 -21.48 11.31 10.28
N VAL A 245 -21.70 12.59 10.60
CA VAL A 245 -22.64 13.43 9.89
C VAL A 245 -22.05 14.81 9.67
N ALA A 246 -21.36 15.34 10.70
CA ALA A 246 -20.97 16.74 10.65
C ALA A 246 -19.98 17.04 9.52
N TRP A 247 -19.38 16.03 8.91
CA TRP A 247 -18.48 16.29 7.79
C TRP A 247 -19.23 16.48 6.45
N LEU A 248 -20.51 16.11 6.35
CA LEU A 248 -21.18 16.14 5.06
C LEU A 248 -21.15 17.51 4.38
N PRO A 249 -21.48 18.62 5.06
CA PRO A 249 -21.63 19.90 4.33
C PRO A 249 -20.35 20.38 3.70
N GLY A 250 -19.25 20.37 4.45
CA GLY A 250 -17.97 20.77 3.88
C GLY A 250 -17.60 19.92 2.68
N LEU A 251 -17.93 18.64 2.72
CA LEU A 251 -17.70 17.79 1.55
C LEU A 251 -18.60 18.19 0.39
N MET A 252 -19.86 18.50 0.70
CA MET A 252 -20.80 18.88 -0.38
C MET A 252 -20.31 20.18 -1.02
N TRP A 253 -19.84 21.14 -0.21
CA TRP A 253 -19.40 22.43 -0.74
C TRP A 253 -18.10 22.29 -1.52
N ARG A 254 -17.16 21.49 -1.04
CA ARG A 254 -15.88 21.29 -1.75
C ARG A 254 -16.16 20.61 -3.10
N LEU A 255 -16.97 19.56 -3.07
CA LEU A 255 -17.23 18.82 -4.31
C LEU A 255 -17.95 19.70 -5.34
N ASP A 256 -18.96 20.45 -4.90
CA ASP A 256 -19.74 21.27 -5.85
C ASP A 256 -18.84 22.33 -6.48
N LYS A 257 -17.95 22.91 -5.69
CA LYS A 257 -17.08 23.95 -6.20
C LYS A 257 -16.11 23.40 -7.24
N ASN A 258 -15.53 22.23 -6.97
CA ASN A 258 -14.66 21.59 -7.95
C ASN A 258 -15.44 21.17 -9.19
N TYR A 259 -16.69 20.71 -8.98
CA TYR A 259 -17.54 20.32 -10.10
C TYR A 259 -17.70 21.48 -11.08
N LYS A 260 -17.96 22.68 -10.56
CA LYS A 260 -18.17 23.83 -11.43
C LYS A 260 -16.96 24.06 -12.32
N ALA A 261 -15.75 23.90 -11.78
CA ALA A 261 -14.55 24.15 -12.57
C ALA A 261 -14.15 22.96 -13.43
N LEU A 262 -14.62 21.76 -13.12
CA LEU A 262 -14.07 20.55 -13.71
C LEU A 262 -15.12 19.69 -14.41
N ARG A 263 -16.34 20.20 -14.60
CA ARG A 263 -17.45 19.39 -15.09
C ARG A 263 -17.12 18.69 -16.41
N ALA A 264 -16.22 19.24 -17.22
CA ALA A 264 -15.95 18.61 -18.51
C ALA A 264 -15.37 17.22 -18.32
N THR A 265 -14.55 17.02 -17.29
CA THR A 265 -13.97 15.71 -17.01
C THR A 265 -15.00 14.71 -16.53
N VAL A 266 -16.18 15.17 -16.13
CA VAL A 266 -17.17 14.23 -15.53
C VAL A 266 -18.51 14.52 -16.19
N PRO A 267 -18.64 14.35 -17.51
CA PRO A 267 -19.86 14.80 -18.22
C PRO A 267 -21.11 13.97 -17.91
N TRP A 268 -20.98 12.71 -17.50
CA TRP A 268 -22.16 11.94 -17.11
C TRP A 268 -22.91 12.60 -15.96
N LEU A 269 -22.28 13.56 -15.31
CA LEU A 269 -22.95 14.32 -14.24
C LEU A 269 -23.70 15.50 -14.84
N THR A 270 -25.04 15.48 -14.76
CA THR A 270 -25.90 16.54 -15.27
C THR A 270 -26.61 17.27 -14.13
N ARG A 271 -25.99 17.23 -12.95
CA ARG A 271 -26.51 17.92 -11.75
C ARG A 271 -25.32 18.12 -10.81
N MET A 272 -25.44 18.98 -9.82
CA MET A 272 -24.35 19.17 -8.87
C MET A 272 -24.11 17.88 -8.08
N PRO A 273 -22.84 17.52 -7.81
CA PRO A 273 -22.57 16.39 -6.90
C PRO A 273 -23.40 16.40 -5.62
N SER A 274 -23.55 17.56 -5.00
CA SER A 274 -24.30 17.65 -3.72
C SER A 274 -25.71 17.12 -3.94
N GLU A 275 -26.23 17.22 -5.15
CA GLU A 275 -27.63 16.84 -5.37
C GLU A 275 -27.79 15.35 -5.58
N TYR A 276 -26.80 14.69 -6.19
CA TYR A 276 -26.83 13.23 -6.22
C TYR A 276 -26.80 12.67 -4.81
N ILE A 277 -25.98 13.25 -3.93
CA ILE A 277 -25.92 12.78 -2.55
C ILE A 277 -27.27 13.00 -1.86
N ARG A 278 -27.81 14.22 -1.93
CA ARG A 278 -29.09 14.47 -1.27
C ARG A 278 -30.17 13.52 -1.75
N ASP A 279 -30.15 13.18 -3.04
CA ASP A 279 -31.26 12.37 -3.61
C ASP A 279 -31.00 10.87 -3.52
N HIS A 280 -29.76 10.44 -3.31
CA HIS A 280 -29.46 9.02 -3.29
C HIS A 280 -28.88 8.48 -1.99
N CYS A 281 -28.48 9.31 -1.05
CA CYS A 281 -27.75 8.82 0.12
C CYS A 281 -28.49 9.12 1.42
N TYR A 282 -28.32 8.21 2.37
CA TYR A 282 -28.72 8.43 3.75
C TYR A 282 -27.52 8.25 4.68
N LEU A 283 -27.68 8.72 5.91
CA LEU A 283 -26.66 8.59 6.95
C LEU A 283 -27.34 8.34 8.28
N SER A 284 -26.90 7.28 8.97
CA SER A 284 -27.38 7.02 10.31
C SER A 284 -26.77 8.03 11.29
N THR A 285 -27.44 8.18 12.43
CA THR A 285 -27.11 9.25 13.38
C THR A 285 -26.03 8.85 14.38
N GLN A 286 -25.97 7.57 14.76
CA GLN A 286 -24.99 7.12 15.73
C GLN A 286 -23.63 6.96 15.05
N PRO A 287 -22.50 7.27 15.71
CA PRO A 287 -22.51 7.97 17.00
C PRO A 287 -22.85 9.45 16.85
N ILE A 288 -23.89 9.89 17.54
CA ILE A 288 -24.35 11.31 17.41
C ILE A 288 -23.20 12.25 17.77
N GLU A 289 -22.91 13.22 16.90
CA GLU A 289 -21.84 14.20 17.17
C GLU A 289 -22.27 15.06 18.36
N GLU A 290 -21.34 15.41 19.24
CA GLU A 290 -21.73 16.16 20.45
C GLU A 290 -20.95 17.45 20.59
N PRO A 291 -21.33 18.53 19.89
CA PRO A 291 -20.73 19.85 20.11
C PRO A 291 -21.20 20.42 21.44
N ASP A 292 -20.47 21.42 21.91
CA ASP A 292 -20.82 22.05 23.18
C ASP A 292 -22.28 22.49 23.18
N ASN A 293 -22.65 23.27 22.18
CA ASN A 293 -24.03 23.68 22.04
C ASN A 293 -24.71 22.69 21.10
N PRO A 294 -25.52 21.77 21.64
CA PRO A 294 -26.16 20.75 20.78
C PRO A 294 -26.96 21.37 19.64
N GLN A 295 -27.33 22.64 19.75
CA GLN A 295 -27.99 23.31 18.63
C GLN A 295 -27.10 23.35 17.39
N HIS A 296 -25.78 23.48 17.59
CA HIS A 296 -24.88 23.63 16.46
C HIS A 296 -24.97 22.44 15.50
N LEU A 297 -25.15 21.22 16.03
CA LEU A 297 -25.36 20.09 15.14
C LEU A 297 -26.59 20.33 14.26
N ILE A 298 -27.70 20.76 14.86
CA ILE A 298 -28.94 20.93 14.11
C ILE A 298 -28.79 22.06 13.10
N ASP A 299 -28.24 23.19 13.52
CA ASP A 299 -27.90 24.25 12.57
C ASP A 299 -27.13 23.66 11.40
N LEU A 300 -26.21 22.74 11.69
CA LEU A 300 -25.44 22.12 10.63
C LEU A 300 -26.33 21.34 9.66
N PHE A 301 -27.24 20.50 10.19
CA PHE A 301 -28.18 19.78 9.34
C PHE A 301 -28.90 20.71 8.37
N ASN A 302 -29.49 21.78 8.90
CA ASN A 302 -30.33 22.65 8.09
C ASN A 302 -29.56 23.43 7.04
N MET A 303 -28.26 23.50 7.15
CA MET A 303 -27.47 24.18 6.15
C MET A 303 -27.53 23.42 4.83
N ILE A 304 -27.73 22.11 4.91
CA ILE A 304 -27.74 21.30 3.71
C ILE A 304 -29.07 20.60 3.54
N ASP A 305 -30.03 20.94 4.37
CA ASP A 305 -31.34 20.30 4.34
C ASP A 305 -31.17 18.81 4.40
N ALA A 306 -30.65 18.32 5.52
CA ALA A 306 -30.35 16.91 5.63
C ALA A 306 -31.39 16.14 6.43
N GLU A 307 -32.45 16.79 6.88
CA GLU A 307 -33.45 16.12 7.71
C GLU A 307 -34.09 14.93 6.99
N ASN A 308 -34.03 14.91 5.66
CA ASN A 308 -34.59 13.82 4.89
C ASN A 308 -33.60 12.69 4.62
N MET A 309 -32.30 12.91 4.86
CA MET A 309 -31.31 11.87 4.64
C MET A 309 -30.83 11.18 5.92
N LEU A 310 -31.17 11.70 7.09
CA LEU A 310 -30.67 11.12 8.34
C LEU A 310 -31.60 10.02 8.84
N LEU A 311 -31.00 8.92 9.30
CA LEU A 311 -31.73 7.79 9.85
C LEU A 311 -31.21 7.51 11.25
N TYR A 312 -32.13 7.44 12.21
CA TYR A 312 -31.74 7.12 13.57
C TYR A 312 -31.26 5.67 13.66
N SER A 313 -30.23 5.44 14.46
CA SER A 313 -29.80 4.12 14.88
C SER A 313 -29.25 4.21 16.29
N SER A 314 -29.41 3.13 17.05
CA SER A 314 -28.83 3.08 18.39
C SER A 314 -27.42 2.49 18.39
N ASP A 315 -27.14 1.57 17.46
CA ASP A 315 -25.87 0.83 17.43
C ASP A 315 -25.72 -0.06 18.67
N TYR A 316 -26.83 -0.60 19.14
CA TYR A 316 -26.78 -1.53 20.24
C TYR A 316 -26.07 -2.77 19.75
N PRO A 317 -25.20 -3.35 20.59
CA PRO A 317 -24.86 -2.98 21.96
C PRO A 317 -23.42 -2.51 22.10
N HIS A 318 -23.06 -1.39 21.50
CA HIS A 318 -21.67 -0.96 21.51
C HIS A 318 -21.44 0.12 22.57
N TRP A 319 -20.17 0.42 22.81
CA TRP A 319 -19.83 1.39 23.86
C TRP A 319 -20.36 2.77 23.52
N ASP A 320 -20.30 3.18 22.25
CA ASP A 320 -20.90 4.45 21.85
C ASP A 320 -22.34 4.26 21.38
N PHE A 321 -23.10 3.50 22.15
CA PHE A 321 -24.52 3.30 21.91
C PHE A 321 -25.31 4.58 22.16
N ASP A 322 -26.41 4.75 21.42
CA ASP A 322 -27.23 5.96 21.49
C ASP A 322 -28.66 5.57 21.86
N SER A 323 -29.12 6.03 23.06
CA SER A 323 -30.51 5.88 23.51
C SER A 323 -31.39 6.91 22.81
N PRO A 324 -32.58 6.50 22.32
CA PRO A 324 -33.41 7.43 21.53
C PRO A 324 -33.71 8.76 22.20
N GLY A 325 -34.20 8.74 23.45
CA GLY A 325 -34.57 9.96 24.14
C GLY A 325 -33.46 10.97 24.23
N HIS A 326 -32.20 10.53 24.16
CA HIS A 326 -31.06 11.40 24.40
C HIS A 326 -30.61 12.18 23.17
N VAL A 327 -30.75 11.64 21.98
CA VAL A 327 -30.15 12.27 20.80
C VAL A 327 -31.11 13.30 20.24
N LEU A 328 -30.55 14.43 19.80
CA LEU A 328 -31.26 15.42 18.99
C LEU A 328 -32.57 15.85 19.63
N ARG A 329 -32.55 15.96 20.96
CA ARG A 329 -33.71 16.48 21.69
C ARG A 329 -34.17 17.82 21.12
N GLY A 330 -33.24 18.61 20.57
CA GLY A 330 -33.56 19.94 20.07
C GLY A 330 -34.31 20.00 18.76
N LEU A 331 -34.61 18.87 18.13
CA LEU A 331 -35.22 18.88 16.81
C LEU A 331 -36.67 19.35 16.87
N LYS A 332 -37.10 20.05 15.82
CA LYS A 332 -38.51 20.25 15.59
C LYS A 332 -39.21 18.89 15.48
N PRO A 333 -40.47 18.80 15.90
CA PRO A 333 -41.18 17.51 15.85
C PRO A 333 -41.22 16.91 14.46
N GLU A 334 -41.44 17.71 13.43
CA GLU A 334 -41.52 17.13 12.09
C GLU A 334 -40.17 16.57 11.66
N ALA A 335 -39.08 17.30 11.94
CA ALA A 335 -37.75 16.77 11.67
C ALA A 335 -37.49 15.51 12.49
N ARG A 336 -37.87 15.52 13.76
CA ARG A 336 -37.72 14.33 14.60
C ARG A 336 -38.47 13.15 14.00
N ARG A 337 -39.72 13.35 13.58
CA ARG A 337 -40.48 12.25 13.00
C ARG A 337 -39.77 11.67 11.78
N LYS A 338 -39.22 12.55 10.92
CA LYS A 338 -38.51 12.07 9.74
C LYS A 338 -37.29 11.26 10.12
N ILE A 339 -36.45 11.81 11.00
CA ILE A 339 -35.19 11.18 11.32
C ILE A 339 -35.41 9.88 12.07
N PHE A 340 -36.42 9.83 12.95
CA PHE A 340 -36.58 8.66 13.81
C PHE A 340 -37.48 7.58 13.22
N TYR A 341 -38.22 7.88 12.16
CA TYR A 341 -39.19 6.90 11.71
C TYR A 341 -39.47 7.02 10.22
N GLU A 342 -39.72 8.24 9.74
CA GLU A 342 -40.35 8.38 8.44
C GLU A 342 -39.38 8.14 7.30
N ASN A 343 -38.16 8.70 7.38
CA ASN A 343 -37.15 8.42 6.36
C ASN A 343 -36.95 6.91 6.21
N ALA A 344 -36.72 6.21 7.31
CA ALA A 344 -36.46 4.77 7.23
C ALA A 344 -37.68 4.01 6.73
N LYS A 345 -38.87 4.42 7.18
CA LYS A 345 -40.08 3.74 6.75
C LYS A 345 -40.25 3.82 5.24
N GLN A 346 -40.03 5.00 4.67
CA GLN A 346 -40.10 5.13 3.22
C GLN A 346 -38.99 4.34 2.55
N LEU A 347 -37.75 4.57 2.96
CA LEU A 347 -36.61 3.92 2.33
C LEU A 347 -36.82 2.42 2.22
N TYR A 348 -37.17 1.79 3.33
CA TYR A 348 -37.27 0.33 3.35
C TYR A 348 -38.70 -0.16 3.08
N ARG A 349 -39.64 0.75 2.83
CA ARG A 349 -41.01 0.39 2.44
C ARG A 349 -41.66 -0.58 3.42
N LEU A 350 -41.62 -0.20 4.70
CA LEU A 350 -42.10 -1.03 5.79
C LEU A 350 -43.56 -0.71 6.13
N ASP A 351 -44.28 -1.71 6.62
CA ASP A 351 -45.71 -1.56 7.05
C ASP A 351 -46.59 -1.95 5.85
N LYS B 5 -3.30 45.99 6.66
CA LYS B 5 -4.29 45.64 5.65
C LYS B 5 -4.40 44.12 5.39
N ILE B 6 -3.48 43.55 4.60
CA ILE B 6 -3.63 42.17 4.11
C ILE B 6 -2.28 41.46 4.11
N ILE B 7 -2.25 40.24 4.64
CA ILE B 7 -1.12 39.31 4.51
C ILE B 7 -1.63 38.06 3.79
N ASP B 8 -0.91 37.68 2.72
CA ASP B 8 -1.23 36.45 1.96
C ASP B 8 -0.24 35.38 2.38
N VAL B 9 -0.74 34.28 2.93
CA VAL B 9 0.14 33.27 3.52
C VAL B 9 0.42 32.12 2.57
N ASP B 10 0.01 32.21 1.29
CA ASP B 10 0.29 31.09 0.37
C ASP B 10 0.33 31.64 -1.06
N VAL B 11 1.54 32.01 -1.50
CA VAL B 11 1.79 32.54 -2.84
C VAL B 11 2.88 31.70 -3.49
N HIS B 12 2.53 31.04 -4.61
CA HIS B 12 3.43 30.07 -5.25
C HIS B 12 4.30 30.74 -6.31
N ASN B 13 5.52 31.04 -5.90
CA ASN B 13 6.50 31.50 -6.85
C ASN B 13 6.92 30.25 -7.54
N GLU B 14 7.36 30.36 -8.79
CA GLU B 14 7.72 29.18 -9.53
C GLU B 14 9.04 29.41 -10.25
N GLN B 15 9.64 28.36 -10.75
CA GLN B 15 10.91 28.48 -11.45
C GLN B 15 11.26 27.33 -12.34
N ASP B 16 11.97 27.59 -13.43
CA ASP B 16 12.49 26.50 -14.25
C ASP B 16 13.40 25.62 -13.41
N ASP B 17 13.33 24.31 -13.64
CA ASP B 17 14.18 23.41 -12.88
C ASP B 17 15.64 23.86 -12.90
N ARG B 18 16.09 24.42 -14.02
CA ARG B 18 17.46 24.88 -14.21
C ARG B 18 17.80 26.14 -13.40
N ALA B 19 16.82 26.80 -12.78
CA ALA B 19 17.12 27.92 -11.91
C ALA B 19 17.89 27.47 -10.67
N LEU B 20 17.77 26.20 -10.28
CA LEU B 20 18.47 25.71 -9.11
C LEU B 20 19.86 25.21 -9.41
N LEU B 21 20.23 25.05 -10.67
CA LEU B 21 21.55 24.49 -10.97
C LEU B 21 22.68 25.22 -10.25
N PRO B 22 22.71 26.55 -10.18
CA PRO B 22 23.83 27.21 -9.49
C PRO B 22 23.91 26.89 -8.01
N TYR B 23 22.83 26.41 -7.40
CA TYR B 23 22.76 26.18 -5.96
C TYR B 23 22.82 24.71 -5.56
N LEU B 24 22.92 23.80 -6.52
CA LEU B 24 22.86 22.38 -6.22
C LEU B 24 24.25 21.82 -5.97
N GLN B 25 24.35 20.94 -4.97
CA GLN B 25 25.56 20.18 -4.73
C GLN B 25 25.71 19.07 -5.77
N GLU B 26 26.96 18.69 -6.05
CA GLU B 26 27.10 17.48 -6.85
C GLU B 26 26.82 16.26 -5.96
N PRO B 27 26.28 15.17 -6.54
CA PRO B 27 25.95 14.84 -7.93
C PRO B 27 24.56 15.32 -8.37
N TRP B 28 23.78 15.80 -7.39
CA TRP B 28 22.39 16.16 -7.65
C TRP B 28 22.29 17.22 -8.73
N ARG B 29 23.25 18.16 -8.77
CA ARG B 29 23.24 19.21 -9.77
C ARG B 29 23.32 18.63 -11.18
N SER B 30 24.24 17.67 -11.39
CA SER B 30 24.34 17.07 -12.73
C SER B 30 23.07 16.33 -13.10
N ARG B 31 22.43 15.69 -12.11
CA ARG B 31 21.16 15.03 -12.37
C ARG B 31 20.14 16.02 -12.91
N VAL B 32 19.91 17.12 -12.18
CA VAL B 32 18.90 18.09 -12.59
C VAL B 32 19.27 18.73 -13.94
N ALA B 33 20.57 18.98 -14.16
CA ALA B 33 20.98 19.52 -15.45
C ALA B 33 20.59 18.60 -16.60
N ALA B 34 20.56 17.28 -16.35
CA ALA B 34 20.31 16.31 -17.41
C ALA B 34 18.85 15.93 -17.57
N SER B 35 18.02 16.09 -16.51
CA SER B 35 16.66 15.57 -16.50
C SER B 35 15.65 16.46 -15.77
N GLY B 36 16.03 17.65 -15.32
CA GLY B 36 15.18 18.42 -14.44
C GLY B 36 15.04 17.77 -13.06
N ILE B 37 14.17 18.36 -12.26
CA ILE B 37 13.93 17.84 -10.92
C ILE B 37 13.07 16.59 -11.03
N GLY B 38 13.55 15.47 -10.48
CA GLY B 38 12.76 14.26 -10.57
C GLY B 38 11.49 14.25 -9.73
N TYR B 39 10.59 15.23 -9.91
CA TYR B 39 9.35 15.23 -9.16
C TYR B 39 8.58 13.93 -9.44
N ALA B 40 7.91 13.43 -8.42
CA ALA B 40 7.12 12.21 -8.53
C ALA B 40 5.65 12.61 -8.35
N GLY B 41 5.04 13.05 -9.46
CA GLY B 41 3.74 13.69 -9.37
C GLY B 41 2.64 12.73 -8.96
N SER B 42 1.52 13.32 -8.50
CA SER B 42 0.32 12.54 -8.18
C SER B 42 -0.19 11.74 -9.39
N GLY B 43 0.04 12.25 -10.60
CA GLY B 43 -0.43 11.56 -11.79
C GLY B 43 -1.88 11.80 -12.13
N TYR B 44 -2.49 12.87 -11.61
CA TYR B 44 -3.87 13.23 -11.94
C TYR B 44 -3.83 14.45 -12.84
N TYR B 45 -4.08 14.22 -14.13
CA TYR B 45 -4.20 15.24 -15.16
C TYR B 45 -5.33 16.23 -14.86
N SER B 46 -4.97 17.48 -14.44
CA SER B 46 -5.97 18.54 -14.45
C SER B 46 -5.99 19.23 -15.81
N PRO B 47 -7.17 19.46 -16.43
CA PRO B 47 -7.21 19.98 -17.80
C PRO B 47 -7.17 21.49 -17.86
N ILE B 48 -7.66 22.14 -16.80
CA ILE B 48 -7.63 23.59 -16.68
C ILE B 48 -6.24 24.03 -16.23
N GLY B 49 -5.23 23.21 -16.55
CA GLY B 49 -3.91 23.38 -15.99
C GLY B 49 -3.99 23.52 -14.49
N VAL B 50 -3.01 24.26 -13.93
CA VAL B 50 -2.99 24.60 -12.51
C VAL B 50 -3.14 26.11 -12.32
N MET B 51 -2.66 26.89 -13.30
CA MET B 51 -2.56 28.35 -13.16
C MET B 51 -3.81 29.07 -13.67
N LYS B 52 -4.02 30.29 -13.15
CA LYS B 52 -5.13 31.13 -13.57
C LYS B 52 -4.81 31.82 -14.90
N LYS B 53 -5.77 32.64 -15.37
CA LYS B 53 -5.66 33.37 -16.62
C LYS B 53 -4.82 34.64 -16.47
N ASP B 54 -4.04 34.95 -17.51
CA ASP B 54 -3.22 36.17 -17.58
C ASP B 54 -2.19 36.28 -16.45
N SER B 55 -1.80 35.15 -15.85
CA SER B 55 -0.71 35.17 -14.87
C SER B 55 0.64 34.85 -15.50
N ILE B 56 0.66 34.30 -16.71
CA ILE B 56 1.93 34.03 -17.41
C ILE B 56 2.65 35.36 -17.63
N PRO B 57 3.87 35.52 -17.12
CA PRO B 57 4.50 36.83 -17.16
C PRO B 57 4.85 37.21 -18.58
N PRO B 58 5.17 38.48 -18.82
CA PRO B 58 5.60 38.90 -20.17
C PRO B 58 6.92 38.24 -20.53
N GLY B 59 6.91 37.49 -21.63
CA GLY B 59 8.11 36.84 -22.12
C GLY B 59 8.51 35.61 -21.32
N GLY B 60 8.14 35.59 -20.04
CA GLY B 60 8.55 34.52 -19.16
C GLY B 60 7.85 33.21 -19.45
N GLY B 61 8.11 32.25 -18.57
CA GLY B 61 7.49 30.94 -18.67
C GLY B 61 6.35 30.76 -17.69
N LYS B 62 6.55 29.88 -16.71
CA LYS B 62 5.48 29.53 -15.79
C LYS B 62 4.87 30.77 -15.15
N ALA B 63 3.57 30.70 -14.86
CA ALA B 63 2.95 31.73 -14.03
C ALA B 63 3.60 31.69 -12.64
N GLY B 64 3.87 32.87 -12.11
CA GLY B 64 4.51 32.99 -10.81
C GLY B 64 6.03 32.97 -10.84
N SER B 65 6.64 32.90 -12.03
CA SER B 65 8.08 32.73 -12.20
C SER B 65 8.85 34.04 -12.32
N ASP B 66 8.16 35.17 -12.31
CA ASP B 66 8.81 36.47 -12.51
C ASP B 66 8.56 37.34 -11.28
N PRO B 67 9.57 37.63 -10.46
CA PRO B 67 9.32 38.47 -9.28
C PRO B 67 8.73 39.83 -9.63
N ASP B 68 9.16 40.44 -10.73
CA ASP B 68 8.66 41.76 -11.11
C ASP B 68 7.19 41.70 -11.52
N TYR B 69 6.84 40.76 -12.41
CA TYR B 69 5.43 40.60 -12.76
C TYR B 69 4.57 40.34 -11.53
N MET B 70 5.10 39.60 -10.53
CA MET B 70 4.30 39.27 -9.35
C MET B 70 4.17 40.45 -8.39
N ILE B 71 5.24 41.24 -8.23
CA ILE B 71 5.11 42.47 -7.45
C ILE B 71 3.96 43.30 -7.99
N LYS B 72 3.87 43.42 -9.32
CA LYS B 72 2.87 44.26 -9.95
C LYS B 72 1.47 43.67 -9.83
N GLN B 73 1.29 42.43 -10.27
CA GLN B 73 -0.04 41.81 -10.32
C GLN B 73 -0.57 41.47 -8.93
N LEU B 74 0.32 41.15 -7.98
CA LEU B 74 -0.11 40.68 -6.65
C LEU B 74 0.18 41.69 -5.56
N ILE B 75 1.45 42.00 -5.34
CA ILE B 75 1.81 42.87 -4.18
C ILE B 75 1.07 44.19 -4.27
N GLU B 76 1.23 44.91 -5.38
CA GLU B 76 0.57 46.20 -5.54
C GLU B 76 -0.82 46.09 -6.15
N GLY B 77 -1.04 45.14 -7.07
CA GLY B 77 -2.37 44.85 -7.57
C GLY B 77 -3.42 44.80 -6.46
N TYR B 78 -3.15 43.99 -5.44
CA TYR B 78 -4.11 43.82 -4.36
C TYR B 78 -3.66 44.38 -3.03
N ASN B 79 -2.71 45.29 -3.03
CA ASN B 79 -2.26 45.93 -1.81
C ASN B 79 -2.01 44.96 -0.69
N LEU B 80 -0.85 44.34 -0.72
CA LEU B 80 -0.54 43.35 0.26
C LEU B 80 0.61 43.78 1.10
N ASP B 81 0.43 43.72 2.40
CA ASP B 81 1.49 44.09 3.31
C ASP B 81 2.59 43.05 3.25
N TYR B 82 2.20 41.79 3.24
CA TYR B 82 3.21 40.71 3.16
C TYR B 82 2.66 39.52 2.39
N ALA B 83 3.55 38.79 1.72
CA ALA B 83 3.20 37.58 0.99
C ALA B 83 4.24 36.52 1.33
N VAL B 84 3.76 35.35 1.76
CA VAL B 84 4.64 34.22 2.12
C VAL B 84 4.84 33.37 0.87
N LEU B 85 6.00 33.50 0.22
CA LEU B 85 6.32 32.66 -0.93
C LEU B 85 6.58 31.21 -0.46
N THR B 86 5.75 30.29 -0.96
CA THR B 86 5.84 28.89 -0.56
C THR B 86 6.37 27.99 -1.67
N GLY B 87 6.60 28.52 -2.87
CA GLY B 87 7.15 27.72 -3.95
C GLY B 87 6.40 26.43 -4.21
N VAL B 88 7.06 25.46 -4.85
CA VAL B 88 6.46 24.17 -5.14
C VAL B 88 7.38 23.01 -4.75
N VAL B 89 8.53 23.29 -4.14
CA VAL B 89 9.58 22.28 -4.05
C VAL B 89 9.33 21.29 -2.92
N TYR B 90 8.57 21.67 -1.88
CA TYR B 90 8.21 20.74 -0.81
C TYR B 90 7.60 19.45 -1.35
N ASN B 91 7.12 19.45 -2.61
CA ASN B 91 6.50 18.28 -3.22
C ASN B 91 7.50 17.15 -3.45
N ILE B 92 8.80 17.44 -3.46
CA ILE B 92 9.79 16.41 -3.67
C ILE B 92 9.81 15.36 -2.56
N SER B 93 9.03 15.55 -1.50
CA SER B 93 8.97 14.53 -0.44
C SER B 93 8.46 13.21 -0.96
N SER B 94 7.79 13.21 -2.11
CA SER B 94 7.23 11.97 -2.65
C SER B 94 8.27 11.11 -3.37
N THR B 95 9.45 11.64 -3.68
CA THR B 95 10.43 10.85 -4.43
C THR B 95 11.13 9.86 -3.50
N HIS B 96 11.92 8.98 -4.11
CA HIS B 96 12.41 7.78 -3.46
C HIS B 96 13.72 7.97 -2.71
N ASP B 97 14.60 8.83 -3.21
CA ASP B 97 15.94 8.97 -2.65
C ASP B 97 15.95 10.09 -1.61
N PRO B 98 16.04 9.78 -0.31
CA PRO B 98 15.98 10.83 0.72
C PRO B 98 17.04 11.92 0.56
N ASP B 99 18.23 11.57 0.07
CA ASP B 99 19.30 12.56 -0.05
C ASP B 99 19.04 13.49 -1.23
N TYR B 100 18.67 12.92 -2.38
CA TYR B 100 18.25 13.77 -3.49
C TYR B 100 17.19 14.76 -3.05
N ALA B 101 16.18 14.28 -2.33
CA ALA B 101 15.09 15.17 -1.94
C ALA B 101 15.62 16.31 -1.07
N ALA B 102 16.42 15.98 -0.06
CA ALA B 102 16.96 17.02 0.83
C ALA B 102 17.85 17.99 0.05
N ALA B 103 18.67 17.48 -0.87
CA ALA B 103 19.55 18.38 -1.62
C ALA B 103 18.74 19.36 -2.49
N ILE B 104 17.66 18.89 -3.12
CA ILE B 104 16.81 19.79 -3.90
C ILE B 104 16.21 20.87 -3.01
N CYS B 105 15.69 20.48 -1.84
CA CYS B 105 15.13 21.48 -0.92
C CYS B 105 16.19 22.49 -0.50
N SER B 106 17.40 21.99 -0.20
CA SER B 106 18.47 22.86 0.24
C SER B 106 18.82 23.89 -0.84
N ALA B 107 18.92 23.45 -2.09
CA ALA B 107 19.24 24.37 -3.17
C ALA B 107 18.12 25.39 -3.37
N TYR B 108 16.86 24.97 -3.19
CA TYR B 108 15.74 25.88 -3.37
C TYR B 108 15.73 26.97 -2.30
N ASN B 109 15.95 26.57 -1.05
CA ASN B 109 16.00 27.54 0.04
C ASN B 109 17.05 28.63 -0.22
N ASP B 110 18.22 28.23 -0.73
CA ASP B 110 19.23 29.23 -1.07
C ASP B 110 18.75 30.11 -2.23
N TYR B 111 18.25 29.48 -3.29
CA TYR B 111 17.74 30.23 -4.43
C TYR B 111 16.67 31.22 -3.99
N LEU B 112 15.72 30.76 -3.18
CA LEU B 112 14.68 31.66 -2.72
C LEU B 112 15.29 32.87 -2.01
N ILE B 113 16.27 32.63 -1.14
CA ILE B 113 16.94 33.69 -0.41
C ILE B 113 17.67 34.64 -1.37
N ALA B 114 18.40 34.07 -2.32
CA ALA B 114 19.25 34.90 -3.18
C ALA B 114 18.43 35.76 -4.12
N GLU B 115 17.32 35.24 -4.64
CA GLU B 115 16.68 35.83 -5.80
C GLU B 115 15.24 36.27 -5.57
N TRP B 116 14.67 36.10 -4.37
CA TRP B 116 13.29 36.50 -4.17
C TRP B 116 13.13 37.40 -2.95
N LEU B 117 13.56 36.95 -1.77
CA LEU B 117 13.17 37.65 -0.55
C LEU B 117 13.75 39.05 -0.47
N GLY B 118 14.84 39.33 -1.19
CA GLY B 118 15.42 40.66 -1.20
C GLY B 118 14.85 41.63 -2.23
N LYS B 119 13.91 41.18 -3.04
CA LYS B 119 13.34 42.00 -4.09
C LYS B 119 12.07 42.75 -3.67
N HIS B 120 11.72 42.68 -2.39
CA HIS B 120 10.56 43.42 -1.87
C HIS B 120 10.40 43.16 -0.40
N LYS B 121 9.94 44.16 0.32
CA LYS B 121 9.77 44.03 1.75
C LYS B 121 8.64 43.10 2.08
N ALA B 122 7.65 43.05 1.22
CA ALA B 122 6.50 42.23 1.49
C ALA B 122 6.82 40.78 1.37
N PHE B 123 7.91 40.48 0.69
CA PHE B 123 8.27 39.11 0.44
C PHE B 123 8.83 38.35 1.64
N LYS B 124 8.15 37.29 2.05
CA LYS B 124 8.66 36.41 3.08
C LYS B 124 8.67 34.99 2.54
N GLY B 125 9.40 34.10 3.19
CA GLY B 125 9.62 32.77 2.64
C GLY B 125 9.33 31.65 3.61
N ALA B 126 8.75 30.58 3.08
CA ALA B 126 8.71 29.29 3.75
C ALA B 126 9.91 28.48 3.29
N LEU B 127 10.75 28.04 4.21
CA LEU B 127 11.82 27.13 3.86
C LEU B 127 11.23 25.73 3.70
N ALA B 128 11.65 25.02 2.66
CA ALA B 128 11.15 23.71 2.33
C ALA B 128 12.10 22.63 2.82
N VAL B 129 11.55 21.53 3.35
CA VAL B 129 12.37 20.35 3.64
C VAL B 129 11.65 19.09 3.20
N ALA B 130 12.43 18.07 2.88
CA ALA B 130 11.92 16.75 2.55
C ALA B 130 11.74 15.92 3.81
N THR B 131 10.67 15.10 3.85
CA THR B 131 10.32 14.36 5.07
C THR B 131 10.79 12.90 5.06
N GLN B 132 11.37 12.41 3.97
CA GLN B 132 11.81 11.01 3.95
C GLN B 132 12.87 10.77 5.01
N ASP B 133 13.84 11.67 5.12
CA ASP B 133 14.87 11.60 6.15
C ASP B 133 14.68 12.82 7.04
N PRO B 134 13.88 12.71 8.10
CA PRO B 134 13.68 13.86 8.99
C PRO B 134 14.96 14.40 9.61
N LEU B 135 16.03 13.61 9.69
CA LEU B 135 17.25 14.16 10.31
C LEU B 135 17.87 15.20 9.41
N LEU B 136 17.88 14.93 8.09
CA LEU B 136 18.37 15.94 7.16
C LEU B 136 17.49 17.18 7.16
N ALA B 137 16.20 17.01 7.46
CA ALA B 137 15.31 18.17 7.46
C ALA B 137 15.62 19.09 8.63
N ALA B 138 15.88 18.50 9.81
CA ALA B 138 16.34 19.26 10.97
C ALA B 138 17.59 20.07 10.65
N ARG B 139 18.59 19.42 10.02
CA ARG B 139 19.78 20.15 9.59
C ARG B 139 19.41 21.40 8.81
N GLU B 140 18.63 21.22 7.74
CA GLU B 140 18.29 22.34 6.88
C GLU B 140 17.54 23.42 7.64
N ILE B 141 16.62 23.03 8.52
CA ILE B 141 15.91 24.05 9.30
C ILE B 141 16.90 24.88 10.11
N ASP B 142 17.89 24.23 10.75
CA ASP B 142 18.88 24.96 11.54
C ASP B 142 19.87 25.72 10.66
N ARG B 143 20.17 25.19 9.48
CA ARG B 143 21.12 25.87 8.60
C ARG B 143 20.58 27.23 8.18
N ILE B 144 19.31 27.28 7.80
CA ILE B 144 18.77 28.41 7.06
C ILE B 144 17.58 29.07 7.75
N GLY B 145 17.03 28.48 8.81
CA GLY B 145 15.88 29.07 9.45
C GLY B 145 16.14 30.44 10.07
N GLY B 146 17.39 30.71 10.47
CA GLY B 146 17.70 31.98 11.09
C GLY B 146 17.49 33.20 10.20
N HIS B 147 17.46 33.03 8.87
CA HIS B 147 17.35 34.16 7.97
C HIS B 147 16.14 35.02 8.35
N PRO B 148 16.28 36.34 8.39
CA PRO B 148 15.19 37.17 8.94
C PRO B 148 13.94 37.20 8.08
N ASP B 149 14.01 36.85 6.80
CA ASP B 149 12.83 36.81 5.97
C ASP B 149 12.23 35.41 5.84
N ILE B 150 12.84 34.40 6.47
CA ILE B 150 12.30 33.05 6.50
C ILE B 150 11.42 32.92 7.73
N VAL B 151 10.12 32.73 7.51
CA VAL B 151 9.15 32.81 8.61
C VAL B 151 8.48 31.48 8.93
N GLU B 152 8.72 30.42 8.15
CA GLU B 152 8.09 29.14 8.48
C GLU B 152 8.83 28.03 7.75
N VAL B 153 8.42 26.80 8.05
CA VAL B 153 8.89 25.60 7.36
C VAL B 153 7.72 25.04 6.58
N MET B 154 7.98 24.59 5.35
CA MET B 154 6.94 24.02 4.51
C MET B 154 7.19 22.54 4.26
N ILE B 155 6.19 21.74 4.55
CA ILE B 155 6.22 20.29 4.42
C ILE B 155 5.08 19.88 3.48
N SER B 156 5.32 18.87 2.66
CA SER B 156 4.23 18.26 1.90
C SER B 156 3.47 17.26 2.77
N SER B 157 2.15 17.23 2.60
CA SER B 157 1.33 16.24 3.30
C SER B 157 1.36 14.88 2.61
N ALA B 158 2.15 14.73 1.55
CA ALA B 158 2.36 13.44 0.92
C ALA B 158 3.51 12.77 1.66
N ALA B 159 3.19 12.02 2.72
CA ALA B 159 4.23 11.39 3.54
C ALA B 159 4.16 9.87 3.39
N ARG B 160 4.98 9.17 4.19
CA ARG B 160 5.04 7.72 4.13
C ARG B 160 4.28 7.07 5.27
N SER B 161 3.72 7.86 6.15
CA SER B 161 2.99 7.41 7.32
C SER B 161 2.42 8.66 7.98
N PRO B 162 1.52 8.52 8.95
CA PRO B 162 0.92 9.71 9.54
C PRO B 162 1.97 10.59 10.19
N LEU B 163 1.83 11.90 9.99
CA LEU B 163 2.92 12.82 10.34
C LEU B 163 3.11 13.03 11.83
N GLY B 164 2.21 12.54 12.68
CA GLY B 164 2.45 12.65 14.11
C GLY B 164 3.39 11.60 14.67
N GLN B 165 3.77 10.62 13.88
CA GLN B 165 4.56 9.51 14.39
C GLN B 165 6.02 9.93 14.57
N ARG B 166 6.70 9.20 15.47
CA ARG B 166 7.97 9.65 16.00
C ARG B 166 9.04 9.79 14.93
N HIS B 167 8.89 9.12 13.80
CA HIS B 167 9.92 9.19 12.73
C HIS B 167 10.14 10.65 12.32
N TYR B 168 9.10 11.47 12.42
CA TYR B 168 9.17 12.85 11.93
C TYR B 168 9.54 13.88 13.00
N HIS B 169 9.55 13.51 14.29
CA HIS B 169 9.67 14.51 15.34
C HIS B 169 10.93 15.37 15.22
N PRO B 170 12.05 14.92 14.67
CA PRO B 170 13.19 15.82 14.46
C PRO B 170 12.82 17.11 13.75
N ILE B 171 11.81 17.08 12.86
CA ILE B 171 11.40 18.28 12.12
C ILE B 171 10.71 19.26 13.05
N TYR B 172 9.79 18.75 13.86
CA TYR B 172 9.05 19.59 14.79
C TYR B 172 9.97 20.16 15.88
N GLU B 173 10.85 19.33 16.45
CA GLU B 173 11.84 19.86 17.39
C GLU B 173 12.59 21.03 16.78
N ALA B 174 13.05 20.88 15.52
CA ALA B 174 13.91 21.92 14.96
C ALA B 174 13.13 23.18 14.66
N ALA B 175 11.93 23.03 14.11
CA ALA B 175 11.12 24.20 13.77
C ALA B 175 10.63 24.90 15.03
N ALA B 176 10.16 24.13 16.01
CA ALA B 176 9.65 24.76 17.23
C ALA B 176 10.77 25.48 17.97
N ARG B 177 11.95 24.85 18.09
CA ARG B 177 13.08 25.50 18.73
C ARG B 177 13.44 26.80 18.02
N ASN B 178 13.31 26.82 16.69
CA ASN B 178 13.63 28.03 15.95
C ASN B 178 12.47 29.02 15.89
N GLY B 179 11.31 28.68 16.45
CA GLY B 179 10.17 29.58 16.35
C GLY B 179 9.53 29.60 14.99
N LEU B 180 9.81 28.62 14.13
CA LEU B 180 9.25 28.56 12.79
C LEU B 180 8.03 27.66 12.80
N PRO B 181 6.81 28.18 12.56
CA PRO B 181 5.65 27.29 12.38
C PRO B 181 5.93 26.29 11.26
N VAL B 182 5.24 25.15 11.27
CA VAL B 182 5.36 24.15 10.21
C VAL B 182 4.08 24.23 9.37
N ALA B 183 4.22 24.61 8.12
CA ALA B 183 3.09 24.61 7.20
C ALA B 183 3.06 23.28 6.44
N ILE B 184 1.85 22.79 6.17
CA ILE B 184 1.66 21.54 5.44
C ILE B 184 0.81 21.85 4.23
N HIS B 185 1.24 21.38 3.06
CA HIS B 185 0.62 21.75 1.79
C HIS B 185 0.45 20.53 0.89
N PRO B 186 -0.72 20.36 0.26
CA PRO B 186 -0.96 19.20 -0.61
C PRO B 186 -0.37 19.41 -1.99
N GLY B 187 -0.46 18.38 -2.83
CA GLY B 187 0.05 18.48 -4.19
C GLY B 187 0.61 17.19 -4.77
N ALA B 188 1.14 16.32 -3.91
CA ALA B 188 1.88 15.15 -4.36
C ALA B 188 1.30 13.83 -3.86
N GLU B 189 0.15 13.87 -3.18
CA GLU B 189 -0.38 12.67 -2.54
C GLU B 189 -0.50 11.53 -3.54
N GLY B 190 0.09 10.39 -3.20
CA GLY B 190 0.04 9.22 -4.02
C GLY B 190 1.20 9.05 -4.97
N GLY B 191 1.97 10.12 -5.24
CA GLY B 191 3.10 10.00 -6.13
C GLY B 191 4.28 9.31 -5.48
N GLY B 192 5.16 8.78 -6.34
CA GLY B 192 6.34 8.06 -5.93
C GLY B 192 6.05 7.04 -4.84
N SER B 193 6.69 7.20 -3.67
CA SER B 193 6.55 6.26 -2.57
C SER B 193 5.69 6.79 -1.40
N SER B 194 4.94 7.86 -1.60
CA SER B 194 4.04 8.31 -0.55
C SER B 194 2.89 7.30 -0.39
N THR B 195 2.05 7.55 0.62
CA THR B 195 0.91 6.67 0.85
C THR B 195 -0.16 6.89 -0.22
N ALA B 196 -1.07 5.93 -0.32
CA ALA B 196 -2.22 6.10 -1.18
C ALA B 196 -2.90 7.45 -0.88
N PRO B 197 -3.39 8.16 -1.90
CA PRO B 197 -3.87 9.53 -1.67
C PRO B 197 -5.21 9.61 -0.97
N THR B 198 -5.90 8.51 -0.74
CA THR B 198 -7.15 8.56 0.03
C THR B 198 -7.23 7.28 0.82
N ALA B 199 -8.04 7.31 1.88
CA ALA B 199 -8.19 6.14 2.74
C ALA B 199 -8.65 4.93 1.93
N ALA B 200 -9.41 5.16 0.86
CA ALA B 200 -9.93 4.06 0.04
C ALA B 200 -9.01 3.71 -1.12
N GLY B 201 -7.83 4.32 -1.17
CA GLY B 201 -6.88 4.03 -2.23
C GLY B 201 -6.81 5.11 -3.29
N TYR B 202 -6.53 4.73 -4.54
CA TYR B 202 -6.33 5.70 -5.60
C TYR B 202 -7.65 5.95 -6.35
N PRO B 203 -8.17 7.17 -6.37
CA PRO B 203 -9.32 7.47 -7.25
C PRO B 203 -8.96 7.45 -8.72
N THR B 204 -9.94 7.63 -9.59
CA THR B 204 -9.70 7.50 -11.05
C THR B 204 -9.33 8.83 -11.70
N ARG B 205 -9.91 9.93 -11.22
CA ARG B 205 -9.73 11.23 -11.91
C ARG B 205 -9.35 12.37 -10.94
N TYR B 206 -8.90 13.48 -11.51
CA TYR B 206 -8.39 14.60 -10.73
C TYR B 206 -9.44 15.14 -9.76
N ILE B 207 -10.71 15.20 -10.19
CA ILE B 207 -11.71 15.86 -9.37
C ILE B 207 -11.90 15.11 -8.05
N GLU B 208 -11.83 13.77 -8.09
CA GLU B 208 -11.82 13.00 -6.84
C GLU B 208 -10.56 13.26 -6.02
N TRP B 209 -9.39 13.16 -6.67
CA TRP B 209 -8.13 13.34 -5.95
C TRP B 209 -8.10 14.69 -5.26
N HIS B 210 -8.48 15.75 -5.98
CA HIS B 210 -8.42 17.08 -5.39
C HIS B 210 -9.39 17.21 -4.23
N THR B 211 -10.66 16.90 -4.48
CA THR B 211 -11.66 16.95 -3.41
C THR B 211 -11.18 16.25 -2.14
N CYS B 212 -10.54 15.10 -2.29
CA CYS B 212 -10.22 14.28 -1.13
C CYS B 212 -9.02 14.80 -0.32
N LEU B 213 -8.27 15.79 -0.81
CA LEU B 213 -7.04 16.16 -0.12
C LEU B 213 -7.31 16.55 1.34
N SER B 214 -8.44 17.21 1.61
CA SER B 214 -8.77 17.54 2.99
C SER B 214 -8.65 16.33 3.90
N GLN B 215 -8.96 15.14 3.39
CA GLN B 215 -8.99 13.96 4.25
C GLN B 215 -7.60 13.55 4.68
N MET B 216 -6.60 13.84 3.85
CA MET B 216 -5.22 13.64 4.26
C MET B 216 -4.87 14.53 5.45
N PHE B 217 -5.28 15.80 5.43
CA PHE B 217 -5.03 16.70 6.55
C PHE B 217 -5.71 16.21 7.82
N MET B 218 -6.94 15.71 7.70
CA MET B 218 -7.60 15.21 8.89
C MET B 218 -6.84 14.05 9.50
N ALA B 219 -6.36 13.13 8.66
CA ALA B 219 -5.56 12.02 9.15
C ALA B 219 -4.28 12.53 9.82
N HIS B 220 -3.51 13.36 9.11
CA HIS B 220 -2.27 13.87 9.67
C HIS B 220 -2.53 14.60 10.98
N LEU B 221 -3.63 15.36 11.05
CA LEU B 221 -3.90 16.16 12.23
C LEU B 221 -4.29 15.29 13.40
N VAL B 222 -5.10 14.26 13.16
CA VAL B 222 -5.45 13.38 14.26
C VAL B 222 -4.19 12.71 14.80
N SER B 223 -3.26 12.38 13.90
CA SER B 223 -2.02 11.76 14.31
C SER B 223 -1.17 12.71 15.16
N MET B 224 -1.04 13.97 14.73
CA MET B 224 -0.21 14.90 15.48
C MET B 224 -0.78 15.17 16.85
N VAL B 225 -2.11 15.23 16.99
CA VAL B 225 -2.70 15.51 18.28
C VAL B 225 -2.57 14.31 19.21
N CYS B 226 -2.96 13.12 18.73
CA CYS B 226 -3.06 11.95 19.59
C CYS B 226 -1.70 11.37 19.93
N GLU B 227 -0.72 11.52 19.02
CA GLU B 227 0.66 11.13 19.32
C GLU B 227 1.31 12.08 20.32
N GLY B 228 0.61 13.14 20.75
CA GLY B 228 1.14 14.11 21.68
C GLY B 228 2.19 15.05 21.13
N VAL B 229 2.26 15.26 19.82
CA VAL B 229 3.30 16.11 19.26
C VAL B 229 3.32 17.48 19.94
N PHE B 230 2.15 18.04 20.23
CA PHE B 230 2.07 19.36 20.86
C PHE B 230 2.38 19.31 22.37
N VAL B 231 2.31 18.13 22.98
CA VAL B 231 2.79 17.96 24.35
C VAL B 231 4.30 17.88 24.36
N LYS B 232 4.87 17.21 23.38
CA LYS B 232 6.32 17.02 23.32
C LYS B 232 7.03 18.27 22.86
N TYR B 233 6.36 19.11 22.07
CA TYR B 233 6.92 20.37 21.57
C TYR B 233 5.88 21.45 21.74
N PRO B 234 5.76 22.00 22.95
CA PRO B 234 4.68 22.96 23.24
C PRO B 234 4.80 24.27 22.47
N ASN B 235 5.94 24.51 21.82
CA ASN B 235 6.16 25.75 21.03
C ASN B 235 5.83 25.53 19.54
N LEU B 236 5.29 24.38 19.16
CA LEU B 236 5.06 24.11 17.75
C LEU B 236 3.75 24.75 17.29
N LYS B 237 3.80 25.41 16.14
CA LYS B 237 2.61 25.83 15.42
C LYS B 237 2.55 25.09 14.11
N VAL B 238 1.36 24.63 13.76
CA VAL B 238 1.10 23.91 12.52
C VAL B 238 0.07 24.70 11.73
N VAL B 239 0.38 24.95 10.45
CA VAL B 239 -0.50 25.72 9.56
C VAL B 239 -0.94 24.80 8.43
N LEU B 240 -2.25 24.53 8.37
CA LEU B 240 -2.82 23.66 7.36
C LEU B 240 -3.17 24.51 6.12
N VAL B 241 -2.33 24.44 5.11
CA VAL B 241 -2.45 25.31 3.95
C VAL B 241 -3.18 24.58 2.82
N GLU B 242 -4.29 25.15 2.38
CA GLU B 242 -4.98 24.76 1.15
C GLU B 242 -5.74 23.46 1.29
N GLY B 243 -6.24 23.17 2.49
CA GLY B 243 -6.92 21.90 2.70
C GLY B 243 -8.36 22.02 3.15
N GLY B 244 -8.96 23.21 3.05
CA GLY B 244 -10.31 23.41 3.51
C GLY B 244 -10.40 23.72 4.99
N VAL B 245 -11.63 23.98 5.44
CA VAL B 245 -11.93 24.47 6.78
C VAL B 245 -13.19 23.84 7.33
N ALA B 246 -14.22 23.73 6.48
CA ALA B 246 -15.55 23.37 6.94
C ALA B 246 -15.58 21.99 7.60
N TRP B 247 -14.55 21.17 7.40
CA TRP B 247 -14.52 19.84 7.99
C TRP B 247 -14.05 19.88 9.45
N LEU B 248 -13.52 21.01 9.91
CA LEU B 248 -12.83 21.02 11.19
C LEU B 248 -13.80 20.83 12.35
N PRO B 249 -14.98 21.46 12.33
CA PRO B 249 -15.90 21.26 13.46
C PRO B 249 -16.22 19.81 13.72
N GLY B 250 -16.65 19.08 12.68
CA GLY B 250 -17.00 17.69 12.87
C GLY B 250 -15.85 16.85 13.38
N LEU B 251 -14.64 17.08 12.83
CA LEU B 251 -13.47 16.37 13.32
C LEU B 251 -13.21 16.68 14.78
N MET B 252 -13.39 17.94 15.16
CA MET B 252 -13.21 18.38 16.53
C MET B 252 -14.16 17.66 17.49
N TRP B 253 -15.45 17.61 17.13
CA TRP B 253 -16.45 16.93 17.96
C TRP B 253 -16.20 15.43 18.00
N ARG B 254 -16.01 14.80 16.85
CA ARG B 254 -15.77 13.36 16.85
C ARG B 254 -14.55 13.02 17.72
N LEU B 255 -13.46 13.77 17.54
CA LEU B 255 -12.22 13.45 18.24
C LEU B 255 -12.36 13.70 19.73
N ASP B 256 -13.08 14.76 20.11
CA ASP B 256 -13.32 15.03 21.54
C ASP B 256 -14.18 13.93 22.15
N LYS B 257 -15.23 13.50 21.44
CA LYS B 257 -16.09 12.47 22.03
C LYS B 257 -15.32 11.18 22.25
N ASN B 258 -14.52 10.78 21.26
CA ASN B 258 -13.71 9.58 21.46
C ASN B 258 -12.71 9.78 22.59
N TYR B 259 -12.16 10.99 22.72
CA TYR B 259 -11.21 11.24 23.77
C TYR B 259 -11.84 11.02 25.14
N LYS B 260 -13.06 11.54 25.33
CA LYS B 260 -13.71 11.37 26.63
C LYS B 260 -13.77 9.91 27.05
N ALA B 261 -14.06 9.01 26.11
CA ALA B 261 -14.14 7.60 26.45
C ALA B 261 -12.79 6.91 26.44
N LEU B 262 -11.78 7.50 25.83
CA LEU B 262 -10.53 6.80 25.53
C LEU B 262 -9.30 7.46 26.15
N ARG B 263 -9.50 8.49 26.97
CA ARG B 263 -8.38 9.29 27.48
C ARG B 263 -7.29 8.43 28.09
N ALA B 264 -7.68 7.34 28.74
CA ALA B 264 -6.70 6.53 29.45
C ALA B 264 -5.63 5.99 28.51
N THR B 265 -5.93 5.83 27.23
CA THR B 265 -4.94 5.33 26.28
C THR B 265 -3.96 6.40 25.82
N VAL B 266 -4.23 7.65 26.15
CA VAL B 266 -3.46 8.75 25.57
C VAL B 266 -3.17 9.74 26.71
N PRO B 267 -2.51 9.27 27.78
CA PRO B 267 -2.44 10.04 29.04
C PRO B 267 -1.57 11.28 28.99
N TRP B 268 -0.67 11.39 28.01
CA TRP B 268 0.12 12.60 27.88
C TRP B 268 -0.75 13.81 27.53
N LEU B 269 -1.98 13.60 27.07
CA LEU B 269 -2.89 14.71 26.79
C LEU B 269 -3.60 15.14 28.07
N THR B 270 -3.58 16.44 28.36
CA THR B 270 -4.12 16.96 29.60
C THR B 270 -5.25 17.95 29.36
N ARG B 271 -5.56 18.17 28.10
CA ARG B 271 -6.74 18.98 27.73
C ARG B 271 -7.41 18.24 26.57
N MET B 272 -8.61 18.63 26.20
CA MET B 272 -9.32 17.98 25.11
C MET B 272 -8.59 18.19 23.79
N PRO B 273 -8.64 17.22 22.89
CA PRO B 273 -8.02 17.39 21.56
C PRO B 273 -8.34 18.71 20.85
N SER B 274 -9.58 19.16 20.96
CA SER B 274 -10.02 20.39 20.26
C SER B 274 -9.22 21.60 20.76
N GLU B 275 -8.86 21.59 22.03
CA GLU B 275 -8.11 22.70 22.58
C GLU B 275 -6.68 22.69 22.08
N TYR B 276 -6.09 21.51 21.90
CA TYR B 276 -4.76 21.43 21.29
C TYR B 276 -4.80 21.99 19.87
N ILE B 277 -5.86 21.66 19.11
CA ILE B 277 -5.98 22.17 17.75
C ILE B 277 -6.11 23.68 17.76
N ARG B 278 -7.06 24.19 18.56
CA ARG B 278 -7.30 25.63 18.61
C ARG B 278 -6.05 26.40 19.02
N ASP B 279 -5.28 25.85 19.96
CA ASP B 279 -4.13 26.61 20.53
C ASP B 279 -2.86 26.47 19.67
N HIS B 280 -2.78 25.43 18.85
CA HIS B 280 -1.55 25.20 18.07
C HIS B 280 -1.70 25.30 16.56
N CYS B 281 -2.92 25.30 16.01
CA CYS B 281 -3.10 25.10 14.58
C CYS B 281 -3.78 26.28 13.91
N TYR B 282 -3.37 26.54 12.67
CA TYR B 282 -3.98 27.53 11.78
C TYR B 282 -4.40 26.85 10.47
N LEU B 283 -5.36 27.47 9.79
CA LEU B 283 -5.80 27.01 8.48
C LEU B 283 -5.92 28.17 7.51
N SER B 284 -5.40 28.00 6.31
CA SER B 284 -5.64 29.01 5.30
C SER B 284 -7.05 28.85 4.73
N THR B 285 -7.56 29.95 4.17
CA THR B 285 -8.95 30.04 3.71
C THR B 285 -9.13 29.56 2.28
N GLN B 286 -8.15 29.81 1.43
CA GLN B 286 -8.22 29.35 0.06
C GLN B 286 -8.11 27.82 0.04
N PRO B 287 -8.87 27.14 -0.84
CA PRO B 287 -9.94 27.72 -1.64
C PRO B 287 -11.20 27.88 -0.81
N ILE B 288 -11.65 29.12 -0.60
CA ILE B 288 -12.73 29.35 0.34
C ILE B 288 -13.94 28.50 -0.05
N GLU B 289 -14.54 27.86 0.95
CA GLU B 289 -15.74 27.05 0.72
C GLU B 289 -16.97 27.93 0.53
N GLU B 290 -17.82 27.56 -0.43
CA GLU B 290 -18.92 28.41 -0.88
C GLU B 290 -20.26 27.71 -0.68
N PRO B 291 -20.84 27.78 0.51
CA PRO B 291 -22.24 27.37 0.66
C PRO B 291 -23.12 28.25 -0.21
N ASP B 292 -24.32 27.76 -0.49
CA ASP B 292 -25.25 28.61 -1.23
C ASP B 292 -25.61 29.85 -0.41
N ASN B 293 -25.83 29.69 0.89
CA ASN B 293 -25.88 30.84 1.78
C ASN B 293 -24.49 31.09 2.33
N PRO B 294 -23.76 32.10 1.86
CA PRO B 294 -22.41 32.34 2.38
C PRO B 294 -22.38 32.56 3.88
N GLN B 295 -23.48 33.01 4.46
CA GLN B 295 -23.51 33.14 5.91
C GLN B 295 -23.19 31.82 6.61
N HIS B 296 -23.56 30.69 5.99
CA HIS B 296 -23.39 29.41 6.67
C HIS B 296 -21.92 29.14 7.01
N LEU B 297 -21.02 29.35 6.04
CA LEU B 297 -19.61 29.13 6.32
C LEU B 297 -19.17 29.89 7.56
N ILE B 298 -19.59 31.16 7.68
CA ILE B 298 -19.22 31.96 8.85
C ILE B 298 -19.83 31.39 10.12
N ASP B 299 -21.11 30.96 10.05
CA ASP B 299 -21.72 30.27 11.18
C ASP B 299 -20.88 29.07 11.61
N LEU B 300 -20.31 28.36 10.64
CA LEU B 300 -19.43 27.24 10.96
C LEU B 300 -18.19 27.70 11.72
N PHE B 301 -17.51 28.75 11.25
CA PHE B 301 -16.35 29.26 11.98
C PHE B 301 -16.69 29.53 13.44
N ASN B 302 -17.82 30.22 13.66
CA ASN B 302 -18.12 30.72 15.00
C ASN B 302 -18.47 29.58 15.93
N MET B 303 -18.97 28.48 15.38
CA MET B 303 -19.31 27.32 16.17
C MET B 303 -18.14 26.77 16.97
N ILE B 304 -16.93 26.98 16.48
CA ILE B 304 -15.73 26.45 17.13
C ILE B 304 -14.69 27.52 17.41
N ASP B 305 -15.13 28.77 17.54
CA ASP B 305 -14.22 29.89 17.80
C ASP B 305 -12.96 29.75 17.00
N ALA B 306 -13.08 29.87 15.69
CA ALA B 306 -11.95 29.65 14.82
C ALA B 306 -11.47 30.92 14.16
N GLU B 307 -11.91 32.08 14.65
CA GLU B 307 -11.56 33.36 13.98
C GLU B 307 -10.08 33.69 14.20
N ASN B 308 -9.50 33.14 15.26
CA ASN B 308 -8.09 33.38 15.52
C ASN B 308 -7.19 32.36 14.83
N MET B 309 -7.76 31.31 14.23
CA MET B 309 -6.96 30.29 13.57
C MET B 309 -6.92 30.42 12.05
N LEU B 310 -7.67 31.33 11.45
CA LEU B 310 -7.82 31.36 10.00
C LEU B 310 -6.90 32.40 9.38
N LEU B 311 -6.18 32.01 8.34
CA LEU B 311 -5.27 32.91 7.63
C LEU B 311 -5.73 33.03 6.19
N TYR B 312 -5.99 34.26 5.75
CA TYR B 312 -6.30 34.48 4.34
C TYR B 312 -5.13 34.05 3.47
N SER B 313 -5.46 33.47 2.32
CA SER B 313 -4.47 33.25 1.27
C SER B 313 -5.18 33.33 -0.08
N SER B 314 -4.41 33.66 -1.11
CA SER B 314 -4.97 33.78 -2.47
C SER B 314 -4.63 32.55 -3.29
N ASP B 315 -3.48 31.94 -3.00
CA ASP B 315 -2.98 30.84 -3.81
C ASP B 315 -2.67 31.27 -5.24
N TYR B 316 -2.38 32.56 -5.41
CA TYR B 316 -1.90 33.07 -6.67
C TYR B 316 -0.68 32.26 -7.13
N PRO B 317 -0.61 31.84 -8.40
CA PRO B 317 -1.59 32.12 -9.45
C PRO B 317 -2.33 30.85 -9.92
N HIS B 318 -2.84 30.06 -9.00
CA HIS B 318 -3.50 28.81 -9.36
C HIS B 318 -4.97 29.05 -9.73
N TRP B 319 -5.56 28.04 -10.38
CA TRP B 319 -6.88 28.20 -11.00
C TRP B 319 -7.95 28.55 -9.97
N ASP B 320 -7.84 28.05 -8.74
CA ASP B 320 -8.80 28.42 -7.70
C ASP B 320 -8.31 29.60 -6.86
N PHE B 321 -7.54 30.50 -7.47
CA PHE B 321 -7.14 31.78 -6.88
C PHE B 321 -8.32 32.46 -6.19
N ASP B 322 -8.04 33.04 -5.01
CA ASP B 322 -9.02 33.80 -4.23
C ASP B 322 -8.56 35.25 -4.16
N SER B 323 -9.29 36.15 -4.82
CA SER B 323 -9.06 37.58 -4.62
C SER B 323 -9.60 37.99 -3.26
N PRO B 324 -8.86 38.82 -2.51
CA PRO B 324 -9.30 39.15 -1.14
C PRO B 324 -10.65 39.84 -1.08
N GLY B 325 -10.96 40.71 -2.06
CA GLY B 325 -12.22 41.45 -2.01
C GLY B 325 -13.46 40.57 -2.02
N HIS B 326 -13.38 39.41 -2.66
CA HIS B 326 -14.54 38.54 -2.85
C HIS B 326 -14.66 37.45 -1.79
N VAL B 327 -13.74 37.37 -0.84
CA VAL B 327 -13.72 36.28 0.12
C VAL B 327 -14.29 36.76 1.44
N LEU B 328 -15.24 36.00 1.98
CA LEU B 328 -15.68 36.14 3.36
C LEU B 328 -16.30 37.51 3.63
N ARG B 329 -17.06 38.00 2.65
CA ARG B 329 -17.48 39.39 2.64
C ARG B 329 -18.45 39.70 3.76
N GLY B 330 -19.19 38.71 4.24
CA GLY B 330 -20.12 38.96 5.32
C GLY B 330 -19.52 38.83 6.70
N LEU B 331 -18.20 38.99 6.82
CA LEU B 331 -17.54 38.90 8.12
C LEU B 331 -17.63 40.22 8.88
N LYS B 332 -17.90 40.14 10.19
CA LYS B 332 -17.74 41.29 11.07
C LYS B 332 -16.37 41.92 10.78
N PRO B 333 -16.25 43.25 10.88
CA PRO B 333 -14.95 43.87 10.62
C PRO B 333 -13.82 43.42 11.54
N GLU B 334 -14.13 43.11 12.80
CA GLU B 334 -13.00 42.74 13.70
C GLU B 334 -12.54 41.33 13.36
N ALA B 335 -13.47 40.45 12.98
CA ALA B 335 -13.06 39.12 12.54
C ALA B 335 -12.36 39.18 11.21
N ARG B 336 -12.77 40.08 10.31
CA ARG B 336 -12.09 40.19 9.03
C ARG B 336 -10.67 40.71 9.21
N ARG B 337 -10.47 41.65 10.15
CA ARG B 337 -9.13 42.09 10.52
C ARG B 337 -8.24 40.90 10.88
N LYS B 338 -8.75 40.04 11.75
CA LYS B 338 -7.93 38.92 12.25
C LYS B 338 -7.56 37.96 11.14
N ILE B 339 -8.51 37.63 10.28
CA ILE B 339 -8.29 36.58 9.30
C ILE B 339 -7.47 37.08 8.13
N PHE B 340 -7.47 38.38 7.86
CA PHE B 340 -6.81 38.93 6.70
C PHE B 340 -5.46 39.56 7.04
N TYR B 341 -5.19 39.78 8.32
CA TYR B 341 -4.00 40.52 8.71
C TYR B 341 -3.44 40.06 10.05
N GLU B 342 -4.27 40.03 11.10
CA GLU B 342 -3.70 40.04 12.44
C GLU B 342 -3.28 38.65 12.90
N ASN B 343 -4.05 37.61 12.57
CA ASN B 343 -3.61 36.27 12.94
C ASN B 343 -2.21 36.01 12.41
N ALA B 344 -1.96 36.36 11.15
CA ALA B 344 -0.69 36.04 10.50
C ALA B 344 0.40 37.00 10.91
N LYS B 345 0.05 38.26 11.15
CA LYS B 345 1.04 39.21 11.67
C LYS B 345 1.58 38.73 13.01
N GLN B 346 0.70 38.19 13.86
CA GLN B 346 1.15 37.63 15.14
C GLN B 346 1.90 36.32 14.91
N LEU B 347 1.31 35.41 14.13
CA LEU B 347 1.93 34.10 13.94
C LEU B 347 3.35 34.22 13.39
N TYR B 348 3.57 35.07 12.41
CA TYR B 348 4.90 35.19 11.84
C TYR B 348 5.72 36.31 12.48
N ARG B 349 5.18 37.02 13.46
CA ARG B 349 5.87 38.11 14.15
C ARG B 349 6.46 39.14 13.17
N LEU B 350 5.56 39.76 12.42
CA LEU B 350 5.97 40.65 11.34
C LEU B 350 5.93 42.12 11.78
N ASP B 351 6.79 42.93 11.13
CA ASP B 351 6.93 44.39 11.39
C ASP B 351 8.24 44.60 12.17
N LYS C 5 29.09 -32.64 16.30
CA LYS C 5 28.08 -33.25 15.44
C LYS C 5 27.13 -32.22 14.83
N ILE C 6 26.12 -31.76 15.58
CA ILE C 6 24.99 -31.04 14.99
C ILE C 6 24.63 -29.81 15.82
N ILE C 7 24.53 -28.65 15.16
CA ILE C 7 23.94 -27.44 15.71
C ILE C 7 22.71 -27.07 14.88
N ASP C 8 21.58 -26.88 15.56
CA ASP C 8 20.31 -26.48 14.90
C ASP C 8 20.15 -24.98 15.18
N VAL C 9 19.96 -24.21 14.12
CA VAL C 9 19.99 -22.74 14.28
C VAL C 9 18.60 -22.12 14.24
N ASP C 10 17.52 -22.89 14.36
CA ASP C 10 16.18 -22.30 14.34
C ASP C 10 15.18 -23.29 14.95
N VAL C 11 14.87 -23.10 16.23
CA VAL C 11 14.01 -23.99 16.99
C VAL C 11 12.95 -23.15 17.68
N HIS C 12 11.68 -23.45 17.43
CA HIS C 12 10.59 -22.57 17.86
C HIS C 12 10.01 -23.02 19.21
N ASN C 13 10.62 -22.51 20.28
CA ASN C 13 10.03 -22.63 21.59
C ASN C 13 8.77 -21.77 21.66
N GLU C 14 7.70 -22.32 22.21
CA GLU C 14 6.46 -21.60 22.33
C GLU C 14 6.13 -21.38 23.81
N GLN C 15 5.02 -20.71 24.05
CA GLN C 15 4.62 -20.41 25.42
C GLN C 15 3.27 -19.74 25.37
N ASP C 16 2.53 -19.87 26.47
CA ASP C 16 1.26 -19.18 26.57
C ASP C 16 1.49 -17.67 26.69
N ASP C 17 0.51 -16.91 26.24
CA ASP C 17 0.66 -15.46 26.28
C ASP C 17 0.84 -14.99 27.72
N ARG C 18 -0.02 -15.47 28.62
CA ARG C 18 0.06 -15.11 30.03
C ARG C 18 1.43 -15.40 30.62
N ALA C 19 2.23 -16.26 29.98
CA ALA C 19 3.56 -16.59 30.50
C ALA C 19 4.47 -15.37 30.61
N LEU C 20 4.17 -14.26 29.93
CA LEU C 20 4.97 -13.05 29.97
C LEU C 20 4.52 -12.06 31.06
N LEU C 21 3.39 -12.31 31.71
CA LEU C 21 2.88 -11.36 32.70
C LEU C 21 3.90 -10.99 33.76
N PRO C 22 4.70 -11.91 34.30
CA PRO C 22 5.69 -11.53 35.33
C PRO C 22 6.77 -10.60 34.80
N TYR C 23 6.81 -10.35 33.48
CA TYR C 23 7.90 -9.60 32.87
C TYR C 23 7.41 -8.36 32.14
N LEU C 24 6.14 -8.02 32.24
CA LEU C 24 5.57 -6.88 31.54
C LEU C 24 5.29 -5.74 32.52
N GLN C 25 5.73 -4.54 32.17
CA GLN C 25 5.31 -3.38 32.94
C GLN C 25 3.90 -2.95 32.55
N GLU C 26 3.30 -2.12 33.41
CA GLU C 26 2.01 -1.56 33.05
C GLU C 26 2.22 -0.47 32.00
N PRO C 27 1.23 -0.24 31.13
CA PRO C 27 -0.10 -0.86 31.08
C PRO C 27 -0.15 -2.18 30.33
N TRP C 28 0.90 -2.46 29.53
CA TRP C 28 0.89 -3.67 28.71
C TRP C 28 0.53 -4.91 29.51
N ARG C 29 0.93 -4.96 30.77
CA ARG C 29 0.67 -6.14 31.58
C ARG C 29 -0.83 -6.41 31.65
N SER C 30 -1.62 -5.40 32.04
CA SER C 30 -3.07 -5.52 32.14
C SER C 30 -3.67 -6.00 30.83
N ARG C 31 -3.16 -5.49 29.70
CA ARG C 31 -3.75 -5.79 28.40
C ARG C 31 -3.53 -7.24 28.03
N VAL C 32 -2.28 -7.71 28.13
CA VAL C 32 -2.00 -9.12 27.90
C VAL C 32 -2.88 -9.98 28.81
N ALA C 33 -3.02 -9.56 30.06
CA ALA C 33 -3.81 -10.34 31.01
C ALA C 33 -5.27 -10.42 30.59
N ALA C 34 -5.76 -9.36 29.96
CA ALA C 34 -7.20 -9.32 29.62
C ALA C 34 -7.47 -9.90 28.22
N SER C 35 -6.51 -9.81 27.31
CA SER C 35 -6.80 -10.20 25.91
C SER C 35 -5.66 -11.02 25.30
N GLY C 36 -4.59 -11.24 26.05
CA GLY C 36 -3.44 -11.94 25.47
C GLY C 36 -2.67 -11.03 24.53
N ILE C 37 -1.64 -11.57 23.89
CA ILE C 37 -0.84 -10.74 23.00
C ILE C 37 -1.62 -10.50 21.71
N GLY C 38 -1.75 -9.22 21.34
CA GLY C 38 -2.39 -8.93 20.07
C GLY C 38 -1.47 -9.09 18.88
N TYR C 39 -1.16 -10.32 18.49
CA TYR C 39 -0.40 -10.52 17.27
C TYR C 39 -1.23 -10.14 16.05
N ALA C 40 -0.57 -9.61 15.02
CA ALA C 40 -1.21 -9.34 13.73
C ALA C 40 -0.74 -10.41 12.74
N GLY C 41 -1.47 -11.51 12.66
CA GLY C 41 -1.05 -12.61 11.82
C GLY C 41 -1.09 -12.28 10.33
N SER C 42 -0.50 -13.18 9.53
CA SER C 42 -0.50 -13.00 8.09
C SER C 42 -1.91 -13.03 7.49
N GLY C 43 -2.84 -13.74 8.13
CA GLY C 43 -4.16 -13.93 7.58
C GLY C 43 -4.29 -15.09 6.62
N TYR C 44 -3.21 -15.81 6.36
CA TYR C 44 -3.22 -16.98 5.50
C TYR C 44 -3.25 -18.23 6.36
N TYR C 45 -4.23 -19.09 6.10
CA TYR C 45 -4.61 -20.20 6.96
C TYR C 45 -3.94 -21.49 6.48
N SER C 46 -3.12 -22.11 7.33
CA SER C 46 -2.57 -23.38 6.87
C SER C 46 -3.45 -24.54 7.32
N PRO C 47 -3.80 -25.47 6.42
CA PRO C 47 -4.69 -26.59 6.80
C PRO C 47 -4.00 -27.73 7.51
N ILE C 48 -2.67 -27.83 7.47
CA ILE C 48 -1.95 -28.78 8.33
C ILE C 48 -1.80 -28.25 9.75
N GLY C 49 -2.22 -27.01 9.99
CA GLY C 49 -1.79 -26.28 11.16
C GLY C 49 -0.44 -25.64 10.91
N VAL C 50 0.29 -25.42 11.99
CA VAL C 50 1.69 -24.99 11.90
C VAL C 50 2.65 -26.05 12.43
N MET C 51 2.16 -26.94 13.28
CA MET C 51 3.01 -27.96 13.85
C MET C 51 3.07 -29.25 13.09
N LYS C 52 3.90 -30.17 13.56
CA LYS C 52 4.07 -31.45 12.89
C LYS C 52 3.26 -32.53 13.62
N LYS C 53 3.62 -33.78 13.41
CA LYS C 53 2.94 -34.92 14.01
C LYS C 53 3.72 -35.38 15.24
N ASP C 54 3.05 -35.39 16.39
CA ASP C 54 3.58 -35.99 17.61
C ASP C 54 4.68 -35.14 18.25
N SER C 55 4.38 -33.86 18.47
CA SER C 55 5.27 -33.01 19.25
C SER C 55 4.46 -32.17 20.24
N ILE C 56 3.23 -32.56 20.51
CA ILE C 56 2.44 -31.94 21.59
C ILE C 56 3.02 -32.37 22.93
N PRO C 57 3.25 -31.45 23.86
CA PRO C 57 3.91 -31.83 25.12
C PRO C 57 3.02 -32.74 25.95
N PRO C 58 3.61 -33.46 26.92
CA PRO C 58 2.83 -34.47 27.64
C PRO C 58 1.69 -33.90 28.47
N GLY C 59 1.75 -32.63 28.85
CA GLY C 59 0.71 -32.06 29.69
C GLY C 59 0.08 -30.80 29.15
N GLY C 60 0.87 -30.03 28.39
CA GLY C 60 0.47 -28.69 27.98
C GLY C 60 -0.14 -28.61 26.59
N GLY C 61 -0.45 -27.38 26.20
CA GLY C 61 -0.92 -27.13 24.86
C GLY C 61 0.22 -27.03 23.87
N LYS C 62 0.54 -25.79 23.47
CA LYS C 62 1.34 -25.50 22.28
C LYS C 62 2.50 -26.47 22.10
N ALA C 63 2.68 -26.90 20.87
CA ALA C 63 3.81 -27.74 20.57
C ALA C 63 5.06 -26.90 20.70
N GLY C 64 6.07 -27.45 21.33
CA GLY C 64 7.29 -26.73 21.57
C GLY C 64 7.30 -25.87 22.82
N SER C 65 6.26 -25.97 23.66
CA SER C 65 6.12 -25.14 24.85
C SER C 65 6.68 -25.78 26.12
N ASP C 66 7.07 -27.07 26.10
CA ASP C 66 7.61 -27.74 27.28
C ASP C 66 9.11 -27.97 27.11
N PRO C 67 9.97 -27.29 27.90
CA PRO C 67 11.42 -27.55 27.78
C PRO C 67 11.79 -29.02 27.95
N ASP C 68 11.14 -29.72 28.88
CA ASP C 68 11.46 -31.13 29.08
C ASP C 68 11.12 -31.95 27.83
N TYR C 69 9.87 -31.85 27.37
CA TYR C 69 9.46 -32.56 26.16
C TYR C 69 10.32 -32.18 24.96
N MET C 70 10.94 -31.00 24.98
CA MET C 70 11.88 -30.64 23.92
C MET C 70 13.26 -31.23 24.14
N ILE C 71 13.67 -31.41 25.40
CA ILE C 71 14.99 -31.97 25.63
C ILE C 71 15.02 -33.45 25.28
N LYS C 72 13.89 -34.15 25.44
CA LYS C 72 13.81 -35.53 25.00
C LYS C 72 13.64 -35.62 23.49
N GLN C 73 12.54 -35.07 22.97
CA GLN C 73 12.16 -35.31 21.57
C GLN C 73 13.20 -34.76 20.59
N LEU C 74 13.82 -33.61 20.91
CA LEU C 74 14.70 -32.93 19.97
C LEU C 74 16.16 -33.00 20.39
N ILE C 75 16.51 -32.43 21.55
CA ILE C 75 17.92 -32.29 21.91
C ILE C 75 18.61 -33.65 21.96
N GLU C 76 17.94 -34.66 22.49
CA GLU C 76 18.50 -36.02 22.51
C GLU C 76 18.05 -36.84 21.31
N GLY C 77 16.74 -36.85 21.06
CA GLY C 77 16.21 -37.58 19.89
C GLY C 77 17.21 -37.46 18.76
N TYR C 78 17.73 -36.27 18.49
CA TYR C 78 18.60 -36.09 17.34
C TYR C 78 20.03 -35.76 17.71
N ASN C 79 20.38 -35.90 18.96
CA ASN C 79 21.76 -35.71 19.38
C ASN C 79 22.36 -34.37 19.01
N LEU C 80 21.72 -33.31 19.46
CA LEU C 80 22.17 -31.98 19.10
C LEU C 80 23.13 -31.35 20.06
N ASP C 81 24.28 -30.94 19.59
CA ASP C 81 25.20 -30.20 20.44
C ASP C 81 24.58 -28.86 20.88
N TYR C 82 23.95 -28.13 19.96
CA TYR C 82 23.32 -26.86 20.32
C TYR C 82 22.03 -26.64 19.53
N ALA C 83 21.12 -25.89 20.14
CA ALA C 83 19.88 -25.47 19.48
C ALA C 83 19.67 -23.99 19.76
N VAL C 84 19.54 -23.18 18.71
CA VAL C 84 19.25 -21.75 18.85
C VAL C 84 17.74 -21.60 18.96
N LEU C 85 17.26 -21.34 20.17
CA LEU C 85 15.85 -21.08 20.37
C LEU C 85 15.48 -19.71 19.83
N THR C 86 14.47 -19.67 18.97
CA THR C 86 14.10 -18.44 18.31
C THR C 86 12.71 -17.93 18.69
N GLY C 87 11.88 -18.76 19.33
CA GLY C 87 10.55 -18.28 19.73
C GLY C 87 9.69 -17.87 18.53
N VAL C 88 8.62 -17.12 18.82
CA VAL C 88 7.74 -16.66 17.74
C VAL C 88 7.38 -15.18 17.89
N VAL C 89 8.03 -14.51 18.85
CA VAL C 89 7.59 -13.18 19.30
C VAL C 89 8.07 -12.04 18.40
N TYR C 90 9.15 -12.25 17.65
CA TYR C 90 9.62 -11.26 16.69
C TYR C 90 8.53 -10.91 15.66
N ASN C 91 7.51 -11.76 15.53
CA ASN C 91 6.40 -11.49 14.60
C ASN C 91 5.61 -10.26 15.00
N ILE C 92 5.79 -9.78 16.23
CA ILE C 92 5.09 -8.61 16.74
C ILE C 92 5.46 -7.33 16.02
N SER C 93 6.49 -7.36 15.18
CA SER C 93 6.83 -6.19 14.37
C SER C 93 5.71 -5.81 13.40
N SER C 94 4.71 -6.68 13.22
CA SER C 94 3.61 -6.34 12.33
C SER C 94 2.54 -5.49 13.00
N THR C 95 2.63 -5.28 14.30
CA THR C 95 1.58 -4.57 15.02
C THR C 95 1.77 -3.06 14.92
N HIS C 96 0.74 -2.30 15.31
CA HIS C 96 0.70 -0.86 15.04
C HIS C 96 1.40 -0.01 16.10
N ASP C 97 1.47 -0.46 17.35
CA ASP C 97 1.95 0.36 18.45
C ASP C 97 3.41 0.02 18.70
N PRO C 98 4.35 0.92 18.40
CA PRO C 98 5.77 0.55 18.54
C PRO C 98 6.17 0.29 19.98
N ASP C 99 5.55 0.97 20.94
CA ASP C 99 5.90 0.74 22.34
C ASP C 99 5.35 -0.59 22.84
N TYR C 100 4.12 -0.91 22.51
CA TYR C 100 3.62 -2.25 22.83
C TYR C 100 4.55 -3.31 22.27
N ALA C 101 4.82 -3.26 20.96
CA ALA C 101 5.67 -4.29 20.36
C ALA C 101 6.99 -4.42 21.12
N ALA C 102 7.60 -3.29 21.48
CA ALA C 102 8.90 -3.33 22.15
C ALA C 102 8.79 -3.96 23.53
N ALA C 103 7.69 -3.71 24.24
CA ALA C 103 7.53 -4.27 25.57
C ALA C 103 7.32 -5.77 25.50
N ILE C 104 6.62 -6.26 24.47
CA ILE C 104 6.41 -7.69 24.32
C ILE C 104 7.73 -8.38 24.07
N CYS C 105 8.58 -7.80 23.22
CA CYS C 105 9.89 -8.41 23.01
C CYS C 105 10.70 -8.42 24.30
N SER C 106 10.76 -7.29 24.99
CA SER C 106 11.59 -7.22 26.22
C SER C 106 11.06 -8.24 27.23
N ALA C 107 9.75 -8.28 27.42
CA ALA C 107 9.18 -9.28 28.31
C ALA C 107 9.59 -10.68 27.88
N TYR C 108 9.44 -11.00 26.58
CA TYR C 108 9.78 -12.33 26.10
C TYR C 108 11.26 -12.64 26.29
N ASN C 109 12.13 -11.64 26.17
CA ASN C 109 13.56 -11.94 26.32
C ASN C 109 13.89 -12.30 27.77
N ASP C 110 13.28 -11.61 28.73
CA ASP C 110 13.46 -11.95 30.14
C ASP C 110 12.91 -13.34 30.43
N TYR C 111 11.74 -13.66 29.89
CA TYR C 111 11.18 -15.00 30.04
C TYR C 111 12.07 -16.05 29.38
N LEU C 112 12.75 -15.71 28.29
CA LEU C 112 13.64 -16.68 27.65
C LEU C 112 14.83 -16.99 28.55
N ILE C 113 15.49 -15.95 29.06
CA ILE C 113 16.57 -16.12 30.03
C ILE C 113 16.06 -16.89 31.24
N ALA C 114 14.93 -16.45 31.78
CA ALA C 114 14.43 -16.99 33.05
C ALA C 114 14.10 -18.47 32.93
N GLU C 115 13.42 -18.87 31.86
CA GLU C 115 12.71 -20.14 31.88
C GLU C 115 13.18 -21.14 30.82
N TRP C 116 14.22 -20.85 30.05
CA TRP C 116 14.63 -21.78 29.01
C TRP C 116 16.14 -21.93 28.95
N LEU C 117 16.89 -20.83 28.98
CA LEU C 117 18.28 -20.93 28.62
C LEU C 117 19.11 -21.66 29.68
N GLY C 118 18.66 -21.62 30.93
CA GLY C 118 19.36 -22.35 31.97
C GLY C 118 19.10 -23.85 31.91
N LYS C 119 17.96 -24.26 31.39
CA LYS C 119 17.59 -25.68 31.44
C LYS C 119 18.37 -26.69 30.61
N HIS C 120 19.43 -26.29 29.96
CA HIS C 120 20.28 -27.23 29.21
C HIS C 120 21.41 -26.51 28.58
N LYS C 121 22.57 -27.12 28.62
CA LYS C 121 23.74 -26.52 28.03
C LYS C 121 23.55 -26.30 26.55
N ALA C 122 22.66 -27.08 25.97
CA ALA C 122 22.45 -26.98 24.54
C ALA C 122 21.64 -25.75 24.14
N PHE C 123 20.85 -25.20 25.07
CA PHE C 123 19.91 -24.13 24.75
C PHE C 123 20.66 -22.81 24.61
N LYS C 124 20.50 -22.18 23.46
CA LYS C 124 20.95 -20.82 23.22
C LYS C 124 19.76 -20.07 22.66
N GLY C 125 19.87 -18.75 22.60
CA GLY C 125 18.74 -17.90 22.32
C GLY C 125 19.05 -16.80 21.34
N ALA C 126 18.07 -16.48 20.51
CA ALA C 126 18.04 -15.21 19.80
C ALA C 126 17.15 -14.27 20.58
N LEU C 127 17.65 -13.06 20.85
CA LEU C 127 16.79 -12.07 21.47
C LEU C 127 15.95 -11.42 20.37
N ALA C 128 14.69 -11.16 20.69
CA ALA C 128 13.74 -10.60 19.74
C ALA C 128 13.64 -9.10 19.94
N VAL C 129 13.70 -8.34 18.83
CA VAL C 129 13.36 -6.92 18.86
C VAL C 129 12.29 -6.62 17.82
N ALA C 130 11.55 -5.55 18.08
CA ALA C 130 10.51 -5.05 17.20
C ALA C 130 11.10 -3.96 16.30
N THR C 131 10.72 -3.97 15.01
CA THR C 131 11.38 -3.04 14.09
C THR C 131 10.63 -1.73 13.91
N GLN C 132 9.45 -1.58 14.52
CA GLN C 132 8.71 -0.32 14.37
C GLN C 132 9.56 0.86 14.81
N ASP C 133 10.18 0.76 15.98
CA ASP C 133 11.02 1.81 16.53
C ASP C 133 12.42 1.25 16.70
N PRO C 134 13.26 1.38 15.67
CA PRO C 134 14.62 0.84 15.78
C PRO C 134 15.42 1.36 16.97
N LEU C 135 15.13 2.57 17.46
CA LEU C 135 15.84 3.08 18.63
C LEU C 135 15.54 2.25 19.87
N LEU C 136 14.28 1.87 20.07
CA LEU C 136 13.96 0.98 21.20
C LEU C 136 14.57 -0.42 20.99
N ALA C 137 14.63 -0.88 19.74
CA ALA C 137 15.30 -2.15 19.47
C ALA C 137 16.76 -2.10 19.88
N ALA C 138 17.43 -0.98 19.57
CA ALA C 138 18.82 -0.83 19.97
C ALA C 138 18.97 -0.91 21.50
N ARG C 139 18.08 -0.24 22.27
CA ARG C 139 18.19 -0.34 23.72
C ARG C 139 18.01 -1.78 24.21
N GLU C 140 17.08 -2.52 23.62
CA GLU C 140 16.87 -3.91 24.01
C GLU C 140 18.10 -4.75 23.72
N ILE C 141 18.67 -4.61 22.52
CA ILE C 141 19.90 -5.34 22.21
C ILE C 141 20.94 -5.04 23.29
N ASP C 142 21.12 -3.76 23.61
CA ASP C 142 22.12 -3.36 24.59
C ASP C 142 21.85 -3.97 25.96
N ARG C 143 20.58 -4.06 26.35
CA ARG C 143 20.22 -4.44 27.70
C ARG C 143 20.53 -5.90 27.98
N ILE C 144 20.11 -6.77 27.07
CA ILE C 144 20.07 -8.21 27.31
C ILE C 144 21.00 -8.99 26.39
N GLY C 145 21.69 -8.31 25.46
CA GLY C 145 22.56 -9.01 24.53
C GLY C 145 23.75 -9.66 25.19
N GLY C 146 24.22 -9.10 26.31
CA GLY C 146 25.45 -9.56 26.92
C GLY C 146 25.33 -10.92 27.58
N HIS C 147 24.13 -11.37 27.87
CA HIS C 147 23.95 -12.70 28.41
C HIS C 147 24.78 -13.72 27.63
N PRO C 148 25.44 -14.65 28.32
CA PRO C 148 26.35 -15.57 27.61
C PRO C 148 25.63 -16.56 26.69
N ASP C 149 24.37 -16.86 26.96
CA ASP C 149 23.60 -17.81 26.17
C ASP C 149 22.78 -17.16 25.06
N ILE C 150 22.93 -15.86 24.85
CA ILE C 150 22.20 -15.11 23.83
C ILE C 150 23.18 -14.85 22.70
N VAL C 151 22.92 -15.48 21.53
CA VAL C 151 23.92 -15.53 20.46
C VAL C 151 23.55 -14.70 19.24
N GLU C 152 22.37 -14.09 19.18
CA GLU C 152 22.02 -13.27 18.03
C GLU C 152 20.80 -12.45 18.36
N VAL C 153 20.47 -11.52 17.43
CA VAL C 153 19.21 -10.78 17.41
C VAL C 153 18.33 -11.36 16.31
N MET C 154 17.05 -11.51 16.60
CA MET C 154 16.07 -12.01 15.65
C MET C 154 15.05 -10.93 15.33
N ILE C 155 14.88 -10.62 14.05
CA ILE C 155 13.86 -9.68 13.62
C ILE C 155 12.96 -10.28 12.54
N SER C 156 11.78 -9.72 12.36
CA SER C 156 10.87 -10.18 11.33
C SER C 156 11.19 -9.64 9.97
N SER C 157 10.84 -10.38 8.94
CA SER C 157 11.01 -9.93 7.58
C SER C 157 9.82 -9.08 7.22
N ALA C 158 8.82 -9.05 8.08
CA ALA C 158 7.64 -8.24 7.87
C ALA C 158 7.89 -6.85 8.39
N ALA C 159 8.53 -6.05 7.57
CA ALA C 159 8.88 -4.68 7.90
C ALA C 159 7.90 -3.70 7.23
N ARG C 160 8.09 -2.41 7.52
CA ARG C 160 7.35 -1.33 6.88
C ARG C 160 8.07 -0.74 5.68
N SER C 161 9.29 -1.19 5.39
CA SER C 161 10.05 -0.69 4.25
C SER C 161 11.30 -1.55 4.14
N PRO C 162 12.09 -1.42 3.08
CA PRO C 162 13.23 -2.33 2.90
C PRO C 162 14.23 -2.21 4.06
N LEU C 163 14.66 -3.36 4.54
CA LEU C 163 15.37 -3.41 5.81
C LEU C 163 16.78 -2.80 5.73
N GLY C 164 17.27 -2.49 4.53
CA GLY C 164 18.54 -1.81 4.44
C GLY C 164 18.51 -0.31 4.61
N GLN C 165 17.33 0.29 4.72
CA GLN C 165 17.22 1.74 4.73
C GLN C 165 17.61 2.33 6.08
N ARG C 166 18.05 3.60 6.06
CA ARG C 166 18.71 4.19 7.23
C ARG C 166 17.84 4.11 8.47
N HIS C 167 16.52 4.11 8.31
CA HIS C 167 15.61 4.00 9.45
C HIS C 167 16.01 2.86 10.39
N TYR C 168 16.40 1.70 9.85
CA TYR C 168 16.63 0.52 10.67
C TYR C 168 18.06 0.41 11.18
N HIS C 169 18.93 1.35 10.83
CA HIS C 169 20.34 1.16 11.12
C HIS C 169 20.67 1.05 12.61
N PRO C 170 19.97 1.74 13.53
CA PRO C 170 20.28 1.51 14.95
C PRO C 170 20.27 0.06 15.32
N ILE C 171 19.49 -0.79 14.64
CA ILE C 171 19.51 -2.21 15.00
C ILE C 171 20.85 -2.82 14.64
N TYR C 172 21.37 -2.48 13.44
CA TYR C 172 22.61 -3.10 12.98
C TYR C 172 23.82 -2.52 13.71
N GLU C 173 23.78 -1.22 14.03
CA GLU C 173 24.85 -0.65 14.85
C GLU C 173 24.97 -1.39 16.17
N ALA C 174 23.84 -1.67 16.82
CA ALA C 174 23.87 -2.25 18.15
C ALA C 174 24.17 -3.74 18.11
N ALA C 175 23.67 -4.46 17.10
CA ALA C 175 24.03 -5.86 16.96
C ALA C 175 25.52 -6.01 16.72
N ALA C 176 26.06 -5.21 15.80
CA ALA C 176 27.47 -5.34 15.46
C ALA C 176 28.36 -4.93 16.62
N ARG C 177 27.98 -3.88 17.35
CA ARG C 177 28.81 -3.40 18.45
C ARG C 177 28.86 -4.43 19.58
N ASN C 178 27.77 -5.16 19.78
CA ASN C 178 27.65 -6.22 20.76
C ASN C 178 28.07 -7.59 20.23
N GLY C 179 28.63 -7.66 19.02
CA GLY C 179 29.04 -8.97 18.50
C GLY C 179 27.91 -9.96 18.33
N LEU C 180 26.74 -9.49 17.89
CA LEU C 180 25.57 -10.35 17.71
C LEU C 180 25.15 -10.33 16.25
N PRO C 181 25.10 -11.47 15.57
CA PRO C 181 24.49 -11.47 14.24
C PRO C 181 23.03 -11.05 14.33
N VAL C 182 22.49 -10.51 13.23
CA VAL C 182 21.07 -10.25 13.12
C VAL C 182 20.44 -11.33 12.24
N ALA C 183 19.56 -12.12 12.82
CA ALA C 183 18.82 -13.10 12.06
C ALA C 183 17.47 -12.52 11.65
N ILE C 184 17.03 -12.87 10.44
CA ILE C 184 15.76 -12.40 9.89
C ILE C 184 14.90 -13.62 9.61
N HIS C 185 13.61 -13.54 9.98
CA HIS C 185 12.74 -14.70 9.98
C HIS C 185 11.34 -14.32 9.53
N PRO C 186 10.77 -15.06 8.58
CA PRO C 186 9.44 -14.72 8.07
C PRO C 186 8.33 -15.23 8.99
N GLY C 187 7.10 -14.85 8.66
CA GLY C 187 5.96 -15.35 9.38
C GLY C 187 4.79 -14.41 9.48
N ALA C 188 5.04 -13.10 9.45
CA ALA C 188 3.98 -12.11 9.63
C ALA C 188 3.77 -11.24 8.41
N GLU C 189 4.49 -11.53 7.32
CA GLU C 189 4.46 -10.69 6.09
C GLU C 189 3.06 -10.26 5.68
N GLY C 190 2.78 -8.97 5.78
CA GLY C 190 1.51 -8.44 5.30
C GLY C 190 0.44 -8.28 6.36
N GLY C 191 0.65 -8.82 7.57
CA GLY C 191 -0.27 -8.58 8.67
C GLY C 191 -0.09 -7.20 9.26
N GLY C 192 -1.11 -6.75 9.99
CA GLY C 192 -1.11 -5.43 10.57
C GLY C 192 -0.70 -4.33 9.59
N SER C 193 0.37 -3.59 9.95
CA SER C 193 0.80 -2.43 9.18
C SER C 193 2.10 -2.67 8.42
N SER C 194 2.48 -3.93 8.19
CA SER C 194 3.62 -4.22 7.34
C SER C 194 3.26 -4.06 5.85
N THR C 195 4.30 -4.05 5.00
CA THR C 195 4.11 -3.97 3.55
C THR C 195 3.34 -5.18 3.04
N ALA C 196 2.75 -5.03 1.86
CA ALA C 196 2.10 -6.15 1.18
C ALA C 196 3.05 -7.34 1.09
N PRO C 197 2.54 -8.57 1.27
CA PRO C 197 3.44 -9.72 1.42
C PRO C 197 4.22 -10.12 0.17
N THR C 198 3.76 -9.78 -1.04
CA THR C 198 4.58 -9.95 -2.24
C THR C 198 4.61 -8.65 -3.02
N ALA C 199 5.51 -8.60 -3.99
CA ALA C 199 5.63 -7.42 -4.84
C ALA C 199 4.38 -7.17 -5.66
N ALA C 200 3.56 -8.19 -5.90
CA ALA C 200 2.34 -8.05 -6.69
C ALA C 200 1.10 -7.83 -5.83
N GLY C 201 1.26 -7.80 -4.50
CA GLY C 201 0.15 -7.61 -3.60
C GLY C 201 -0.14 -8.85 -2.77
N TYR C 202 -1.40 -8.96 -2.36
CA TYR C 202 -1.83 -10.05 -1.50
C TYR C 202 -2.29 -11.25 -2.32
N PRO C 203 -1.59 -12.37 -2.29
CA PRO C 203 -2.12 -13.60 -2.91
C PRO C 203 -3.40 -14.02 -2.20
N THR C 204 -4.05 -15.05 -2.74
CA THR C 204 -5.30 -15.48 -2.15
C THR C 204 -5.15 -16.64 -1.18
N ARG C 205 -4.08 -17.43 -1.25
CA ARG C 205 -4.03 -18.56 -0.33
C ARG C 205 -2.61 -18.88 0.11
N TYR C 206 -2.55 -19.73 1.14
CA TYR C 206 -1.34 -19.96 1.91
C TYR C 206 -0.20 -20.47 1.04
N ILE C 207 -0.48 -21.46 0.18
CA ILE C 207 0.57 -21.99 -0.69
C ILE C 207 1.27 -20.87 -1.45
N GLU C 208 0.52 -19.83 -1.83
CA GLU C 208 1.14 -18.72 -2.55
C GLU C 208 1.96 -17.86 -1.60
N TRP C 209 1.33 -17.40 -0.52
CA TRP C 209 2.02 -16.60 0.47
C TRP C 209 3.30 -17.30 0.94
N HIS C 210 3.21 -18.58 1.29
CA HIS C 210 4.39 -19.27 1.77
C HIS C 210 5.48 -19.28 0.71
N THR C 211 5.16 -19.86 -0.46
CA THR C 211 6.13 -19.93 -1.55
C THR C 211 6.84 -18.60 -1.77
N CYS C 212 6.10 -17.49 -1.82
CA CYS C 212 6.73 -16.22 -2.15
C CYS C 212 7.60 -15.63 -1.03
N LEU C 213 7.63 -16.21 0.19
CA LEU C 213 8.40 -15.56 1.26
C LEU C 213 9.86 -15.35 0.88
N SER C 214 10.44 -16.24 0.08
CA SER C 214 11.82 -16.06 -0.38
C SER C 214 12.04 -14.71 -1.03
N GLN C 215 11.00 -14.16 -1.68
CA GLN C 215 11.14 -12.89 -2.38
C GLN C 215 11.23 -11.72 -1.39
N MET C 216 10.56 -11.83 -0.24
CA MET C 216 10.75 -10.85 0.82
C MET C 216 12.22 -10.76 1.20
N PHE C 217 12.86 -11.93 1.38
CA PHE C 217 14.28 -11.96 1.74
C PHE C 217 15.13 -11.33 0.66
N MET C 218 14.85 -11.64 -0.61
CA MET C 218 15.66 -11.07 -1.68
C MET C 218 15.55 -9.56 -1.67
N ALA C 219 14.33 -9.04 -1.49
CA ALA C 219 14.14 -7.60 -1.48
C ALA C 219 14.96 -6.95 -0.38
N HIS C 220 14.85 -7.48 0.84
CA HIS C 220 15.64 -6.98 1.96
C HIS C 220 17.13 -7.12 1.71
N LEU C 221 17.57 -8.26 1.14
CA LEU C 221 19.00 -8.48 0.95
C LEU C 221 19.57 -7.42 0.03
N VAL C 222 18.86 -7.15 -1.08
CA VAL C 222 19.31 -6.16 -2.06
C VAL C 222 19.37 -4.78 -1.42
N SER C 223 18.34 -4.42 -0.67
CA SER C 223 18.36 -3.18 0.11
C SER C 223 19.61 -3.12 1.01
N MET C 224 19.82 -4.16 1.80
CA MET C 224 20.92 -4.16 2.76
C MET C 224 22.26 -3.94 2.07
N VAL C 225 22.51 -4.61 0.96
CA VAL C 225 23.79 -4.50 0.28
C VAL C 225 23.93 -3.13 -0.36
N CYS C 226 22.92 -2.72 -1.16
CA CYS C 226 23.02 -1.50 -1.95
C CYS C 226 22.99 -0.23 -1.09
N GLU C 227 22.32 -0.28 0.06
CA GLU C 227 22.40 0.86 0.96
C GLU C 227 23.74 0.93 1.70
N GLY C 228 24.65 -0.01 1.47
CA GLY C 228 25.93 -0.01 2.16
C GLY C 228 25.89 -0.35 3.65
N VAL C 229 24.92 -1.17 4.09
CA VAL C 229 24.83 -1.51 5.52
C VAL C 229 26.11 -2.17 6.00
N PHE C 230 26.71 -3.03 5.15
CA PHE C 230 27.93 -3.75 5.49
C PHE C 230 29.18 -2.90 5.28
N VAL C 231 29.04 -1.76 4.59
CA VAL C 231 30.13 -0.79 4.56
C VAL C 231 30.10 0.04 5.84
N LYS C 232 28.90 0.35 6.33
CA LYS C 232 28.76 1.13 7.55
C LYS C 232 29.12 0.31 8.79
N TYR C 233 28.73 -0.96 8.84
CA TYR C 233 28.90 -1.83 9.99
C TYR C 233 29.64 -3.07 9.51
N PRO C 234 30.94 -2.95 9.25
CA PRO C 234 31.68 -4.05 8.62
C PRO C 234 31.81 -5.28 9.51
N ASN C 235 31.40 -5.20 10.77
CA ASN C 235 31.36 -6.38 11.62
C ASN C 235 30.03 -7.11 11.54
N LEU C 236 29.02 -6.56 10.87
CA LEU C 236 27.70 -7.15 10.94
C LEU C 236 27.66 -8.49 10.22
N LYS C 237 26.98 -9.45 10.83
CA LYS C 237 26.61 -10.70 10.20
C LYS C 237 25.09 -10.75 10.17
N VAL C 238 24.55 -11.23 9.05
CA VAL C 238 23.10 -11.35 8.85
C VAL C 238 22.78 -12.80 8.49
N VAL C 239 21.75 -13.33 9.14
CA VAL C 239 21.33 -14.72 8.96
C VAL C 239 19.91 -14.70 8.39
N LEU C 240 19.73 -15.33 7.24
CA LEU C 240 18.43 -15.44 6.60
C LEU C 240 17.84 -16.80 6.96
N VAL C 241 16.80 -16.80 7.80
CA VAL C 241 16.29 -18.04 8.36
C VAL C 241 14.97 -18.38 7.68
N GLU C 242 14.95 -19.55 7.04
CA GLU C 242 13.71 -20.12 6.51
C GLU C 242 13.19 -19.38 5.28
N GLY C 243 14.12 -18.90 4.44
CA GLY C 243 13.74 -18.27 3.19
C GLY C 243 14.14 -19.00 1.93
N GLY C 244 14.72 -20.20 2.09
CA GLY C 244 15.23 -20.95 0.96
C GLY C 244 16.66 -20.57 0.60
N VAL C 245 17.17 -21.28 -0.41
CA VAL C 245 18.58 -21.17 -0.77
C VAL C 245 18.76 -21.06 -2.28
N ALA C 246 18.00 -21.87 -3.04
CA ALA C 246 18.29 -22.04 -4.45
C ALA C 246 18.11 -20.76 -5.24
N TRP C 247 17.42 -19.76 -4.69
CA TRP C 247 17.29 -18.47 -5.36
C TRP C 247 18.56 -17.64 -5.27
N LEU C 248 19.48 -17.96 -4.36
CA LEU C 248 20.62 -17.08 -4.13
C LEU C 248 21.53 -16.91 -5.34
N PRO C 249 21.92 -17.97 -6.07
CA PRO C 249 22.79 -17.75 -7.24
C PRO C 249 22.23 -16.75 -8.23
N GLY C 250 20.93 -16.82 -8.54
CA GLY C 250 20.36 -15.89 -9.50
C GLY C 250 20.32 -14.46 -8.99
N LEU C 251 20.08 -14.28 -7.69
CA LEU C 251 20.18 -12.94 -7.11
C LEU C 251 21.59 -12.39 -7.25
N MET C 252 22.60 -13.19 -6.89
CA MET C 252 23.99 -12.76 -6.99
C MET C 252 24.35 -12.37 -8.42
N TRP C 253 24.09 -13.26 -9.38
CA TRP C 253 24.45 -12.95 -10.75
C TRP C 253 23.75 -11.67 -11.20
N ARG C 254 22.44 -11.59 -11.01
CA ARG C 254 21.71 -10.41 -11.47
C ARG C 254 22.17 -9.15 -10.75
N LEU C 255 22.40 -9.24 -9.44
CA LEU C 255 22.90 -8.07 -8.72
C LEU C 255 24.30 -7.66 -9.20
N ASP C 256 25.19 -8.62 -9.43
CA ASP C 256 26.54 -8.29 -9.89
C ASP C 256 26.52 -7.66 -11.28
N LYS C 257 25.70 -8.18 -12.21
CA LYS C 257 25.67 -7.57 -13.54
C LYS C 257 25.18 -6.12 -13.48
N ASN C 258 24.11 -5.86 -12.72
CA ASN C 258 23.66 -4.49 -12.59
C ASN C 258 24.75 -3.61 -11.99
N TYR C 259 25.46 -4.12 -10.98
CA TYR C 259 26.55 -3.37 -10.36
C TYR C 259 27.65 -3.05 -11.37
N LYS C 260 28.00 -4.01 -12.22
CA LYS C 260 28.97 -3.73 -13.26
C LYS C 260 28.55 -2.52 -14.07
N ALA C 261 27.25 -2.30 -14.27
CA ALA C 261 26.80 -1.17 -15.06
C ALA C 261 26.40 0.04 -14.23
N LEU C 262 26.07 -0.14 -12.95
CA LEU C 262 25.55 0.95 -12.13
C LEU C 262 26.43 1.30 -10.93
N ARG C 263 27.66 0.78 -10.87
CA ARG C 263 28.45 0.91 -9.64
C ARG C 263 28.69 2.36 -9.25
N ALA C 264 28.72 3.27 -10.22
CA ALA C 264 28.95 4.67 -9.89
C ALA C 264 27.78 5.28 -9.11
N THR C 265 26.61 4.64 -9.08
CA THR C 265 25.54 5.07 -8.19
C THR C 265 25.67 4.51 -6.77
N VAL C 266 26.50 3.50 -6.55
CA VAL C 266 26.68 2.98 -5.20
C VAL C 266 28.18 2.98 -4.94
N PRO C 267 28.79 4.18 -4.89
CA PRO C 267 30.27 4.23 -4.82
C PRO C 267 30.83 3.77 -3.50
N TRP C 268 30.05 3.75 -2.42
CA TRP C 268 30.56 3.27 -1.15
C TRP C 268 30.90 1.79 -1.22
N LEU C 269 30.36 1.05 -2.18
CA LEU C 269 30.73 -0.35 -2.33
C LEU C 269 32.04 -0.45 -3.09
N THR C 270 32.94 -1.29 -2.60
CA THR C 270 34.27 -1.43 -3.19
C THR C 270 34.56 -2.85 -3.61
N ARG C 271 33.54 -3.69 -3.47
CA ARG C 271 33.62 -5.08 -3.94
C ARG C 271 32.30 -5.33 -4.66
N MET C 272 32.17 -6.46 -5.32
CA MET C 272 30.91 -6.83 -5.94
C MET C 272 29.86 -7.18 -4.88
N PRO C 273 28.59 -6.86 -5.15
CA PRO C 273 27.54 -7.22 -4.18
C PRO C 273 27.60 -8.66 -3.71
N SER C 274 27.83 -9.59 -4.64
CA SER C 274 27.88 -10.99 -4.27
C SER C 274 28.96 -11.27 -3.24
N GLU C 275 30.01 -10.45 -3.19
CA GLU C 275 31.08 -10.66 -2.22
C GLU C 275 30.67 -10.18 -0.82
N TYR C 276 29.98 -9.06 -0.73
CA TYR C 276 29.38 -8.64 0.53
C TYR C 276 28.48 -9.74 1.07
N ILE C 277 27.63 -10.29 0.21
CA ILE C 277 26.70 -11.34 0.62
C ILE C 277 27.48 -12.56 1.14
N ARG C 278 28.51 -12.98 0.42
CA ARG C 278 29.25 -14.17 0.85
C ARG C 278 29.99 -13.93 2.15
N ASP C 279 30.42 -12.70 2.38
CA ASP C 279 31.29 -12.42 3.55
C ASP C 279 30.47 -12.06 4.80
N HIS C 280 29.22 -11.65 4.63
CA HIS C 280 28.47 -11.19 5.80
C HIS C 280 27.25 -12.02 6.11
N CYS C 281 26.82 -12.88 5.21
CA CYS C 281 25.46 -13.40 5.25
C CYS C 281 25.47 -14.92 5.39
N TYR C 282 24.37 -15.43 5.96
CA TYR C 282 24.16 -16.86 6.11
C TYR C 282 22.71 -17.16 5.79
N LEU C 283 22.46 -18.41 5.42
CA LEU C 283 21.13 -18.91 5.15
C LEU C 283 20.97 -20.24 5.86
N SER C 284 19.82 -20.43 6.52
CA SER C 284 19.52 -21.73 7.06
C SER C 284 18.90 -22.62 5.98
N THR C 285 19.00 -23.93 6.18
CA THR C 285 18.66 -24.90 5.13
C THR C 285 17.19 -25.28 5.12
N GLN C 286 16.54 -25.27 6.27
CA GLN C 286 15.13 -25.62 6.32
C GLN C 286 14.29 -24.48 5.73
N PRO C 287 13.29 -24.80 4.90
CA PRO C 287 12.96 -26.13 4.37
C PRO C 287 13.79 -26.49 3.15
N ILE C 288 14.54 -27.59 3.21
CA ILE C 288 15.49 -27.91 2.15
C ILE C 288 14.74 -28.06 0.83
N GLU C 289 15.28 -27.45 -0.23
CA GLU C 289 14.72 -27.61 -1.56
C GLU C 289 15.08 -28.97 -2.14
N GLU C 290 14.11 -29.65 -2.73
CA GLU C 290 14.24 -31.04 -3.17
C GLU C 290 14.09 -31.09 -4.68
N PRO C 291 15.15 -30.76 -5.42
CA PRO C 291 15.19 -31.11 -6.84
C PRO C 291 14.87 -32.58 -7.02
N ASP C 292 14.38 -32.99 -8.19
CA ASP C 292 14.19 -34.43 -8.40
C ASP C 292 15.52 -35.16 -8.37
N ASN C 293 16.59 -34.54 -8.87
CA ASN C 293 17.92 -35.07 -8.67
C ASN C 293 18.57 -34.31 -7.52
N PRO C 294 18.64 -34.88 -6.31
CA PRO C 294 19.18 -34.09 -5.18
C PRO C 294 20.56 -33.53 -5.44
N GLN C 295 21.34 -34.13 -6.35
CA GLN C 295 22.67 -33.58 -6.64
C GLN C 295 22.57 -32.15 -7.15
N HIS C 296 21.47 -31.81 -7.85
CA HIS C 296 21.35 -30.50 -8.48
C HIS C 296 21.49 -29.36 -7.47
N LEU C 297 20.84 -29.49 -6.31
CA LEU C 297 20.94 -28.44 -5.29
C LEU C 297 22.38 -28.23 -4.86
N ILE C 298 23.11 -29.32 -4.63
CA ILE C 298 24.51 -29.25 -4.23
C ILE C 298 25.34 -28.59 -5.33
N ASP C 299 25.12 -28.99 -6.58
CA ASP C 299 25.79 -28.31 -7.70
C ASP C 299 25.50 -26.82 -7.67
N LEU C 300 24.27 -26.45 -7.32
CA LEU C 300 23.93 -25.04 -7.19
C LEU C 300 24.75 -24.36 -6.10
N PHE C 301 24.78 -24.95 -4.89
CA PHE C 301 25.65 -24.45 -3.82
C PHE C 301 27.05 -24.11 -4.35
N ASN C 302 27.67 -25.09 -5.02
CA ASN C 302 29.08 -24.96 -5.37
C ASN C 302 29.31 -23.89 -6.43
N MET C 303 28.29 -23.58 -7.19
CA MET C 303 28.42 -22.57 -8.23
C MET C 303 28.80 -21.24 -7.63
N ILE C 304 28.24 -20.94 -6.46
CA ILE C 304 28.48 -19.67 -5.83
C ILE C 304 29.36 -19.80 -4.63
N ASP C 305 30.00 -20.95 -4.45
CA ASP C 305 30.88 -21.19 -3.32
C ASP C 305 30.18 -20.77 -2.06
N ALA C 306 29.17 -21.52 -1.70
CA ALA C 306 28.35 -21.10 -0.57
C ALA C 306 28.40 -22.09 0.58
N GLU C 307 29.35 -23.01 0.61
CA GLU C 307 29.34 -24.03 1.66
C GLU C 307 29.66 -23.45 3.03
N ASN C 308 30.30 -22.28 3.10
CA ASN C 308 30.54 -21.66 4.40
C ASN C 308 29.37 -20.78 4.85
N MET C 309 28.33 -20.59 4.02
CA MET C 309 27.22 -19.74 4.44
C MET C 309 26.00 -20.52 4.90
N LEU C 310 25.88 -21.80 4.59
CA LEU C 310 24.68 -22.53 4.96
C LEU C 310 24.76 -23.00 6.40
N LEU C 311 23.61 -22.97 7.07
CA LEU C 311 23.46 -23.37 8.47
C LEU C 311 22.33 -24.38 8.56
N TYR C 312 22.61 -25.55 9.11
CA TYR C 312 21.53 -26.50 9.32
C TYR C 312 20.52 -25.98 10.35
N SER C 313 19.25 -26.27 10.11
CA SER C 313 18.23 -26.12 11.14
C SER C 313 17.08 -27.07 10.82
N SER C 314 16.19 -27.24 11.80
CA SER C 314 15.09 -28.23 11.66
C SER C 314 13.73 -27.55 11.66
N ASP C 315 13.65 -26.35 12.25
CA ASP C 315 12.36 -25.66 12.39
C ASP C 315 11.37 -26.44 13.25
N TYR C 316 11.88 -27.34 14.11
CA TYR C 316 11.02 -28.02 15.08
C TYR C 316 10.19 -26.99 15.84
N PRO C 317 8.87 -27.20 16.01
CA PRO C 317 8.08 -28.36 15.59
C PRO C 317 7.05 -28.02 14.49
N HIS C 318 7.49 -27.41 13.40
CA HIS C 318 6.59 -26.98 12.35
C HIS C 318 6.33 -28.12 11.35
N TRP C 319 5.27 -27.95 10.54
CA TRP C 319 4.81 -29.01 9.66
C TRP C 319 5.90 -29.45 8.68
N ASP C 320 6.69 -28.51 8.17
CA ASP C 320 7.84 -28.83 7.33
C ASP C 320 9.14 -29.00 8.13
N PHE C 321 9.06 -29.58 9.33
CA PHE C 321 10.24 -29.98 10.09
C PHE C 321 11.20 -30.77 9.21
N ASP C 322 12.50 -30.54 9.40
CA ASP C 322 13.56 -31.23 8.67
C ASP C 322 14.41 -32.05 9.66
N SER C 323 14.29 -33.38 9.59
CA SER C 323 15.14 -34.26 10.41
C SER C 323 16.60 -34.17 9.96
N PRO C 324 17.55 -34.14 10.91
CA PRO C 324 18.97 -33.96 10.50
C PRO C 324 19.46 -34.99 9.51
N GLY C 325 19.18 -36.27 9.74
CA GLY C 325 19.69 -37.32 8.87
C GLY C 325 19.10 -37.32 7.47
N HIS C 326 17.97 -36.67 7.26
CA HIS C 326 17.24 -36.72 6.00
C HIS C 326 17.62 -35.59 5.03
N VAL C 327 18.67 -34.83 5.34
CA VAL C 327 18.98 -33.59 4.63
C VAL C 327 20.36 -33.69 4.01
N LEU C 328 20.47 -33.25 2.75
CA LEU C 328 21.76 -33.10 2.07
C LEU C 328 22.65 -34.32 2.26
N ARG C 329 22.05 -35.50 2.05
CA ARG C 329 22.75 -36.77 2.21
C ARG C 329 23.92 -36.94 1.24
N GLY C 330 23.91 -36.22 0.11
CA GLY C 330 25.01 -36.31 -0.83
C GLY C 330 26.12 -35.29 -0.66
N LEU C 331 26.15 -34.57 0.45
CA LEU C 331 27.27 -33.68 0.73
C LEU C 331 28.54 -34.50 0.94
N LYS C 332 29.66 -33.97 0.46
CA LYS C 332 30.95 -34.49 0.89
C LYS C 332 31.05 -34.37 2.42
N PRO C 333 31.90 -35.18 3.05
CA PRO C 333 31.97 -35.17 4.52
C PRO C 333 32.43 -33.84 5.10
N GLU C 334 33.44 -33.21 4.50
CA GLU C 334 33.92 -31.93 5.00
C GLU C 334 32.83 -30.87 4.90
N ALA C 335 32.24 -30.68 3.72
CA ALA C 335 31.17 -29.71 3.57
C ALA C 335 29.99 -30.04 4.47
N ARG C 336 29.71 -31.33 4.70
CA ARG C 336 28.64 -31.70 5.61
C ARG C 336 28.91 -31.21 7.03
N ARG C 337 30.18 -31.22 7.44
CA ARG C 337 30.53 -30.77 8.78
C ARG C 337 30.31 -29.27 8.93
N LYS C 338 30.74 -28.49 7.93
CA LYS C 338 30.56 -27.05 7.99
C LYS C 338 29.08 -26.71 8.14
N ILE C 339 28.23 -27.32 7.31
CA ILE C 339 26.84 -26.91 7.27
C ILE C 339 26.08 -27.37 8.50
N PHE C 340 26.44 -28.52 9.06
CA PHE C 340 25.74 -29.01 10.24
C PHE C 340 26.38 -28.56 11.55
N TYR C 341 27.61 -28.06 11.53
CA TYR C 341 28.29 -27.77 12.79
C TYR C 341 29.28 -26.62 12.71
N GLU C 342 30.30 -26.76 11.85
CA GLU C 342 31.41 -25.82 11.89
C GLU C 342 30.96 -24.39 11.61
N ASN C 343 30.10 -24.19 10.61
CA ASN C 343 29.74 -22.82 10.22
C ASN C 343 29.09 -22.08 11.37
N ALA C 344 28.10 -22.73 12.01
CA ALA C 344 27.41 -22.08 13.10
C ALA C 344 28.26 -22.04 14.37
N LYS C 345 29.20 -22.99 14.52
CA LYS C 345 30.12 -22.91 15.63
C LYS C 345 30.88 -21.59 15.59
N GLN C 346 31.50 -21.29 14.46
CA GLN C 346 32.32 -20.09 14.38
C GLN C 346 31.47 -18.83 14.34
N LEU C 347 30.26 -18.90 13.79
CA LEU C 347 29.39 -17.73 13.73
C LEU C 347 28.97 -17.27 15.12
N TYR C 348 28.49 -18.20 15.95
CA TYR C 348 28.02 -17.86 17.29
C TYR C 348 29.08 -18.06 18.36
N ARG C 349 30.34 -18.30 17.97
CA ARG C 349 31.47 -18.39 18.90
C ARG C 349 31.22 -19.41 20.02
N LEU C 350 30.89 -20.64 19.62
CA LEU C 350 30.38 -21.61 20.58
C LEU C 350 31.50 -22.54 21.08
N ASP C 351 31.38 -22.95 22.35
CA ASP C 351 32.34 -23.88 23.03
C ASP C 351 33.07 -23.14 24.17
N LYS D 5 17.70 -18.92 -38.80
CA LYS D 5 18.76 -18.41 -37.95
C LYS D 5 18.25 -17.78 -36.64
N ILE D 6 17.73 -16.54 -36.67
CA ILE D 6 17.47 -15.78 -35.45
C ILE D 6 16.09 -15.16 -35.44
N ILE D 7 15.36 -15.30 -34.32
CA ILE D 7 14.15 -14.52 -34.04
C ILE D 7 14.35 -13.75 -32.73
N ASP D 8 14.05 -12.45 -32.77
CA ASP D 8 14.16 -11.57 -31.58
C ASP D 8 12.76 -11.31 -31.09
N VAL D 9 12.49 -11.59 -29.82
CA VAL D 9 11.12 -11.56 -29.30
C VAL D 9 10.85 -10.32 -28.46
N ASP D 10 11.79 -9.37 -28.38
CA ASP D 10 11.55 -8.14 -27.61
C ASP D 10 12.40 -7.02 -28.20
N VAL D 11 11.79 -6.26 -29.13
CA VAL D 11 12.39 -5.10 -29.76
C VAL D 11 11.50 -3.88 -29.48
N HIS D 12 12.09 -2.83 -28.91
CA HIS D 12 11.30 -1.67 -28.44
C HIS D 12 11.27 -0.57 -29.50
N ASN D 13 10.28 -0.65 -30.38
CA ASN D 13 9.98 0.50 -31.21
C ASN D 13 9.51 1.65 -30.33
N GLU D 14 9.77 2.87 -30.73
CA GLU D 14 9.27 3.99 -29.98
C GLU D 14 8.65 5.02 -30.91
N GLN D 15 8.01 6.02 -30.32
CA GLN D 15 7.35 7.05 -31.13
C GLN D 15 7.00 8.26 -30.28
N ASP D 16 7.13 9.44 -30.85
CA ASP D 16 6.62 10.63 -30.17
C ASP D 16 5.17 10.40 -29.77
N ASP D 17 4.77 10.97 -28.66
CA ASP D 17 3.38 10.78 -28.17
C ASP D 17 2.39 11.22 -29.25
N ARG D 18 2.69 12.30 -29.98
CA ARG D 18 1.72 12.85 -30.96
C ARG D 18 1.63 12.00 -32.25
N ALA D 19 2.36 10.90 -32.33
CA ALA D 19 2.23 9.98 -33.48
C ALA D 19 0.96 9.16 -33.31
N LEU D 20 0.38 9.21 -32.12
CA LEU D 20 -0.85 8.46 -31.85
C LEU D 20 -2.06 9.36 -32.11
N LEU D 21 -1.85 10.67 -32.21
CA LEU D 21 -3.00 11.56 -32.45
C LEU D 21 -3.94 11.08 -33.55
N PRO D 22 -3.47 10.67 -34.75
CA PRO D 22 -4.43 10.29 -35.79
C PRO D 22 -5.22 9.02 -35.47
N TYR D 23 -4.84 8.30 -34.41
CA TYR D 23 -5.45 7.02 -34.07
C TYR D 23 -6.24 7.06 -32.78
N LEU D 24 -6.19 8.19 -32.09
CA LEU D 24 -6.77 8.27 -30.73
C LEU D 24 -8.14 8.93 -30.72
N GLN D 25 -9.08 8.30 -30.03
CA GLN D 25 -10.40 8.89 -29.85
C GLN D 25 -10.33 10.12 -28.96
N GLU D 26 -11.16 11.11 -29.28
CA GLU D 26 -11.48 12.14 -28.31
C GLU D 26 -12.21 11.49 -27.14
N PRO D 27 -12.12 12.06 -25.93
CA PRO D 27 -11.45 13.31 -25.58
C PRO D 27 -9.96 13.11 -25.28
N TRP D 28 -9.50 11.87 -25.33
CA TRP D 28 -8.10 11.61 -25.04
C TRP D 28 -7.20 12.23 -26.10
N ARG D 29 -7.63 12.24 -27.35
CA ARG D 29 -6.81 12.84 -28.39
C ARG D 29 -6.37 14.24 -28.00
N SER D 30 -7.30 15.05 -27.50
CA SER D 30 -7.00 16.44 -27.18
C SER D 30 -6.04 16.57 -25.98
N ARG D 31 -6.15 15.68 -25.00
CA ARG D 31 -5.23 15.75 -23.86
C ARG D 31 -3.80 15.48 -24.31
N VAL D 32 -3.61 14.47 -25.14
CA VAL D 32 -2.26 14.12 -25.58
C VAL D 32 -1.69 15.25 -26.44
N ALA D 33 -2.51 15.81 -27.32
CA ALA D 33 -2.05 16.92 -28.16
C ALA D 33 -1.59 18.09 -27.31
N ALA D 34 -2.16 18.23 -26.13
CA ALA D 34 -1.82 19.34 -25.28
C ALA D 34 -0.73 19.02 -24.28
N SER D 35 -0.75 17.83 -23.72
CA SER D 35 0.18 17.52 -22.65
C SER D 35 0.94 16.23 -22.83
N GLY D 36 0.79 15.61 -23.99
CA GLY D 36 1.41 14.34 -24.22
C GLY D 36 0.71 13.23 -23.50
N ILE D 37 1.29 12.05 -23.52
CA ILE D 37 0.73 10.94 -22.81
C ILE D 37 1.14 10.97 -21.36
N GLY D 38 0.16 10.89 -20.48
CA GLY D 38 0.48 10.90 -19.07
C GLY D 38 0.97 9.57 -18.50
N TYR D 39 2.16 9.14 -18.90
CA TYR D 39 2.74 7.93 -18.30
C TYR D 39 3.03 8.18 -16.82
N ALA D 40 2.79 7.16 -16.01
CA ALA D 40 3.04 7.22 -14.57
C ALA D 40 4.25 6.32 -14.31
N GLY D 41 5.45 6.93 -14.44
CA GLY D 41 6.69 6.17 -14.39
C GLY D 41 7.00 5.63 -13.01
N SER D 42 8.01 4.74 -12.99
CA SER D 42 8.41 4.10 -11.73
C SER D 42 9.07 5.08 -10.76
N GLY D 43 9.73 6.11 -11.28
CA GLY D 43 10.50 7.04 -10.48
C GLY D 43 11.95 6.68 -10.30
N TYR D 44 12.33 5.50 -10.78
CA TYR D 44 13.74 5.08 -10.72
C TYR D 44 14.36 5.32 -12.09
N TYR D 45 15.36 6.19 -12.14
CA TYR D 45 15.99 6.54 -13.43
C TYR D 45 17.44 6.07 -13.42
N SER D 46 17.88 5.48 -14.52
CA SER D 46 19.25 5.04 -14.65
C SER D 46 20.04 6.28 -14.86
N PRO D 47 20.96 6.56 -13.92
CA PRO D 47 21.61 7.84 -14.06
C PRO D 47 22.86 7.72 -14.84
N ILE D 48 22.81 6.99 -15.93
CA ILE D 48 24.01 6.78 -16.70
C ILE D 48 23.66 6.68 -18.18
N GLY D 49 22.59 5.95 -18.50
CA GLY D 49 22.15 5.84 -19.88
C GLY D 49 20.69 5.49 -19.97
N VAL D 50 20.33 4.53 -20.83
CA VAL D 50 18.95 4.08 -21.03
C VAL D 50 18.96 3.48 -22.41
N MET D 51 19.92 3.91 -23.22
CA MET D 51 20.05 3.41 -24.59
C MET D 51 21.41 2.83 -24.95
N LYS D 52 21.49 2.16 -26.09
CA LYS D 52 22.74 1.54 -26.53
C LYS D 52 23.57 2.41 -27.43
N LYS D 53 24.65 1.84 -27.95
CA LYS D 53 25.55 2.56 -28.83
C LYS D 53 24.88 2.86 -30.18
N ASP D 54 25.01 4.10 -30.65
CA ASP D 54 24.64 4.49 -32.02
C ASP D 54 23.16 4.23 -32.33
N SER D 55 22.30 4.25 -31.31
CA SER D 55 20.89 3.87 -31.51
C SER D 55 20.05 5.00 -32.08
N ILE D 56 20.33 6.25 -31.70
CA ILE D 56 19.52 7.41 -32.11
C ILE D 56 19.60 7.57 -33.61
N PRO D 57 18.43 7.45 -34.27
CA PRO D 57 18.46 7.47 -35.72
C PRO D 57 18.87 8.80 -36.29
N PRO D 58 19.14 8.81 -37.58
CA PRO D 58 19.43 10.08 -38.21
C PRO D 58 18.20 10.92 -38.08
N GLY D 59 18.33 12.22 -38.23
CA GLY D 59 17.16 13.07 -38.20
C GLY D 59 16.63 13.24 -36.80
N GLY D 60 17.32 12.64 -35.84
CA GLY D 60 16.88 12.74 -34.48
C GLY D 60 15.64 11.90 -34.21
N GLY D 61 15.16 11.96 -32.98
CA GLY D 61 14.04 11.14 -32.63
C GLY D 61 14.53 10.14 -31.62
N LYS D 62 13.62 9.60 -30.85
CA LYS D 62 13.99 8.63 -29.87
C LYS D 62 14.65 7.50 -30.59
N ALA D 63 15.59 6.86 -29.94
CA ALA D 63 16.19 5.68 -30.55
C ALA D 63 15.13 4.61 -30.75
N GLY D 64 15.30 3.81 -31.81
CA GLY D 64 14.28 2.83 -32.15
C GLY D 64 12.95 3.40 -32.60
N SER D 65 12.95 4.63 -33.09
CA SER D 65 11.70 5.32 -33.53
C SER D 65 11.60 5.41 -35.05
N ASP D 66 12.66 5.07 -35.77
CA ASP D 66 12.66 5.16 -37.24
C ASP D 66 12.62 3.75 -37.83
N PRO D 67 11.54 3.33 -38.47
CA PRO D 67 11.52 1.97 -39.03
C PRO D 67 12.67 1.69 -39.99
N ASP D 68 12.86 2.51 -41.02
CA ASP D 68 13.91 2.25 -42.01
C ASP D 68 15.26 2.06 -41.34
N TYR D 69 15.57 2.90 -40.34
CA TYR D 69 16.88 2.82 -39.70
C TYR D 69 16.98 1.59 -38.79
N MET D 70 15.87 1.16 -38.21
CA MET D 70 15.91 -0.07 -37.43
C MET D 70 16.10 -1.27 -38.35
N ILE D 71 15.48 -1.24 -39.54
CA ILE D 71 15.73 -2.27 -40.54
C ILE D 71 17.22 -2.33 -40.87
N LYS D 72 17.85 -1.17 -41.03
CA LYS D 72 19.29 -1.14 -41.35
C LYS D 72 20.11 -1.71 -40.20
N GLN D 73 20.04 -1.07 -39.03
CA GLN D 73 20.95 -1.41 -37.94
C GLN D 73 20.69 -2.80 -37.38
N LEU D 74 19.44 -3.24 -37.35
CA LEU D 74 19.05 -4.43 -36.59
C LEU D 74 18.58 -5.58 -37.48
N ILE D 75 17.56 -5.36 -38.31
CA ILE D 75 17.03 -6.48 -39.09
C ILE D 75 18.09 -7.02 -40.02
N GLU D 76 18.91 -6.14 -40.59
CA GLU D 76 19.98 -6.54 -41.49
C GLU D 76 21.34 -6.58 -40.82
N GLY D 77 21.61 -5.68 -39.87
CA GLY D 77 22.87 -5.72 -39.14
C GLY D 77 23.13 -7.06 -38.45
N TYR D 78 22.02 -7.74 -38.16
CA TYR D 78 22.06 -9.13 -37.65
C TYR D 78 21.05 -9.83 -38.56
N ASN D 79 21.25 -11.08 -38.96
CA ASN D 79 20.37 -11.70 -39.94
C ASN D 79 19.10 -12.19 -39.23
N LEU D 80 18.33 -11.23 -38.72
CA LEU D 80 17.10 -11.54 -38.01
C LEU D 80 16.03 -12.01 -39.02
N ASP D 81 15.49 -13.20 -38.79
CA ASP D 81 14.35 -13.63 -39.58
C ASP D 81 13.09 -12.88 -39.18
N TYR D 82 12.86 -12.69 -37.88
CA TYR D 82 11.72 -11.92 -37.41
C TYR D 82 12.11 -11.11 -36.18
N ALA D 83 11.41 -10.00 -35.99
CA ALA D 83 11.53 -9.18 -34.80
C ALA D 83 10.13 -8.91 -34.29
N VAL D 84 9.89 -9.15 -32.99
CA VAL D 84 8.61 -8.89 -32.36
C VAL D 84 8.65 -7.50 -31.72
N LEU D 85 7.97 -6.56 -32.34
CA LEU D 85 7.93 -5.19 -31.87
C LEU D 85 6.99 -5.08 -30.68
N THR D 86 7.53 -4.73 -29.51
CA THR D 86 6.77 -4.70 -28.28
C THR D 86 6.43 -3.29 -27.81
N GLY D 87 7.03 -2.25 -28.41
CA GLY D 87 6.79 -0.86 -28.04
C GLY D 87 7.07 -0.60 -26.56
N VAL D 88 6.44 0.46 -26.05
CA VAL D 88 6.61 0.88 -24.66
C VAL D 88 5.27 1.28 -24.06
N VAL D 89 4.18 1.12 -24.81
CA VAL D 89 2.89 1.66 -24.38
C VAL D 89 2.21 0.77 -23.34
N TYR D 90 2.54 -0.53 -23.29
CA TYR D 90 1.97 -1.40 -22.26
C TYR D 90 2.19 -0.87 -20.85
N ASN D 91 3.18 0.02 -20.67
CA ASN D 91 3.46 0.58 -19.35
C ASN D 91 2.32 1.43 -18.80
N ILE D 92 1.37 1.82 -19.65
CA ILE D 92 0.26 2.69 -19.28
C ILE D 92 -0.67 2.06 -18.25
N SER D 93 -0.50 0.77 -17.97
CA SER D 93 -1.30 0.12 -16.94
C SER D 93 -1.04 0.69 -15.56
N SER D 94 -0.05 1.56 -15.39
CA SER D 94 0.20 2.17 -14.09
C SER D 94 -0.59 3.45 -13.86
N THR D 95 -1.17 4.03 -14.91
CA THR D 95 -1.93 5.26 -14.75
C THR D 95 -3.28 4.96 -14.11
N HIS D 96 -3.98 6.01 -13.71
CA HIS D 96 -5.15 5.87 -12.85
C HIS D 96 -6.45 5.64 -13.60
N ASP D 97 -6.58 6.15 -14.81
CA ASP D 97 -7.85 6.19 -15.52
C ASP D 97 -7.94 5.01 -16.45
N PRO D 98 -8.76 3.99 -16.16
CA PRO D 98 -8.78 2.80 -17.04
C PRO D 98 -9.22 3.10 -18.47
N ASP D 99 -10.10 4.08 -18.67
CA ASP D 99 -10.55 4.35 -20.03
C ASP D 99 -9.46 5.02 -20.84
N TYR D 100 -8.78 6.00 -20.25
CA TYR D 100 -7.62 6.61 -20.91
C TYR D 100 -6.58 5.56 -21.26
N ALA D 101 -6.18 4.74 -20.27
CA ALA D 101 -5.16 3.73 -20.53
C ALA D 101 -5.53 2.86 -21.73
N ALA D 102 -6.74 2.32 -21.75
CA ALA D 102 -7.15 1.44 -22.83
C ALA D 102 -7.24 2.18 -24.17
N ALA D 103 -7.59 3.47 -24.15
CA ALA D 103 -7.68 4.20 -25.40
C ALA D 103 -6.30 4.47 -25.99
N ILE D 104 -5.30 4.65 -25.12
CA ILE D 104 -3.91 4.78 -25.56
C ILE D 104 -3.45 3.50 -26.22
N CYS D 105 -3.69 2.36 -25.56
CA CYS D 105 -3.29 1.09 -26.11
C CYS D 105 -3.97 0.85 -27.46
N SER D 106 -5.25 1.18 -27.55
CA SER D 106 -5.99 0.96 -28.78
C SER D 106 -5.41 1.84 -29.87
N ALA D 107 -5.24 3.13 -29.57
CA ALA D 107 -4.58 4.01 -30.52
C ALA D 107 -3.23 3.44 -30.97
N TYR D 108 -2.39 3.00 -30.01
CA TYR D 108 -1.05 2.54 -30.36
C TYR D 108 -1.09 1.30 -31.25
N ASN D 109 -2.02 0.39 -30.98
CA ASN D 109 -2.10 -0.84 -31.78
C ASN D 109 -2.45 -0.52 -33.25
N ASP D 110 -3.37 0.42 -33.48
CA ASP D 110 -3.66 0.82 -34.85
C ASP D 110 -2.44 1.48 -35.49
N TYR D 111 -1.74 2.32 -34.71
CA TYR D 111 -0.53 2.95 -35.22
C TYR D 111 0.51 1.91 -35.59
N LEU D 112 0.72 0.92 -34.74
CA LEU D 112 1.73 -0.09 -35.03
C LEU D 112 1.40 -0.84 -36.30
N ILE D 113 0.15 -1.28 -36.43
CA ILE D 113 -0.33 -1.91 -37.68
C ILE D 113 0.02 -1.04 -38.89
N ALA D 114 -0.37 0.24 -38.85
CA ALA D 114 -0.37 1.07 -40.05
C ALA D 114 1.02 1.57 -40.44
N GLU D 115 1.92 1.76 -39.48
CA GLU D 115 3.19 2.40 -39.79
C GLU D 115 4.43 1.58 -39.48
N TRP D 116 4.28 0.33 -39.00
CA TRP D 116 5.43 -0.54 -38.76
C TRP D 116 5.26 -1.93 -39.39
N LEU D 117 4.18 -2.63 -39.05
CA LEU D 117 4.12 -4.05 -39.37
C LEU D 117 4.17 -4.29 -40.88
N GLY D 118 3.68 -3.35 -41.68
CA GLY D 118 3.76 -3.51 -43.12
C GLY D 118 5.12 -3.21 -43.73
N LYS D 119 5.98 -2.50 -43.03
CA LYS D 119 7.25 -2.08 -43.61
C LYS D 119 8.30 -3.17 -43.83
N HIS D 120 8.06 -4.37 -43.32
CA HIS D 120 9.00 -5.46 -43.48
C HIS D 120 8.37 -6.76 -43.06
N LYS D 121 8.73 -7.83 -43.73
CA LYS D 121 8.17 -9.12 -43.43
C LYS D 121 8.64 -9.62 -42.08
N ALA D 122 9.79 -9.16 -41.63
CA ALA D 122 10.32 -9.56 -40.35
C ALA D 122 9.57 -8.93 -39.21
N PHE D 123 8.93 -7.80 -39.47
CA PHE D 123 8.26 -7.09 -38.38
C PHE D 123 6.98 -7.82 -38.00
N LYS D 124 6.93 -8.32 -36.77
CA LYS D 124 5.70 -8.77 -36.14
C LYS D 124 5.41 -7.85 -34.96
N GLY D 125 4.22 -8.00 -34.36
CA GLY D 125 3.81 -7.08 -33.31
C GLY D 125 3.13 -7.72 -32.12
N ALA D 126 3.40 -7.19 -30.93
CA ALA D 126 2.62 -7.46 -29.72
C ALA D 126 1.57 -6.37 -29.57
N LEU D 127 0.34 -6.76 -29.32
CA LEU D 127 -0.69 -5.77 -29.09
C LEU D 127 -0.72 -5.48 -27.59
N ALA D 128 -0.78 -4.19 -27.25
CA ALA D 128 -0.80 -3.74 -25.87
C ALA D 128 -2.23 -3.62 -25.36
N VAL D 129 -2.46 -4.09 -24.12
CA VAL D 129 -3.70 -3.80 -23.42
C VAL D 129 -3.38 -3.32 -22.01
N ALA D 130 -4.26 -2.48 -21.48
CA ALA D 130 -4.17 -1.97 -20.11
C ALA D 130 -4.95 -2.89 -19.16
N THR D 131 -4.41 -3.10 -17.94
CA THR D 131 -4.99 -4.09 -17.04
C THR D 131 -5.92 -3.50 -16.01
N GLN D 132 -6.03 -2.17 -15.91
CA GLN D 132 -6.98 -1.59 -14.98
C GLN D 132 -8.39 -2.13 -15.23
N ASP D 133 -8.75 -2.30 -16.51
CA ASP D 133 -10.06 -2.83 -16.89
C ASP D 133 -9.86 -4.05 -17.77
N PRO D 134 -9.76 -5.23 -17.18
CA PRO D 134 -9.62 -6.43 -18.02
C PRO D 134 -10.71 -6.59 -19.07
N LEU D 135 -11.91 -6.05 -18.85
CA LEU D 135 -12.97 -6.21 -19.87
C LEU D 135 -12.64 -5.41 -21.12
N LEU D 136 -12.19 -4.16 -20.95
CA LEU D 136 -11.76 -3.33 -22.07
C LEU D 136 -10.56 -3.95 -22.80
N ALA D 137 -9.67 -4.60 -22.05
CA ALA D 137 -8.53 -5.24 -22.69
C ALA D 137 -8.96 -6.43 -23.54
N ALA D 138 -9.88 -7.24 -23.02
CA ALA D 138 -10.43 -8.34 -23.81
C ALA D 138 -11.14 -7.81 -25.06
N ARG D 139 -11.80 -6.66 -24.97
CA ARG D 139 -12.38 -6.07 -26.17
C ARG D 139 -11.30 -5.78 -27.21
N GLU D 140 -10.23 -5.09 -26.80
CA GLU D 140 -9.15 -4.75 -27.72
C GLU D 140 -8.52 -6.01 -28.31
N ILE D 141 -8.37 -7.06 -27.51
CA ILE D 141 -7.78 -8.30 -28.00
C ILE D 141 -8.66 -8.91 -29.08
N ASP D 142 -9.97 -8.95 -28.86
CA ASP D 142 -10.86 -9.50 -29.88
C ASP D 142 -10.95 -8.58 -31.09
N ARG D 143 -10.77 -7.27 -30.89
CA ARG D 143 -10.90 -6.34 -32.00
C ARG D 143 -9.75 -6.49 -33.00
N ILE D 144 -8.53 -6.69 -32.52
CA ILE D 144 -7.38 -6.49 -33.37
C ILE D 144 -6.47 -7.71 -33.34
N GLY D 145 -6.77 -8.66 -32.47
CA GLY D 145 -5.90 -9.82 -32.33
C GLY D 145 -5.74 -10.62 -33.59
N GLY D 146 -6.75 -10.60 -34.45
CA GLY D 146 -6.74 -11.43 -35.65
C GLY D 146 -5.83 -10.94 -36.77
N HIS D 147 -5.33 -9.71 -36.68
CA HIS D 147 -4.44 -9.22 -37.73
C HIS D 147 -3.26 -10.18 -37.91
N PRO D 148 -2.91 -10.52 -39.15
CA PRO D 148 -1.96 -11.63 -39.37
C PRO D 148 -0.57 -11.37 -38.82
N ASP D 149 -0.16 -10.12 -38.64
CA ASP D 149 1.17 -9.83 -38.13
C ASP D 149 1.22 -9.62 -36.61
N ILE D 150 0.07 -9.63 -35.94
CA ILE D 150 0.01 -9.53 -34.48
C ILE D 150 0.11 -10.93 -33.91
N VAL D 151 1.15 -11.18 -33.11
CA VAL D 151 1.48 -12.54 -32.67
C VAL D 151 1.37 -12.73 -31.17
N GLU D 152 1.15 -11.68 -30.38
CA GLU D 152 0.94 -11.90 -28.95
C GLU D 152 0.23 -10.68 -28.37
N VAL D 153 -0.20 -10.82 -27.13
CA VAL D 153 -0.66 -9.74 -26.29
C VAL D 153 0.49 -9.40 -25.37
N MET D 154 0.63 -8.12 -25.02
CA MET D 154 1.66 -7.69 -24.09
C MET D 154 0.98 -6.87 -23.00
N ILE D 155 1.33 -7.16 -21.74
CA ILE D 155 0.85 -6.41 -20.58
C ILE D 155 2.03 -6.11 -19.66
N SER D 156 1.84 -5.09 -18.82
CA SER D 156 2.82 -4.68 -17.82
C SER D 156 2.75 -5.62 -16.61
N SER D 157 3.89 -5.83 -15.97
CA SER D 157 3.94 -6.60 -14.69
C SER D 157 3.57 -5.66 -13.55
N ALA D 158 3.46 -4.36 -13.84
CA ALA D 158 3.01 -3.41 -12.83
C ALA D 158 1.47 -3.42 -12.80
N ALA D 159 0.92 -4.35 -12.03
CA ALA D 159 -0.52 -4.48 -11.84
C ALA D 159 -0.94 -3.93 -10.47
N ARG D 160 -2.24 -4.02 -10.18
CA ARG D 160 -2.78 -3.64 -8.88
C ARG D 160 -3.04 -4.83 -7.96
N SER D 161 -2.74 -6.06 -8.41
CA SER D 161 -2.84 -7.26 -7.59
C SER D 161 -2.15 -8.38 -8.36
N PRO D 162 -2.01 -9.58 -7.79
CA PRO D 162 -1.31 -10.65 -8.53
C PRO D 162 -2.06 -11.04 -9.79
N LEU D 163 -1.31 -11.29 -10.86
CA LEU D 163 -1.95 -11.37 -12.17
C LEU D 163 -2.75 -12.64 -12.38
N GLY D 164 -2.75 -13.58 -11.43
CA GLY D 164 -3.53 -14.79 -11.58
C GLY D 164 -4.94 -14.71 -11.03
N GLN D 165 -5.26 -13.63 -10.34
CA GLN D 165 -6.55 -13.48 -9.70
C GLN D 165 -7.66 -13.22 -10.71
N ARG D 166 -8.87 -13.67 -10.36
CA ARG D 166 -9.95 -13.80 -11.33
C ARG D 166 -10.26 -12.47 -12.02
N HIS D 167 -9.98 -11.35 -11.34
CA HIS D 167 -10.19 -10.03 -11.93
C HIS D 167 -9.58 -9.93 -13.34
N TYR D 168 -8.42 -10.55 -13.57
CA TYR D 168 -7.72 -10.44 -14.84
C TYR D 168 -8.08 -11.52 -15.85
N HIS D 169 -8.91 -12.49 -15.48
CA HIS D 169 -9.10 -13.63 -16.37
C HIS D 169 -9.67 -13.28 -17.75
N PRO D 170 -10.47 -12.23 -17.93
CA PRO D 170 -10.94 -11.94 -19.30
C PRO D 170 -9.80 -11.67 -20.29
N ILE D 171 -8.65 -11.19 -19.82
CA ILE D 171 -7.50 -11.04 -20.72
C ILE D 171 -7.04 -12.41 -21.21
N TYR D 172 -6.90 -13.37 -20.28
CA TYR D 172 -6.44 -14.71 -20.64
C TYR D 172 -7.48 -15.46 -21.47
N GLU D 173 -8.77 -15.28 -21.17
CA GLU D 173 -9.80 -15.94 -21.96
C GLU D 173 -9.71 -15.48 -23.41
N ALA D 174 -9.60 -14.17 -23.63
CA ALA D 174 -9.59 -13.66 -25.00
C ALA D 174 -8.28 -13.98 -25.70
N ALA D 175 -7.15 -13.90 -24.99
CA ALA D 175 -5.89 -14.26 -25.64
C ALA D 175 -5.91 -15.73 -26.05
N ALA D 176 -6.23 -16.62 -25.11
CA ALA D 176 -6.20 -18.03 -25.44
C ALA D 176 -7.15 -18.34 -26.59
N ARG D 177 -8.34 -17.76 -26.55
CA ARG D 177 -9.33 -18.02 -27.59
C ARG D 177 -8.85 -17.55 -28.96
N ASN D 178 -8.04 -16.49 -29.01
CA ASN D 178 -7.48 -16.01 -30.26
C ASN D 178 -6.13 -16.65 -30.61
N GLY D 179 -5.71 -17.67 -29.88
CA GLY D 179 -4.40 -18.26 -30.13
C GLY D 179 -3.22 -17.32 -29.93
N LEU D 180 -3.34 -16.31 -29.06
CA LEU D 180 -2.28 -15.32 -28.84
C LEU D 180 -1.60 -15.56 -27.49
N PRO D 181 -0.29 -15.80 -27.41
CA PRO D 181 0.33 -15.85 -26.09
C PRO D 181 0.14 -14.50 -25.41
N VAL D 182 0.19 -14.53 -24.08
CA VAL D 182 0.23 -13.30 -23.26
C VAL D 182 1.65 -13.13 -22.74
N ALA D 183 2.28 -12.04 -23.13
CA ALA D 183 3.61 -11.71 -22.69
C ALA D 183 3.54 -10.68 -21.56
N ILE D 184 4.51 -10.75 -20.63
CA ILE D 184 4.57 -9.83 -19.50
C ILE D 184 5.94 -9.17 -19.47
N HIS D 185 5.96 -7.86 -19.25
CA HIS D 185 7.16 -7.05 -19.41
C HIS D 185 7.19 -5.99 -18.33
N PRO D 186 8.32 -5.79 -17.66
CA PRO D 186 8.39 -4.81 -16.56
C PRO D 186 8.71 -3.41 -17.06
N GLY D 187 8.84 -2.47 -16.12
CA GLY D 187 9.21 -1.13 -16.51
C GLY D 187 8.50 -0.06 -15.71
N ALA D 188 7.30 -0.37 -15.22
CA ALA D 188 6.48 0.67 -14.55
C ALA D 188 6.15 0.29 -13.11
N GLU D 189 6.77 -0.75 -12.59
CA GLU D 189 6.43 -1.26 -11.24
C GLU D 189 6.55 -0.17 -10.18
N GLY D 190 5.51 -0.04 -9.35
CA GLY D 190 5.51 0.96 -8.27
C GLY D 190 4.93 2.28 -8.71
N GLY D 191 4.77 2.47 -10.03
CA GLY D 191 4.31 3.78 -10.55
C GLY D 191 2.81 3.96 -10.43
N GLY D 192 2.33 5.21 -10.56
CA GLY D 192 0.89 5.49 -10.50
C GLY D 192 0.18 4.70 -9.42
N SER D 193 -0.88 3.96 -9.79
CA SER D 193 -1.67 3.20 -8.80
C SER D 193 -1.27 1.72 -8.85
N SER D 194 -0.01 1.43 -9.18
CA SER D 194 0.46 0.02 -9.24
C SER D 194 0.98 -0.41 -7.87
N THR D 195 1.04 -1.72 -7.60
CA THR D 195 1.51 -2.25 -6.31
C THR D 195 2.91 -1.70 -6.04
N ALA D 196 3.31 -1.64 -4.76
CA ALA D 196 4.68 -1.26 -4.46
C ALA D 196 5.66 -2.19 -5.18
N PRO D 197 6.82 -1.68 -5.63
CA PRO D 197 7.63 -2.42 -6.63
C PRO D 197 8.38 -3.63 -6.09
N THR D 198 8.51 -3.79 -4.78
CA THR D 198 9.08 -5.00 -4.20
C THR D 198 8.22 -5.41 -3.01
N ALA D 199 8.35 -6.67 -2.62
CA ALA D 199 7.62 -7.15 -1.44
C ALA D 199 7.98 -6.35 -0.20
N ALA D 200 9.14 -5.70 -0.17
CA ALA D 200 9.60 -4.92 0.97
C ALA D 200 9.21 -3.47 0.86
N GLY D 201 8.50 -3.08 -0.22
CA GLY D 201 8.18 -1.68 -0.46
C GLY D 201 9.11 -1.05 -1.49
N TYR D 202 9.37 0.26 -1.33
CA TYR D 202 10.06 1.05 -2.35
C TYR D 202 11.55 1.17 -2.03
N PRO D 203 12.44 0.69 -2.88
CA PRO D 203 13.87 0.90 -2.65
C PRO D 203 14.26 2.33 -2.95
N THR D 204 15.46 2.70 -2.53
CA THR D 204 15.86 4.08 -2.77
C THR D 204 16.51 4.30 -4.13
N ARG D 205 17.08 3.26 -4.76
CA ARG D 205 17.91 3.45 -5.95
C ARG D 205 17.52 2.53 -7.10
N TYR D 206 17.82 3.01 -8.31
CA TYR D 206 17.53 2.24 -9.53
C TYR D 206 18.18 0.87 -9.51
N ILE D 207 19.42 0.75 -9.03
CA ILE D 207 20.06 -0.56 -8.99
C ILE D 207 19.21 -1.55 -8.20
N GLU D 208 18.58 -1.09 -7.12
CA GLU D 208 17.72 -2.00 -6.36
C GLU D 208 16.44 -2.30 -7.13
N TRP D 209 15.75 -1.24 -7.55
CA TRP D 209 14.50 -1.43 -8.26
C TRP D 209 14.69 -2.40 -9.42
N HIS D 210 15.74 -2.21 -10.22
CA HIS D 210 15.95 -3.08 -11.37
C HIS D 210 16.22 -4.52 -10.94
N THR D 211 17.13 -4.69 -9.97
CA THR D 211 17.48 -6.04 -9.54
C THR D 211 16.25 -6.81 -9.07
N CYS D 212 15.33 -6.13 -8.36
CA CYS D 212 14.18 -6.81 -7.79
C CYS D 212 13.05 -7.12 -8.78
N LEU D 213 13.14 -6.67 -10.04
CA LEU D 213 12.04 -6.89 -10.97
C LEU D 213 11.72 -8.38 -11.14
N SER D 214 12.75 -9.23 -11.15
CA SER D 214 12.53 -10.67 -11.19
C SER D 214 11.50 -11.13 -10.14
N GLN D 215 11.47 -10.48 -8.98
CA GLN D 215 10.57 -10.95 -7.93
C GLN D 215 9.13 -10.64 -8.27
N MET D 216 8.89 -9.56 -9.03
CA MET D 216 7.55 -9.29 -9.52
C MET D 216 7.08 -10.46 -10.38
N PHE D 217 7.90 -10.88 -11.34
CA PHE D 217 7.59 -12.02 -12.18
C PHE D 217 7.30 -13.27 -11.36
N MET D 218 8.08 -13.51 -10.28
CA MET D 218 7.84 -14.72 -9.51
C MET D 218 6.48 -14.68 -8.82
N ALA D 219 6.12 -13.55 -8.23
CA ALA D 219 4.84 -13.48 -7.54
C ALA D 219 3.68 -13.64 -8.51
N HIS D 220 3.76 -13.01 -9.70
CA HIS D 220 2.73 -13.22 -10.71
C HIS D 220 2.68 -14.68 -11.14
N LEU D 221 3.85 -15.28 -11.39
CA LEU D 221 3.87 -16.64 -11.90
C LEU D 221 3.26 -17.60 -10.89
N VAL D 222 3.58 -17.42 -9.60
CA VAL D 222 3.02 -18.29 -8.57
C VAL D 222 1.50 -18.13 -8.53
N SER D 223 1.03 -16.90 -8.67
CA SER D 223 -0.40 -16.66 -8.68
C SER D 223 -1.06 -17.25 -9.92
N MET D 224 -0.44 -17.07 -11.09
CA MET D 224 -1.05 -17.61 -12.30
C MET D 224 -1.18 -19.13 -12.19
N VAL D 225 -0.17 -19.80 -11.65
CA VAL D 225 -0.21 -21.27 -11.55
C VAL D 225 -1.20 -21.69 -10.46
N CYS D 226 -1.12 -21.07 -9.28
CA CYS D 226 -1.91 -21.55 -8.16
C CYS D 226 -3.38 -21.22 -8.30
N GLU D 227 -3.73 -20.06 -8.87
CA GLU D 227 -5.14 -19.82 -9.19
C GLU D 227 -5.68 -20.70 -10.34
N GLY D 228 -4.87 -21.60 -10.90
CA GLY D 228 -5.36 -22.48 -11.95
C GLY D 228 -5.62 -21.78 -13.27
N VAL D 229 -4.95 -20.67 -13.54
CA VAL D 229 -5.13 -19.99 -14.82
C VAL D 229 -4.95 -21.00 -15.95
N PHE D 230 -3.94 -21.85 -15.85
CA PHE D 230 -3.64 -22.82 -16.88
C PHE D 230 -4.57 -24.03 -16.86
N VAL D 231 -5.38 -24.16 -15.81
CA VAL D 231 -6.48 -25.12 -15.84
C VAL D 231 -7.71 -24.50 -16.51
N LYS D 232 -7.99 -23.22 -16.24
CA LYS D 232 -9.16 -22.59 -16.84
C LYS D 232 -8.94 -22.34 -18.33
N TYR D 233 -7.70 -22.05 -18.73
CA TYR D 233 -7.34 -21.75 -20.12
C TYR D 233 -6.13 -22.59 -20.48
N PRO D 234 -6.34 -23.90 -20.75
CA PRO D 234 -5.22 -24.79 -21.05
C PRO D 234 -4.56 -24.54 -22.40
N ASN D 235 -5.13 -23.72 -23.29
CA ASN D 235 -4.37 -23.29 -24.46
C ASN D 235 -3.49 -22.09 -24.19
N LEU D 236 -3.62 -21.48 -23.00
CA LEU D 236 -2.90 -20.26 -22.68
C LEU D 236 -1.40 -20.51 -22.68
N LYS D 237 -0.66 -19.63 -23.35
CA LYS D 237 0.79 -19.57 -23.25
C LYS D 237 1.17 -18.21 -22.68
N VAL D 238 2.19 -18.20 -21.82
CA VAL D 238 2.64 -16.99 -21.15
C VAL D 238 4.14 -16.83 -21.38
N VAL D 239 4.54 -15.60 -21.67
CA VAL D 239 5.92 -15.26 -21.99
C VAL D 239 6.35 -14.23 -20.96
N LEU D 240 7.32 -14.59 -20.12
CA LEU D 240 7.92 -13.67 -19.15
C LEU D 240 9.11 -12.97 -19.81
N VAL D 241 8.94 -11.71 -20.17
CA VAL D 241 9.92 -10.97 -20.95
C VAL D 241 10.75 -10.08 -20.04
N GLU D 242 12.07 -10.30 -20.04
CA GLU D 242 13.04 -9.37 -19.46
C GLU D 242 13.00 -9.38 -17.93
N GLY D 243 12.84 -10.56 -17.35
CA GLY D 243 12.89 -10.69 -15.91
C GLY D 243 13.89 -11.72 -15.42
N GLY D 244 14.90 -12.02 -16.24
CA GLY D 244 15.90 -13.00 -15.86
C GLY D 244 15.45 -14.44 -16.07
N VAL D 245 16.35 -15.36 -15.74
CA VAL D 245 16.10 -16.78 -15.90
C VAL D 245 16.58 -17.62 -14.70
N ALA D 246 17.73 -17.24 -14.13
CA ALA D 246 18.38 -18.11 -13.14
C ALA D 246 17.55 -18.32 -11.88
N TRP D 247 16.53 -17.49 -11.61
CA TRP D 247 15.70 -17.71 -10.43
C TRP D 247 14.73 -18.88 -10.60
N LEU D 248 14.52 -19.36 -11.84
CA LEU D 248 13.39 -20.25 -12.09
C LEU D 248 13.52 -21.61 -11.36
N PRO D 249 14.70 -22.23 -11.35
CA PRO D 249 14.83 -23.52 -10.62
C PRO D 249 14.39 -23.46 -9.17
N GLY D 250 14.79 -22.41 -8.43
CA GLY D 250 14.45 -22.36 -7.02
C GLY D 250 12.97 -22.14 -6.81
N LEU D 251 12.36 -21.33 -7.66
CA LEU D 251 10.91 -21.16 -7.59
C LEU D 251 10.21 -22.49 -7.85
N MET D 252 10.64 -23.22 -8.89
CA MET D 252 10.02 -24.49 -9.23
C MET D 252 10.16 -25.50 -8.07
N TRP D 253 11.38 -25.65 -7.55
CA TRP D 253 11.63 -26.59 -6.45
C TRP D 253 10.80 -26.24 -5.22
N ARG D 254 10.82 -24.97 -4.82
CA ARG D 254 10.05 -24.56 -3.64
C ARG D 254 8.55 -24.71 -3.88
N LEU D 255 8.05 -24.16 -4.99
CA LEU D 255 6.63 -24.28 -5.32
C LEU D 255 6.19 -25.74 -5.33
N ASP D 256 6.97 -26.61 -5.92
CA ASP D 256 6.59 -28.00 -6.00
C ASP D 256 6.58 -28.69 -4.64
N LYS D 257 7.54 -28.37 -3.80
CA LYS D 257 7.56 -28.97 -2.47
C LYS D 257 6.37 -28.49 -1.65
N ASN D 258 6.01 -27.22 -1.79
CA ASN D 258 4.82 -26.76 -1.10
C ASN D 258 3.57 -27.41 -1.66
N TYR D 259 3.53 -27.62 -2.98
CA TYR D 259 2.40 -28.32 -3.58
C TYR D 259 2.25 -29.72 -3.01
N LYS D 260 3.38 -30.43 -2.85
CA LYS D 260 3.30 -31.75 -2.24
C LYS D 260 2.58 -31.70 -0.89
N ALA D 261 2.77 -30.62 -0.12
CA ALA D 261 2.13 -30.56 1.19
C ALA D 261 0.74 -29.96 1.15
N LEU D 262 0.43 -29.10 0.18
CA LEU D 262 -0.79 -28.31 0.22
C LEU D 262 -1.70 -28.54 -0.98
N ARG D 263 -1.48 -29.63 -1.73
CA ARG D 263 -2.21 -29.81 -2.99
C ARG D 263 -3.72 -29.75 -2.78
N ALA D 264 -4.20 -30.29 -1.66
CA ALA D 264 -5.64 -30.34 -1.46
C ALA D 264 -6.28 -28.96 -1.40
N THR D 265 -5.49 -27.89 -1.13
CA THR D 265 -6.03 -26.54 -1.12
C THR D 265 -6.12 -25.92 -2.52
N VAL D 266 -5.54 -26.59 -3.50
CA VAL D 266 -5.43 -26.08 -4.85
C VAL D 266 -5.80 -27.27 -5.74
N PRO D 267 -7.00 -27.84 -5.56
CA PRO D 267 -7.30 -29.18 -6.10
C PRO D 267 -7.57 -29.20 -7.60
N TRP D 268 -7.84 -28.04 -8.20
CA TRP D 268 -7.93 -27.95 -9.65
C TRP D 268 -6.63 -28.37 -10.34
N LEU D 269 -5.53 -28.45 -9.62
CA LEU D 269 -4.23 -28.73 -10.24
C LEU D 269 -4.05 -30.23 -10.33
N THR D 270 -3.85 -30.72 -11.52
CA THR D 270 -3.71 -32.14 -11.76
C THR D 270 -2.28 -32.52 -12.04
N ARG D 271 -1.27 -31.80 -11.73
CA ARG D 271 0.15 -32.07 -11.88
C ARG D 271 0.95 -30.94 -11.26
N MET D 272 2.16 -31.19 -11.10
CA MET D 272 3.02 -30.33 -10.34
C MET D 272 3.07 -28.91 -10.95
N PRO D 273 3.14 -27.89 -10.08
CA PRO D 273 3.22 -26.53 -10.63
C PRO D 273 4.39 -26.36 -11.59
N SER D 274 5.48 -27.05 -11.38
CA SER D 274 6.62 -26.98 -12.26
C SER D 274 6.28 -27.38 -13.67
N GLU D 275 5.43 -28.37 -13.81
CA GLU D 275 5.04 -28.87 -15.13
C GLU D 275 4.09 -27.93 -15.84
N TYR D 276 3.23 -27.22 -15.09
CA TYR D 276 2.47 -26.15 -15.70
C TYR D 276 3.40 -25.09 -16.28
N ILE D 277 4.45 -24.74 -15.54
CA ILE D 277 5.34 -23.68 -15.98
C ILE D 277 6.11 -24.11 -17.22
N ARG D 278 6.63 -25.34 -17.22
CA ARG D 278 7.38 -25.85 -18.35
C ARG D 278 6.50 -26.01 -19.60
N ASP D 279 5.22 -26.32 -19.41
CA ASP D 279 4.34 -26.59 -20.58
C ASP D 279 3.63 -25.32 -21.06
N HIS D 280 3.56 -24.28 -20.23
CA HIS D 280 2.81 -23.10 -20.60
C HIS D 280 3.64 -21.82 -20.71
N CYS D 281 4.84 -21.77 -20.16
CA CYS D 281 5.54 -20.51 -19.99
C CYS D 281 6.84 -20.47 -20.79
N TYR D 282 7.21 -19.26 -21.17
CA TYR D 282 8.49 -19.00 -21.79
C TYR D 282 9.16 -17.86 -21.05
N LEU D 283 10.48 -17.79 -21.16
CA LEU D 283 11.26 -16.68 -20.62
C LEU D 283 12.20 -16.21 -21.71
N SER D 284 12.30 -14.89 -21.86
CA SER D 284 13.30 -14.31 -22.75
C SER D 284 14.65 -14.23 -22.03
N THR D 285 15.72 -14.21 -22.84
CA THR D 285 17.07 -14.34 -22.32
C THR D 285 17.70 -13.02 -21.93
N GLN D 286 17.27 -11.93 -22.51
CA GLN D 286 17.80 -10.62 -22.17
C GLN D 286 17.13 -10.10 -20.91
N PRO D 287 17.90 -9.55 -19.93
CA PRO D 287 19.36 -9.49 -19.88
C PRO D 287 19.98 -10.79 -19.35
N ILE D 288 20.94 -11.34 -20.07
CA ILE D 288 21.45 -12.66 -19.73
C ILE D 288 22.29 -12.58 -18.46
N GLU D 289 22.02 -13.48 -17.51
CA GLU D 289 22.88 -13.60 -16.34
C GLU D 289 24.25 -14.11 -16.76
N GLU D 290 25.30 -13.54 -16.15
CA GLU D 290 26.68 -13.84 -16.51
C GLU D 290 27.48 -14.31 -15.29
N PRO D 291 27.26 -15.55 -14.84
CA PRO D 291 28.18 -16.13 -13.85
C PRO D 291 29.61 -16.06 -14.34
N ASP D 292 30.56 -16.03 -13.39
CA ASP D 292 31.97 -16.07 -13.78
C ASP D 292 32.25 -17.27 -14.67
N ASN D 293 31.67 -18.43 -14.35
CA ASN D 293 31.75 -19.58 -15.26
C ASN D 293 30.47 -19.67 -16.08
N PRO D 294 30.46 -19.21 -17.33
CA PRO D 294 29.21 -19.24 -18.12
C PRO D 294 28.54 -20.60 -18.18
N GLN D 295 29.31 -21.69 -18.13
CA GLN D 295 28.71 -23.02 -18.09
C GLN D 295 27.78 -23.20 -16.92
N HIS D 296 27.90 -22.38 -15.88
CA HIS D 296 27.03 -22.56 -14.71
C HIS D 296 25.58 -22.24 -15.05
N LEU D 297 25.36 -21.22 -15.90
CA LEU D 297 24.00 -20.87 -16.29
C LEU D 297 23.39 -21.97 -17.18
N ILE D 298 24.18 -22.53 -18.09
CA ILE D 298 23.68 -23.63 -18.93
C ILE D 298 23.38 -24.86 -18.09
N ASP D 299 24.25 -25.19 -17.13
CA ASP D 299 23.95 -26.28 -16.21
C ASP D 299 22.63 -26.05 -15.52
N LEU D 300 22.29 -24.79 -15.29
CA LEU D 300 21.06 -24.47 -14.57
C LEU D 300 19.83 -24.62 -15.46
N PHE D 301 19.90 -24.18 -16.72
CA PHE D 301 18.82 -24.49 -17.67
C PHE D 301 18.53 -25.98 -17.66
N ASN D 302 19.59 -26.77 -17.74
CA ASN D 302 19.42 -28.18 -17.98
C ASN D 302 18.90 -28.93 -16.76
N MET D 303 19.02 -28.37 -15.58
CA MET D 303 18.49 -29.02 -14.40
C MET D 303 16.98 -29.04 -14.46
N ILE D 304 16.38 -28.03 -15.08
CA ILE D 304 14.94 -27.93 -15.12
C ILE D 304 14.38 -28.13 -16.51
N ASP D 305 15.15 -28.75 -17.40
CA ASP D 305 14.73 -28.98 -18.78
C ASP D 305 14.11 -27.74 -19.34
N ALA D 306 14.93 -26.75 -19.56
CA ALA D 306 14.39 -25.48 -19.99
C ALA D 306 14.70 -25.13 -21.44
N GLU D 307 15.42 -25.97 -22.17
CA GLU D 307 15.92 -25.53 -23.47
C GLU D 307 14.79 -25.20 -24.44
N ASN D 308 13.57 -25.68 -24.17
CA ASN D 308 12.44 -25.38 -25.05
C ASN D 308 11.63 -24.17 -24.58
N MET D 309 11.87 -23.64 -23.37
CA MET D 309 11.13 -22.48 -22.90
C MET D 309 11.87 -21.16 -23.08
N LEU D 310 13.15 -21.19 -23.44
CA LEU D 310 13.93 -19.96 -23.50
C LEU D 310 13.79 -19.31 -24.88
N LEU D 311 13.65 -17.98 -24.89
CA LEU D 311 13.48 -17.22 -26.12
C LEU D 311 14.54 -16.14 -26.18
N TYR D 312 15.31 -16.11 -27.27
CA TYR D 312 16.30 -15.08 -27.46
C TYR D 312 15.65 -13.72 -27.72
N SER D 313 16.20 -12.68 -27.11
CA SER D 313 15.81 -11.32 -27.43
C SER D 313 17.02 -10.44 -27.21
N SER D 314 16.99 -9.25 -27.79
CA SER D 314 18.13 -8.32 -27.68
C SER D 314 17.73 -7.08 -26.88
N ASP D 315 16.43 -6.83 -26.74
CA ASP D 315 15.96 -5.61 -26.07
C ASP D 315 16.55 -4.36 -26.71
N TYR D 316 16.80 -4.41 -28.01
CA TYR D 316 17.23 -3.23 -28.75
C TYR D 316 16.22 -2.11 -28.56
N PRO D 317 16.68 -0.86 -28.30
CA PRO D 317 18.09 -0.47 -28.14
C PRO D 317 18.45 -0.02 -26.72
N HIS D 318 18.14 -0.81 -25.69
CA HIS D 318 18.37 -0.39 -24.31
C HIS D 318 19.85 -0.56 -23.94
N TRP D 319 20.18 -0.20 -22.69
CA TRP D 319 21.59 -0.19 -22.28
C TRP D 319 22.12 -1.59 -22.00
N ASP D 320 21.31 -2.49 -21.45
CA ASP D 320 21.75 -3.88 -21.27
C ASP D 320 21.48 -4.70 -22.51
N PHE D 321 21.48 -4.05 -23.69
CA PHE D 321 21.27 -4.73 -24.97
C PHE D 321 22.19 -5.93 -25.12
N ASP D 322 21.65 -7.02 -25.67
CA ASP D 322 22.36 -8.28 -25.85
C ASP D 322 22.57 -8.52 -27.35
N SER D 323 23.84 -8.50 -27.79
CA SER D 323 24.16 -8.81 -29.19
C SER D 323 24.04 -10.33 -29.42
N PRO D 324 23.58 -10.75 -30.64
CA PRO D 324 23.32 -12.18 -30.87
C PRO D 324 24.51 -13.10 -30.60
N GLY D 325 25.63 -12.88 -31.29
CA GLY D 325 26.76 -13.79 -31.19
C GLY D 325 27.48 -13.77 -29.86
N HIS D 326 26.99 -13.03 -28.86
CA HIS D 326 27.69 -12.86 -27.60
C HIS D 326 27.01 -13.56 -26.43
N VAL D 327 25.79 -14.07 -26.60
CA VAL D 327 24.92 -14.38 -25.47
C VAL D 327 25.27 -15.72 -24.79
N LEU D 328 25.01 -16.82 -25.49
CA LEU D 328 25.18 -18.15 -24.92
C LEU D 328 26.17 -18.95 -25.76
N ARG D 329 27.41 -18.45 -25.86
CA ARG D 329 28.39 -19.06 -26.75
C ARG D 329 28.65 -20.53 -26.44
N GLY D 330 28.46 -20.92 -25.18
CA GLY D 330 28.71 -22.28 -24.76
C GLY D 330 27.59 -23.25 -24.94
N LEU D 331 26.43 -22.78 -25.44
CA LEU D 331 25.35 -23.69 -25.75
C LEU D 331 25.74 -24.65 -26.87
N LYS D 332 25.26 -25.86 -26.79
CA LYS D 332 25.47 -26.79 -27.89
C LYS D 332 24.63 -26.26 -29.05
N PRO D 333 24.98 -26.63 -30.28
CA PRO D 333 24.29 -26.04 -31.46
C PRO D 333 22.80 -26.37 -31.55
N GLU D 334 22.39 -27.60 -31.21
CA GLU D 334 20.97 -27.93 -31.23
C GLU D 334 20.20 -27.10 -30.19
N ALA D 335 20.80 -26.89 -29.01
CA ALA D 335 20.16 -26.08 -27.98
C ALA D 335 20.12 -24.61 -28.40
N ARG D 336 21.22 -24.12 -28.97
CA ARG D 336 21.28 -22.74 -29.45
C ARG D 336 20.23 -22.46 -30.52
N ARG D 337 20.05 -23.40 -31.47
CA ARG D 337 19.02 -23.28 -32.49
C ARG D 337 17.63 -23.17 -31.89
N LYS D 338 17.34 -23.96 -30.85
CA LYS D 338 16.05 -23.84 -30.17
C LYS D 338 15.85 -22.45 -29.59
N ILE D 339 16.87 -21.95 -28.88
CA ILE D 339 16.67 -20.71 -28.14
C ILE D 339 16.70 -19.50 -29.05
N PHE D 340 17.49 -19.52 -30.12
CA PHE D 340 17.55 -18.37 -31.01
C PHE D 340 16.50 -18.37 -32.12
N TYR D 341 15.81 -19.49 -32.38
CA TYR D 341 14.91 -19.58 -33.54
C TYR D 341 13.72 -20.51 -33.34
N GLU D 342 13.97 -21.81 -33.17
CA GLU D 342 12.91 -22.82 -33.25
C GLU D 342 11.82 -22.59 -32.21
N ASN D 343 12.20 -22.30 -30.95
CA ASN D 343 11.17 -22.19 -29.91
C ASN D 343 10.19 -21.07 -30.21
N ALA D 344 10.69 -19.94 -30.69
CA ALA D 344 9.82 -18.81 -31.00
C ALA D 344 9.07 -19.05 -32.30
N LYS D 345 9.74 -19.60 -33.32
CA LYS D 345 9.05 -19.94 -34.55
C LYS D 345 7.83 -20.78 -34.26
N GLN D 346 7.95 -21.71 -33.31
CA GLN D 346 6.83 -22.58 -32.99
C GLN D 346 5.79 -21.84 -32.14
N LEU D 347 6.22 -21.18 -31.07
CA LEU D 347 5.30 -20.47 -30.21
C LEU D 347 4.40 -19.51 -31.00
N TYR D 348 5.00 -18.76 -31.93
CA TYR D 348 4.29 -17.74 -32.67
C TYR D 348 3.79 -18.23 -34.04
N ARG D 349 4.02 -19.51 -34.36
CA ARG D 349 3.53 -20.12 -35.60
C ARG D 349 3.92 -19.30 -36.83
N LEU D 350 5.20 -19.03 -36.93
CA LEU D 350 5.69 -18.20 -38.01
C LEU D 350 6.12 -18.92 -39.29
N ASP D 351 5.93 -18.26 -40.43
CA ASP D 351 6.27 -18.78 -41.78
C ASP D 351 4.98 -19.16 -42.57
#